data_8WSP
#
_entry.id   8WSP
#
_cell.length_a   94.876
_cell.length_b   111.331
_cell.length_c   191.926
_cell.angle_alpha   90.000
_cell.angle_beta   90.000
_cell.angle_gamma   90.000
#
_symmetry.space_group_name_H-M   'P 21 21 21'
#
loop_
_entity.id
_entity.type
_entity.pdbx_description
1 polymer Gn
2 polymer Ab5-H
3 polymer Ab5-L
4 branched alpha-D-mannopyranose-(1-4)-2-acetamido-2-deoxy-beta-D-glucopyranose-(1-4)-2-acetamido-2-deoxy-beta-D-glucopyranose
5 branched 2-acetamido-2-deoxy-beta-D-glucopyranose-(1-4)-2-acetamido-2-deoxy-beta-D-glucopyranose
6 water water
#
loop_
_entity_poly.entity_id
_entity_poly.type
_entity_poly.pdbx_seq_one_letter_code
_entity_poly.pdbx_strand_id
1 'polypeptide(L)'
;DGIQDSGPIICAGPIHSNKSADIPHLLGYSEKICQIDRLIHVSSWLRNHSQFQGYVGQRGGRSQVSYYPAENSYSRWSGL
LSPCDADWLGMLVVKKAKGSDMIVPGPSYKGKVFFERPTFDGYVGWGCGSGKSRTESGELCSSDSGTSSGLLPSDRVLWI
GDVACQPMTPIPEETFLELKSFSQSEFPDICKIDGIVFNQCEGESLPQPFDVAWMDVGHSHKIIMREHKTKWVQESSSKD
FVCYKEGTGPCSESEEKTCKTSGSCRGDMQFCKVAGCEHGEEASEAKCRCSLVHKPGEVVVSYGGMRVRPKCYGFSRMMA
TLEVNHHHHHH
;
A,D
2 'polypeptide(L)'
;EVQLVESGGGLVKPGGSLRLSCAASGFTFSNAWMSWVRQAPGKGLEWVGRIKSKTDGGTTDYAAPVKGRFTISRDDSKNT
LYLQMNSLKTEDTAVYYCTTDFISAGPWYFDLWGRGTLVTVSSASTKGPSVFPLAPSSKSTSGGTAALGCLVKDYFPEPV
TVSWNSGALTSGVHTFPAVLQSSGLYSLSSVVTVPSSSLGTQTYICNVNHKPSNTKVDKRVEPKSCDK
;
B,E
3 'polypeptide(L)'
;SSELTQDPAVSVALGQTVRITCQGDSLRSYYASWYQQKPGQAPVLVIYGKNNRPSGIPDRFSGSSSGNTASLTITGAQAE
DEADYYCNSRDSSGNHVVFGGGTKLTVLGQPKAAPSVTLFPPSSEELQANKATLVCLISDFYPGAVTVAWKADSSPVKAG
VETTTPSKQSNNKYAASSYLSLTPEQWKSHRSYSCQVTHEGSTVEKTVAPTECS
;
C,F
#
# COMPACT_ATOMS: atom_id res chain seq x y z
N ASP A 1 -6.42 21.25 -26.13
CA ASP A 1 -5.84 20.77 -27.40
C ASP A 1 -4.85 19.66 -27.10
N GLY A 2 -3.60 20.01 -26.78
CA GLY A 2 -2.52 19.04 -26.62
C GLY A 2 -2.67 18.07 -25.46
N ILE A 3 -3.50 18.39 -24.48
CA ILE A 3 -3.63 17.56 -23.29
C ILE A 3 -4.47 16.32 -23.58
N GLN A 4 -3.97 15.16 -23.15
CA GLN A 4 -4.68 13.91 -23.32
C GLN A 4 -6.02 13.95 -22.60
N ASP A 5 -7.05 13.38 -23.25
CA ASP A 5 -8.44 13.50 -22.84
C ASP A 5 -9.04 12.12 -22.58
N SER A 6 -9.62 11.94 -21.39
CA SER A 6 -10.35 10.71 -21.05
C SER A 6 -11.85 10.98 -21.11
N GLY A 7 -12.41 11.03 -22.32
CA GLY A 7 -13.82 11.28 -22.44
C GLY A 7 -14.26 11.64 -23.83
N PRO A 8 -15.54 12.00 -23.99
CA PRO A 8 -16.04 12.34 -25.33
C PRO A 8 -15.52 13.68 -25.81
N ILE A 9 -15.49 13.83 -27.12
CA ILE A 9 -15.21 15.13 -27.72
C ILE A 9 -16.25 16.14 -27.25
N ILE A 10 -17.52 15.78 -27.32
CA ILE A 10 -18.55 16.75 -27.00
C ILE A 10 -19.74 16.17 -26.23
N CYS A 11 -20.12 14.93 -26.54
CA CYS A 11 -21.39 14.35 -26.12
C CYS A 11 -21.19 13.12 -25.24
N ALA A 12 -21.89 13.08 -24.10
CA ALA A 12 -21.87 11.90 -23.24
C ALA A 12 -22.57 10.73 -23.93
N GLY A 13 -22.09 9.51 -23.62
CA GLY A 13 -22.48 8.28 -24.28
C GLY A 13 -23.96 8.13 -24.34
N PRO A 14 -24.47 7.50 -25.39
CA PRO A 14 -25.92 7.49 -25.61
C PRO A 14 -26.63 6.62 -24.58
N ILE A 15 -27.80 7.08 -24.14
CA ILE A 15 -28.74 6.19 -23.48
C ILE A 15 -29.93 6.04 -24.40
N HIS A 16 -29.85 5.10 -25.34
CA HIS A 16 -30.96 4.86 -26.23
C HIS A 16 -32.11 4.18 -25.50
N SER A 17 -33.32 4.35 -26.03
CA SER A 17 -34.48 3.60 -25.55
C SER A 17 -35.11 2.73 -26.61
N ASN A 18 -35.12 3.18 -27.86
CA ASN A 18 -35.84 2.53 -28.95
C ASN A 18 -34.82 1.99 -29.94
N LYS A 19 -34.74 0.67 -30.05
CA LYS A 19 -33.83 0.06 -31.02
C LYS A 19 -34.24 0.41 -32.45
N SER A 20 -35.50 0.82 -32.64
CA SER A 20 -36.04 1.12 -33.94
C SER A 20 -36.00 2.60 -34.28
N ALA A 21 -35.39 3.41 -33.42
CA ALA A 21 -35.27 4.84 -33.65
C ALA A 21 -34.52 5.13 -34.95
N ASP A 22 -34.89 6.24 -35.59
CA ASP A 22 -34.24 6.67 -36.81
C ASP A 22 -32.86 7.25 -36.52
N ILE A 23 -31.95 7.07 -37.47
CA ILE A 23 -30.65 7.72 -37.42
C ILE A 23 -30.74 8.94 -38.33
N PRO A 24 -30.95 10.14 -37.79
CA PRO A 24 -31.13 11.31 -38.64
C PRO A 24 -29.83 11.70 -39.34
N HIS A 25 -29.96 12.18 -40.58
CA HIS A 25 -28.81 12.84 -41.17
C HIS A 25 -28.68 14.25 -40.61
N LEU A 26 -27.50 14.56 -40.09
CA LEU A 26 -27.20 15.86 -39.50
C LEU A 26 -26.15 16.57 -40.33
N LEU A 27 -26.38 17.83 -40.66
CA LEU A 27 -25.45 18.55 -41.53
C LEU A 27 -24.32 19.23 -40.77
N GLY A 28 -24.53 19.62 -39.52
CA GLY A 28 -23.51 20.38 -38.81
C GLY A 28 -22.31 19.53 -38.42
N TYR A 29 -21.15 20.20 -38.36
CA TYR A 29 -19.91 19.55 -37.97
C TYR A 29 -20.00 19.01 -36.55
N SER A 30 -20.37 19.87 -35.60
CA SER A 30 -20.48 19.42 -34.22
C SER A 30 -21.59 18.38 -34.05
N GLU A 31 -22.68 18.50 -34.81
CA GLU A 31 -23.71 17.47 -34.77
C GLU A 31 -23.13 16.12 -35.16
N LYS A 32 -22.29 16.09 -36.20
CA LYS A 32 -21.66 14.85 -36.65
C LYS A 32 -20.71 14.32 -35.59
N ILE A 33 -19.95 15.21 -34.97
CA ILE A 33 -18.99 14.82 -33.93
C ILE A 33 -19.72 14.23 -32.72
N CYS A 34 -20.88 14.79 -32.39
CA CYS A 34 -21.72 14.22 -31.33
C CYS A 34 -22.12 12.80 -31.68
N GLN A 35 -22.53 12.55 -32.93
CA GLN A 35 -22.85 11.20 -33.35
C GLN A 35 -21.63 10.29 -33.28
N ILE A 36 -20.47 10.81 -33.66
CA ILE A 36 -19.24 10.05 -33.55
C ILE A 36 -19.00 9.64 -32.09
N ASP A 37 -19.16 10.59 -31.16
CA ASP A 37 -19.04 10.27 -29.74
C ASP A 37 -19.95 9.11 -29.34
N ARG A 38 -21.16 9.07 -29.87
CA ARG A 38 -22.15 8.12 -29.44
C ARG A 38 -22.14 6.83 -30.26
N LEU A 39 -21.16 6.67 -31.17
CA LEU A 39 -21.06 5.49 -32.02
C LEU A 39 -22.31 5.31 -32.88
N ILE A 40 -23.01 6.40 -33.19
CA ILE A 40 -24.14 6.33 -34.09
C ILE A 40 -23.69 6.03 -35.52
N HIS A 41 -22.44 6.40 -35.86
CA HIS A 41 -21.93 6.09 -37.20
C HIS A 41 -21.70 4.59 -37.38
N VAL A 42 -21.12 3.93 -36.37
CA VAL A 42 -20.95 2.48 -36.46
C VAL A 42 -22.30 1.78 -36.45
N SER A 43 -23.28 2.31 -35.70
CA SER A 43 -24.63 1.72 -35.72
C SER A 43 -25.25 1.82 -37.10
N SER A 44 -25.10 2.99 -37.73
CA SER A 44 -25.62 3.23 -39.07
C SER A 44 -24.97 2.28 -40.09
N TRP A 45 -23.63 2.18 -40.02
CA TRP A 45 -22.89 1.24 -40.86
C TRP A 45 -23.45 -0.18 -40.71
N LEU A 46 -23.72 -0.62 -39.47
CA LEU A 46 -24.19 -1.99 -39.27
C LEU A 46 -25.61 -2.18 -39.79
N ARG A 47 -26.49 -1.18 -39.63
CA ARG A 47 -27.83 -1.29 -40.20
C ARG A 47 -27.80 -1.39 -41.72
N ASN A 48 -26.93 -0.61 -42.38
CA ASN A 48 -26.87 -0.56 -43.84
C ASN A 48 -26.29 -1.83 -44.44
N HIS A 49 -25.27 -2.42 -43.77
CA HIS A 49 -24.45 -3.45 -44.39
C HIS A 49 -24.68 -4.84 -43.84
N SER A 50 -25.24 -5.00 -42.64
CA SER A 50 -25.38 -6.32 -42.04
C SER A 50 -26.81 -6.62 -41.63
N GLN A 51 -27.79 -5.80 -42.02
CA GLN A 51 -29.17 -5.96 -41.59
C GLN A 51 -29.23 -6.15 -40.08
N PHE A 52 -28.44 -5.31 -39.38
CA PHE A 52 -28.48 -5.16 -37.93
C PHE A 52 -29.58 -4.16 -37.54
N GLN A 53 -30.28 -4.45 -36.44
CA GLN A 53 -31.31 -3.56 -35.91
C GLN A 53 -30.85 -3.02 -34.56
N GLY A 54 -30.84 -1.70 -34.43
CA GLY A 54 -30.56 -1.09 -33.15
C GLY A 54 -29.26 -0.32 -33.15
N TYR A 55 -28.45 -0.47 -32.11
CA TYR A 55 -27.27 0.35 -31.90
C TYR A 55 -26.16 -0.48 -31.26
N VAL A 56 -24.92 -0.03 -31.47
CA VAL A 56 -23.79 -0.40 -30.64
C VAL A 56 -23.31 0.87 -29.96
N GLY A 57 -22.69 0.72 -28.79
CA GLY A 57 -22.24 1.88 -28.02
C GLY A 57 -23.22 2.33 -26.96
N GLN A 58 -24.25 1.54 -26.67
CA GLN A 58 -25.18 1.88 -25.62
C GLN A 58 -24.44 2.13 -24.30
N ARG A 59 -24.68 3.29 -23.72
CA ARG A 59 -24.15 3.81 -22.46
C ARG A 59 -22.67 4.15 -22.50
N GLY A 60 -21.90 3.46 -23.31
CA GLY A 60 -20.46 3.64 -23.31
C GLY A 60 -19.97 4.65 -24.33
N GLY A 61 -20.54 4.61 -25.54
CA GLY A 61 -20.08 5.54 -26.54
C GLY A 61 -18.70 5.19 -27.06
N ARG A 62 -18.13 6.14 -27.82
CA ARG A 62 -16.89 5.89 -28.56
C ARG A 62 -15.70 5.63 -27.64
N SER A 63 -15.66 6.21 -26.46
CA SER A 63 -14.46 6.02 -25.64
C SER A 63 -14.42 4.68 -24.90
N GLN A 64 -15.36 3.77 -25.15
CA GLN A 64 -15.34 2.41 -24.59
C GLN A 64 -15.23 1.35 -25.68
N VAL A 65 -14.94 1.77 -26.91
CA VAL A 65 -14.55 0.85 -27.98
C VAL A 65 -13.28 0.05 -27.61
N SER A 66 -13.18 -1.18 -28.12
CA SER A 66 -12.02 -2.05 -27.96
C SER A 66 -10.99 -1.80 -29.06
N TYR A 67 -9.72 -1.87 -28.70
CA TYR A 67 -8.67 -1.74 -29.69
C TYR A 67 -7.79 -2.98 -29.67
N TYR A 68 -7.25 -3.32 -30.84
CA TYR A 68 -6.18 -4.30 -30.92
C TYR A 68 -4.97 -3.65 -31.59
N PRO A 69 -3.81 -3.62 -30.93
CA PRO A 69 -3.56 -4.07 -29.54
C PRO A 69 -4.22 -3.16 -28.50
N ALA A 70 -4.43 -3.66 -27.27
CA ALA A 70 -5.02 -2.83 -26.21
C ALA A 70 -4.16 -1.62 -25.89
N GLU A 71 -2.84 -1.75 -25.96
CA GLU A 71 -1.93 -0.61 -25.79
C GLU A 71 -2.00 0.28 -27.02
N ASN A 72 -2.67 1.43 -26.89
CA ASN A 72 -3.06 2.24 -28.05
C ASN A 72 -2.82 3.72 -27.74
N SER A 73 -2.03 4.38 -28.57
CA SER A 73 -1.61 5.74 -28.27
C SER A 73 -2.69 6.77 -28.59
N TYR A 74 -3.25 6.72 -29.81
CA TYR A 74 -4.08 7.80 -30.33
C TYR A 74 -5.45 7.86 -29.69
N SER A 75 -5.90 6.77 -29.06
CA SER A 75 -7.15 6.84 -28.33
C SER A 75 -7.05 7.70 -27.08
N ARG A 76 -5.85 8.05 -26.61
CA ARG A 76 -5.73 8.89 -25.44
C ARG A 76 -6.11 10.34 -25.73
N TRP A 77 -6.25 10.72 -27.00
CA TRP A 77 -6.75 12.02 -27.40
C TRP A 77 -8.09 11.82 -28.09
N SER A 78 -9.17 12.28 -27.46
CA SER A 78 -10.50 12.01 -28.00
C SER A 78 -10.69 12.62 -29.38
N GLY A 79 -10.01 13.74 -29.67
CA GLY A 79 -10.20 14.43 -30.94
C GLY A 79 -9.53 13.81 -32.14
N LEU A 80 -8.62 12.85 -31.96
CA LEU A 80 -8.03 12.17 -33.09
C LEU A 80 -9.06 11.20 -33.70
N LEU A 81 -9.22 11.25 -35.02
CA LEU A 81 -10.25 10.44 -35.70
C LEU A 81 -9.74 9.05 -36.07
N SER A 82 -10.58 8.05 -35.81
CA SER A 82 -10.41 6.68 -36.29
C SER A 82 -10.96 6.57 -37.71
N PRO A 83 -10.63 5.46 -38.42
CA PRO A 83 -11.21 5.27 -39.76
C PRO A 83 -12.73 5.34 -39.80
N CYS A 84 -13.44 4.73 -38.85
CA CYS A 84 -14.90 4.84 -38.85
C CYS A 84 -15.35 6.29 -38.67
N ASP A 85 -14.68 7.02 -37.77
CA ASP A 85 -14.95 8.45 -37.61
C ASP A 85 -14.76 9.18 -38.93
N ALA A 86 -13.59 8.99 -39.58
CA ALA A 86 -13.30 9.68 -40.84
C ALA A 86 -14.34 9.31 -41.90
N ASP A 87 -14.80 8.06 -41.89
CA ASP A 87 -15.86 7.66 -42.80
C ASP A 87 -17.13 8.49 -42.59
N TRP A 88 -17.56 8.64 -41.33
CA TRP A 88 -18.75 9.46 -41.05
C TRP A 88 -18.58 10.88 -41.56
N LEU A 89 -17.37 11.42 -41.45
CA LEU A 89 -17.13 12.79 -41.90
C LEU A 89 -16.88 12.88 -43.42
N GLY A 90 -17.03 11.76 -44.14
CA GLY A 90 -16.91 11.78 -45.57
C GLY A 90 -15.50 11.83 -46.10
N MET A 91 -14.49 11.58 -45.27
CA MET A 91 -13.10 11.64 -45.71
C MET A 91 -12.58 10.34 -46.34
N LEU A 92 -13.30 9.23 -46.16
CA LEU A 92 -12.88 7.92 -46.65
C LEU A 92 -14.08 7.00 -46.47
N VAL A 93 -13.97 5.79 -47.00
CA VAL A 93 -15.02 4.80 -46.95
C VAL A 93 -14.50 3.58 -46.23
N VAL A 94 -15.20 3.15 -45.18
CA VAL A 94 -14.96 1.83 -44.60
C VAL A 94 -15.89 0.88 -45.33
N LYS A 95 -15.32 0.00 -46.14
CA LYS A 95 -16.09 -0.84 -47.04
C LYS A 95 -16.56 -2.10 -46.33
N LYS A 96 -17.60 -2.70 -46.88
CA LYS A 96 -18.09 -3.98 -46.38
C LYS A 96 -17.14 -5.09 -46.80
N ALA A 97 -16.79 -5.96 -45.86
CA ALA A 97 -15.88 -7.05 -46.17
C ALA A 97 -16.45 -7.95 -47.26
N LYS A 98 -15.59 -8.37 -48.16
CA LYS A 98 -15.82 -9.52 -49.03
C LYS A 98 -15.09 -10.71 -48.43
N GLY A 99 -15.48 -11.90 -48.87
CA GLY A 99 -14.85 -13.11 -48.36
C GLY A 99 -13.35 -13.16 -48.59
N SER A 100 -12.87 -12.48 -49.64
CA SER A 100 -11.45 -12.46 -49.96
C SER A 100 -10.65 -11.50 -49.07
N ASP A 101 -11.32 -10.62 -48.33
CA ASP A 101 -10.63 -9.73 -47.39
C ASP A 101 -10.15 -10.57 -46.22
N MET A 102 -8.85 -10.55 -45.97
CA MET A 102 -8.26 -11.45 -44.99
C MET A 102 -8.45 -10.92 -43.57
N ILE A 103 -8.93 -11.76 -42.69
CA ILE A 103 -9.09 -11.42 -41.28
C ILE A 103 -7.77 -11.72 -40.57
N VAL A 104 -7.14 -10.70 -39.97
CA VAL A 104 -5.81 -10.88 -39.35
C VAL A 104 -5.94 -11.64 -38.04
N PRO A 105 -5.02 -12.56 -37.74
CA PRO A 105 -4.97 -13.14 -36.40
C PRO A 105 -4.45 -12.16 -35.36
N GLY A 106 -4.85 -12.39 -34.11
CA GLY A 106 -4.40 -11.61 -32.99
C GLY A 106 -5.50 -10.96 -32.19
N PRO A 107 -6.41 -10.23 -32.83
CA PRO A 107 -7.53 -9.64 -32.08
C PRO A 107 -8.33 -10.73 -31.41
N SER A 108 -8.93 -10.38 -30.29
CA SER A 108 -9.90 -11.26 -29.67
C SER A 108 -11.25 -10.94 -30.30
N TYR A 109 -11.70 -11.79 -31.25
CA TYR A 109 -12.86 -11.52 -32.06
C TYR A 109 -14.16 -12.02 -31.44
N LYS A 110 -14.12 -12.99 -30.53
CA LYS A 110 -15.34 -13.62 -30.02
C LYS A 110 -16.29 -12.57 -29.45
N GLY A 111 -17.51 -12.55 -29.98
CA GLY A 111 -18.56 -11.68 -29.49
C GLY A 111 -18.67 -10.33 -30.15
N LYS A 112 -17.72 -9.96 -31.00
CA LYS A 112 -17.83 -8.63 -31.59
C LYS A 112 -18.95 -8.62 -32.63
N VAL A 113 -19.59 -7.46 -32.75
CA VAL A 113 -20.67 -7.25 -33.71
C VAL A 113 -20.09 -6.47 -34.89
N PHE A 114 -19.05 -5.68 -34.64
CA PHE A 114 -18.37 -4.94 -35.69
C PHE A 114 -16.87 -4.92 -35.42
N PHE A 115 -16.08 -5.11 -36.48
CA PHE A 115 -14.68 -4.73 -36.40
C PHE A 115 -14.21 -4.19 -37.75
N GLU A 116 -13.17 -3.34 -37.69
CA GLU A 116 -12.57 -2.84 -38.93
C GLU A 116 -11.05 -2.84 -38.79
N ARG A 117 -10.38 -2.91 -39.93
CA ARG A 117 -8.95 -2.73 -39.94
C ARG A 117 -8.57 -1.96 -41.19
N PRO A 118 -7.55 -1.11 -41.10
CA PRO A 118 -6.92 -0.60 -42.33
C PRO A 118 -6.40 -1.77 -43.15
N THR A 119 -6.50 -1.62 -44.47
CA THR A 119 -5.91 -2.58 -45.38
C THR A 119 -4.94 -1.83 -46.27
N PHE A 120 -4.17 -2.60 -47.05
CA PHE A 120 -3.17 -1.98 -47.90
C PHE A 120 -3.80 -1.00 -48.87
N ASP A 121 -5.03 -1.27 -49.34
CA ASP A 121 -5.66 -0.38 -50.33
C ASP A 121 -6.94 0.25 -49.81
N GLY A 122 -7.19 0.26 -48.50
CA GLY A 122 -8.41 0.89 -48.01
C GLY A 122 -8.71 0.58 -46.55
N TYR A 123 -10.00 0.51 -46.24
CA TYR A 123 -10.44 0.22 -44.88
C TYR A 123 -11.66 -0.68 -44.98
N VAL A 124 -11.64 -1.79 -44.27
CA VAL A 124 -12.69 -2.80 -44.40
C VAL A 124 -13.34 -3.01 -43.04
N GLY A 125 -14.66 -3.08 -43.04
CA GLY A 125 -15.43 -3.36 -41.83
C GLY A 125 -16.18 -4.67 -41.95
N TRP A 126 -16.28 -5.39 -40.84
CA TRP A 126 -16.99 -6.65 -40.75
C TRP A 126 -18.13 -6.50 -39.77
N GLY A 127 -19.35 -6.84 -40.18
CA GLY A 127 -20.52 -6.70 -39.35
C GLY A 127 -21.25 -8.02 -39.13
N CYS A 128 -22.23 -7.98 -38.21
CA CYS A 128 -23.10 -9.12 -37.90
C CYS A 128 -24.54 -8.63 -37.84
N GLY A 129 -25.47 -9.52 -38.22
CA GLY A 129 -26.88 -9.20 -38.14
C GLY A 129 -27.40 -9.25 -36.71
N SER A 130 -28.69 -8.95 -36.57
CA SER A 130 -29.35 -8.98 -35.27
C SER A 130 -29.25 -10.35 -34.62
N GLY A 131 -29.03 -10.37 -33.30
CA GLY A 131 -28.92 -11.60 -32.55
C GLY A 131 -27.68 -12.42 -32.84
N LYS A 132 -26.68 -11.86 -33.50
CA LYS A 132 -25.47 -12.62 -33.82
C LYS A 132 -24.20 -11.87 -33.37
N SER A 133 -23.11 -12.61 -33.30
CA SER A 133 -21.80 -12.05 -33.04
C SER A 133 -20.73 -12.96 -33.63
N ARG A 134 -19.51 -12.47 -33.66
CA ARG A 134 -18.44 -13.18 -34.33
C ARG A 134 -17.94 -14.36 -33.50
N THR A 135 -17.60 -15.45 -34.20
CA THR A 135 -16.92 -16.58 -33.59
C THR A 135 -15.49 -16.22 -33.21
N GLU A 136 -14.83 -17.12 -32.47
CA GLU A 136 -13.46 -16.85 -32.02
C GLU A 136 -12.53 -16.51 -33.18
N SER A 137 -12.65 -17.24 -34.30
CA SER A 137 -11.81 -16.97 -35.46
C SER A 137 -12.22 -15.70 -36.21
N GLY A 138 -13.36 -15.10 -35.88
CA GLY A 138 -13.84 -13.96 -36.61
C GLY A 138 -14.45 -14.25 -37.96
N GLU A 139 -14.50 -15.52 -38.37
CA GLU A 139 -14.86 -15.84 -39.75
C GLU A 139 -16.37 -15.84 -39.99
N LEU A 140 -17.17 -16.18 -38.97
CA LEU A 140 -18.63 -16.30 -39.07
C LEU A 140 -19.33 -15.52 -37.96
N CYS A 141 -20.61 -15.23 -38.18
CA CYS A 141 -21.49 -14.68 -37.16
C CYS A 141 -22.40 -15.78 -36.66
N SER A 142 -22.28 -16.14 -35.38
CA SER A 142 -23.14 -17.15 -34.78
C SER A 142 -24.13 -16.50 -33.82
N SER A 143 -25.18 -17.25 -33.51
CA SER A 143 -26.28 -16.79 -32.69
C SER A 143 -25.80 -16.50 -31.26
N ASP A 144 -26.26 -15.37 -30.70
CA ASP A 144 -25.76 -14.83 -29.43
C ASP A 144 -26.92 -14.21 -28.66
N SER A 145 -27.28 -14.82 -27.51
CA SER A 145 -28.41 -14.34 -26.72
C SER A 145 -28.14 -12.96 -26.10
N GLY A 146 -26.87 -12.66 -25.81
CA GLY A 146 -26.52 -11.41 -25.15
C GLY A 146 -26.76 -10.16 -25.99
N THR A 147 -27.07 -10.31 -27.28
CA THR A 147 -27.31 -9.17 -28.15
C THR A 147 -28.78 -8.85 -28.35
N SER A 148 -29.67 -9.57 -27.65
CA SER A 148 -31.12 -9.51 -27.93
C SER A 148 -31.69 -8.10 -27.87
N SER A 149 -31.23 -7.28 -26.92
CA SER A 149 -31.82 -5.95 -26.78
C SER A 149 -31.61 -5.07 -28.02
N GLY A 150 -30.58 -5.34 -28.84
CA GLY A 150 -30.22 -4.40 -29.89
C GLY A 150 -29.73 -3.04 -29.39
N LEU A 151 -29.38 -2.92 -28.10
CA LEU A 151 -28.73 -1.73 -27.55
C LEU A 151 -27.48 -2.24 -26.86
N LEU A 152 -26.35 -2.39 -27.67
CA LEU A 152 -25.19 -3.17 -27.28
C LEU A 152 -24.08 -2.28 -26.73
N PRO A 153 -23.31 -2.78 -25.79
CA PRO A 153 -22.19 -1.99 -25.23
C PRO A 153 -21.09 -1.77 -26.27
N SER A 154 -20.27 -0.75 -25.99
CA SER A 154 -19.18 -0.38 -26.88
C SER A 154 -18.16 -1.52 -27.08
N ASP A 155 -18.04 -2.41 -26.09
CA ASP A 155 -17.09 -3.51 -26.21
C ASP A 155 -17.41 -4.43 -27.37
N ARG A 156 -18.64 -4.37 -27.90
CA ARG A 156 -18.99 -5.15 -29.09
C ARG A 156 -18.37 -4.57 -30.35
N VAL A 157 -17.67 -3.43 -30.27
CA VAL A 157 -17.02 -2.79 -31.40
C VAL A 157 -15.52 -2.92 -31.22
N LEU A 158 -14.82 -3.36 -32.27
CA LEU A 158 -13.37 -3.52 -32.23
C LEU A 158 -12.72 -2.73 -33.36
N TRP A 159 -11.76 -1.88 -33.03
CA TRP A 159 -11.01 -1.10 -34.00
C TRP A 159 -9.57 -1.60 -33.96
N ILE A 160 -9.03 -2.02 -35.10
CA ILE A 160 -7.73 -2.68 -35.15
C ILE A 160 -6.66 -1.67 -35.54
N GLY A 161 -5.66 -1.53 -34.69
CA GLY A 161 -4.56 -0.67 -35.04
C GLY A 161 -4.65 0.69 -34.36
N ASP A 162 -3.49 1.36 -34.32
CA ASP A 162 -3.31 2.70 -33.77
C ASP A 162 -3.34 3.65 -34.95
N VAL A 163 -4.46 4.35 -35.14
CA VAL A 163 -4.72 5.05 -36.39
C VAL A 163 -5.24 6.46 -36.10
N ALA A 164 -4.73 7.45 -36.82
CA ALA A 164 -5.22 8.82 -36.80
C ALA A 164 -5.49 9.29 -38.22
N CYS A 165 -6.66 9.89 -38.44
CA CYS A 165 -7.06 10.36 -39.75
C CYS A 165 -7.41 11.84 -39.66
N GLN A 166 -7.21 12.55 -40.76
CA GLN A 166 -7.17 14.00 -40.74
C GLN A 166 -7.32 14.52 -42.16
N PRO A 167 -7.69 15.79 -42.33
CA PRO A 167 -7.65 16.41 -43.66
C PRO A 167 -6.22 16.39 -44.18
N MET A 168 -6.07 15.95 -45.42
CA MET A 168 -4.74 15.78 -45.99
C MET A 168 -4.45 16.93 -46.94
N THR A 169 -3.15 17.09 -47.26
CA THR A 169 -2.75 17.89 -48.41
C THR A 169 -2.54 16.95 -49.59
N PRO A 170 -3.41 16.93 -50.59
CA PRO A 170 -3.25 16.00 -51.73
C PRO A 170 -1.91 16.20 -52.43
N ILE A 171 -1.34 15.09 -52.90
CA ILE A 171 -0.04 15.09 -53.59
C ILE A 171 -0.21 14.66 -55.05
N PRO A 172 0.68 15.06 -55.95
CA PRO A 172 0.61 14.57 -57.34
C PRO A 172 0.91 13.08 -57.44
N GLU A 173 0.44 12.50 -58.55
CA GLU A 173 0.73 11.10 -58.84
C GLU A 173 2.23 10.82 -58.82
N GLU A 174 3.04 11.74 -59.35
CA GLU A 174 4.48 11.49 -59.40
C GLU A 174 5.09 11.44 -58.01
N THR A 175 4.58 12.22 -57.05
CA THR A 175 5.05 12.11 -55.68
C THR A 175 4.69 10.74 -55.07
N PHE A 176 3.47 10.26 -55.33
CA PHE A 176 3.08 8.95 -54.82
C PHE A 176 3.99 7.85 -55.35
N LEU A 177 4.34 7.90 -56.65
CA LEU A 177 5.17 6.85 -57.24
C LEU A 177 6.56 6.84 -56.62
N GLU A 178 7.13 8.00 -56.31
CA GLU A 178 8.43 8.04 -55.66
C GLU A 178 8.35 7.51 -54.23
N LEU A 179 7.28 7.85 -53.49
CA LEU A 179 7.09 7.30 -52.16
C LEU A 179 6.95 5.78 -52.24
N LYS A 180 6.15 5.29 -53.20
CA LYS A 180 5.95 3.85 -53.36
C LYS A 180 7.27 3.14 -53.61
N SER A 181 8.13 3.72 -54.48
CA SER A 181 9.43 3.12 -54.77
C SER A 181 10.31 3.04 -53.53
N PHE A 182 10.37 4.11 -52.74
CA PHE A 182 11.16 4.03 -51.52
C PHE A 182 10.59 2.98 -50.59
N SER A 183 9.26 2.86 -50.55
CA SER A 183 8.64 1.83 -49.72
C SER A 183 9.07 0.44 -50.19
N GLN A 184 9.08 0.22 -51.51
CA GLN A 184 9.50 -1.05 -52.07
C GLN A 184 10.95 -1.38 -51.73
N SER A 185 11.81 -0.35 -51.69
CA SER A 185 13.21 -0.56 -51.35
C SER A 185 13.40 -0.91 -49.89
N GLU A 186 12.47 -0.50 -49.01
CA GLU A 186 12.60 -0.84 -47.61
C GLU A 186 12.04 -2.21 -47.27
N PHE A 187 11.14 -2.73 -48.10
CA PHE A 187 10.54 -4.04 -47.86
C PHE A 187 10.70 -4.87 -49.12
N PRO A 188 11.94 -5.11 -49.55
CA PRO A 188 12.17 -5.70 -50.89
C PRO A 188 11.75 -7.15 -51.00
N ASP A 189 11.62 -7.87 -49.89
CA ASP A 189 11.23 -9.27 -49.92
C ASP A 189 9.72 -9.48 -49.86
N ILE A 190 8.93 -8.41 -49.83
CA ILE A 190 7.47 -8.51 -49.69
C ILE A 190 6.84 -8.51 -51.07
N CYS A 191 5.91 -9.45 -51.30
CA CYS A 191 5.27 -9.61 -52.60
C CYS A 191 3.89 -8.96 -52.66
N LYS A 192 2.97 -9.40 -51.81
CA LYS A 192 1.62 -8.86 -51.79
C LYS A 192 1.26 -8.46 -50.37
N ILE A 193 0.52 -7.37 -50.23
CA ILE A 193 -0.05 -6.99 -48.96
C ILE A 193 -1.55 -6.96 -49.16
N ASP A 194 -2.26 -7.74 -48.34
CA ASP A 194 -3.71 -7.83 -48.39
C ASP A 194 -4.20 -8.13 -49.81
N GLY A 195 -3.49 -9.03 -50.49
CA GLY A 195 -3.84 -9.47 -51.83
C GLY A 195 -3.49 -8.51 -52.95
N ILE A 196 -2.83 -7.38 -52.65
CA ILE A 196 -2.47 -6.36 -53.63
C ILE A 196 -1.00 -6.51 -54.00
N VAL A 197 -0.68 -6.44 -55.30
CA VAL A 197 0.70 -6.55 -55.74
C VAL A 197 1.50 -5.39 -55.16
N PHE A 198 2.57 -5.72 -54.42
CA PHE A 198 3.52 -4.76 -53.89
C PHE A 198 4.85 -4.80 -54.63
N ASN A 199 5.46 -5.97 -54.73
CA ASN A 199 6.60 -6.20 -55.60
C ASN A 199 6.27 -7.33 -56.56
N GLN A 200 6.90 -7.31 -57.73
CA GLN A 200 6.77 -8.43 -58.65
C GLN A 200 7.57 -9.61 -58.14
N CYS A 201 6.94 -10.77 -58.09
CA CYS A 201 7.53 -12.00 -57.58
C CYS A 201 7.13 -13.14 -58.50
N GLU A 202 7.88 -14.24 -58.44
CA GLU A 202 7.38 -15.45 -59.08
C GLU A 202 6.81 -16.37 -58.01
N GLY A 203 7.66 -16.85 -57.11
CA GLY A 203 7.18 -17.57 -55.96
C GLY A 203 6.90 -16.63 -54.80
N GLU A 204 5.99 -17.06 -53.94
CA GLU A 204 5.71 -16.36 -52.70
C GLU A 204 5.07 -17.34 -51.73
N SER A 205 5.39 -17.17 -50.46
CA SER A 205 4.76 -17.90 -49.38
C SER A 205 3.28 -17.50 -49.26
N LEU A 206 2.58 -18.19 -48.35
CA LEU A 206 1.21 -17.80 -48.00
C LEU A 206 1.21 -16.54 -47.15
N PRO A 207 0.08 -15.81 -47.11
CA PRO A 207 0.03 -14.59 -46.28
C PRO A 207 0.20 -14.88 -44.79
N GLN A 208 1.00 -14.05 -44.13
CA GLN A 208 1.27 -14.10 -42.70
C GLN A 208 1.02 -12.73 -42.09
N PRO A 209 0.70 -12.67 -40.79
CA PRO A 209 0.46 -11.37 -40.15
C PRO A 209 1.67 -10.46 -40.24
N PHE A 210 1.42 -9.15 -40.38
CA PHE A 210 2.47 -8.20 -40.72
C PHE A 210 2.17 -6.86 -40.07
N ASP A 211 2.98 -6.47 -39.08
CA ASP A 211 2.79 -5.21 -38.34
C ASP A 211 3.70 -4.13 -38.91
N VAL A 212 3.11 -3.00 -39.30
CA VAL A 212 3.86 -2.01 -40.05
C VAL A 212 3.27 -0.62 -39.84
N ALA A 213 4.15 0.38 -39.88
CA ALA A 213 3.77 1.79 -39.96
C ALA A 213 3.43 2.12 -41.41
N TRP A 214 2.44 3.00 -41.57
CA TRP A 214 1.96 3.29 -42.91
C TRP A 214 1.31 4.65 -42.91
N MET A 215 1.14 5.20 -44.10
CA MET A 215 0.41 6.43 -44.29
C MET A 215 -0.45 6.30 -45.54
N ASP A 216 -1.59 6.98 -45.53
CA ASP A 216 -2.54 7.03 -46.63
C ASP A 216 -2.47 8.43 -47.24
N VAL A 217 -1.95 8.54 -48.47
CA VAL A 217 -1.75 9.82 -49.14
C VAL A 217 -2.64 9.91 -50.37
N GLY A 218 -3.79 9.26 -50.34
CA GLY A 218 -4.60 9.14 -51.54
C GLY A 218 -4.08 8.07 -52.48
N HIS A 219 -4.49 8.16 -53.73
CA HIS A 219 -4.00 7.27 -54.78
C HIS A 219 -4.29 5.80 -54.46
N SER A 220 -3.62 4.87 -55.15
CA SER A 220 -4.14 3.51 -55.26
C SER A 220 -3.89 2.65 -54.01
N HIS A 221 -2.86 2.94 -53.22
CA HIS A 221 -2.66 2.14 -52.01
C HIS A 221 -1.82 2.92 -51.00
N LYS A 222 -1.71 2.34 -49.80
CA LYS A 222 -0.97 2.97 -48.71
C LYS A 222 0.54 2.92 -48.98
N ILE A 223 1.27 3.74 -48.21
CA ILE A 223 2.74 3.76 -48.20
C ILE A 223 3.18 3.18 -46.87
N ILE A 224 3.85 2.02 -46.89
CA ILE A 224 4.35 1.43 -45.65
C ILE A 224 5.78 1.92 -45.43
N MET A 225 6.17 2.06 -44.16
CA MET A 225 7.43 2.74 -43.86
C MET A 225 8.18 2.03 -42.73
N ARG A 226 9.52 1.95 -42.85
CA ARG A 226 10.32 1.64 -41.67
C ARG A 226 11.00 2.87 -41.08
N GLU A 227 11.98 3.47 -41.78
CA GLU A 227 12.62 4.69 -41.27
C GLU A 227 11.79 5.86 -41.76
N HIS A 228 11.28 6.65 -40.83
CA HIS A 228 10.48 7.82 -41.14
C HIS A 228 10.37 8.65 -39.87
N LYS A 229 10.11 9.93 -40.05
CA LYS A 229 9.93 10.81 -38.92
C LYS A 229 8.55 11.42 -38.99
N THR A 230 7.92 11.61 -37.84
CA THR A 230 6.63 12.26 -37.76
C THR A 230 6.74 13.50 -36.86
N LYS A 231 5.95 14.51 -37.17
CA LYS A 231 5.87 15.67 -36.32
C LYS A 231 4.43 16.17 -36.29
N TRP A 232 4.01 16.74 -35.16
CA TRP A 232 2.64 17.18 -34.96
C TRP A 232 2.59 18.72 -34.92
N VAL A 233 1.81 19.31 -35.82
CA VAL A 233 1.63 20.75 -35.88
C VAL A 233 0.22 21.06 -35.38
N GLN A 234 0.14 21.89 -34.35
CA GLN A 234 -1.13 22.35 -33.79
C GLN A 234 -1.70 23.48 -34.65
N GLU A 235 -3.02 23.44 -34.94
CA GLU A 235 -3.50 24.23 -36.08
C GLU A 235 -4.60 25.28 -35.82
N SER A 236 -5.56 25.07 -34.92
CA SER A 236 -6.57 26.12 -34.63
C SER A 236 -7.45 26.54 -35.82
N SER A 237 -7.67 25.70 -36.81
CA SER A 237 -8.64 26.05 -37.83
C SER A 237 -10.03 25.57 -37.42
N SER A 238 -11.02 25.72 -38.28
CA SER A 238 -12.38 25.58 -37.79
C SER A 238 -12.71 24.12 -37.42
N LYS A 239 -12.10 23.14 -38.09
CA LYS A 239 -12.27 21.74 -37.68
C LYS A 239 -11.70 21.47 -36.31
N ASP A 240 -10.85 22.36 -35.81
CA ASP A 240 -10.22 22.16 -34.52
C ASP A 240 -11.11 22.58 -33.35
N PHE A 241 -12.29 23.11 -33.62
CA PHE A 241 -13.22 23.57 -32.60
C PHE A 241 -14.55 22.87 -32.73
N VAL A 242 -15.17 22.58 -31.59
CA VAL A 242 -16.56 22.11 -31.55
C VAL A 242 -17.38 23.12 -30.75
N CYS A 243 -18.69 23.13 -31.01
CA CYS A 243 -19.60 24.12 -30.49
C CYS A 243 -20.78 23.44 -29.80
N TYR A 244 -21.03 23.82 -28.54
CA TYR A 244 -22.07 23.22 -27.71
C TYR A 244 -23.02 24.30 -27.20
N LYS A 245 -24.32 24.04 -27.35
CA LYS A 245 -25.41 24.84 -26.77
C LYS A 245 -25.77 24.15 -25.46
N GLU A 246 -25.14 24.58 -24.37
CA GLU A 246 -25.21 23.80 -23.13
C GLU A 246 -26.63 23.76 -22.56
N GLY A 247 -27.08 22.54 -22.25
CA GLY A 247 -28.47 22.27 -21.94
C GLY A 247 -29.08 21.42 -23.03
N THR A 248 -28.81 21.77 -24.29
CA THR A 248 -29.42 21.10 -25.42
C THR A 248 -28.52 20.07 -26.08
N GLY A 249 -27.24 20.36 -26.23
CA GLY A 249 -26.37 19.48 -26.97
C GLY A 249 -25.44 20.24 -27.91
N PRO A 250 -25.08 19.58 -29.01
CA PRO A 250 -24.24 20.27 -30.01
C PRO A 250 -25.01 21.38 -30.71
N CYS A 251 -24.29 22.43 -31.09
CA CYS A 251 -24.92 23.54 -31.81
C CYS A 251 -25.39 23.10 -33.19
N SER A 252 -26.43 23.77 -33.70
CA SER A 252 -26.93 23.43 -35.02
C SER A 252 -25.96 23.93 -36.10
N GLU A 253 -26.16 23.46 -37.34
CA GLU A 253 -25.25 23.84 -38.41
C GLU A 253 -25.21 25.35 -38.59
N SER A 254 -26.38 25.99 -38.62
CA SER A 254 -26.44 27.42 -38.86
C SER A 254 -25.88 28.20 -37.67
N GLU A 255 -26.11 27.73 -36.44
CA GLU A 255 -25.50 28.38 -35.29
C GLU A 255 -23.97 28.26 -35.32
N GLU A 256 -23.45 27.08 -35.69
CA GLU A 256 -22.01 26.89 -35.74
C GLU A 256 -21.35 27.73 -36.84
N LYS A 257 -22.02 27.83 -38.00
CA LYS A 257 -21.50 28.65 -39.08
C LYS A 257 -21.36 30.10 -38.63
N THR A 258 -22.35 30.60 -37.87
CA THR A 258 -22.29 31.96 -37.36
C THR A 258 -21.13 32.17 -36.39
N CYS A 259 -20.94 31.26 -35.43
CA CYS A 259 -19.87 31.42 -34.45
C CYS A 259 -18.51 31.44 -35.11
N LYS A 260 -18.31 30.57 -36.10
CA LYS A 260 -16.99 30.38 -36.71
C LYS A 260 -16.70 31.41 -37.80
N THR A 261 -17.69 32.14 -38.30
CA THR A 261 -17.49 33.12 -39.36
C THR A 261 -17.73 34.57 -38.93
N SER A 262 -18.42 34.81 -37.81
CA SER A 262 -18.86 36.16 -37.47
C SER A 262 -18.43 36.67 -36.09
N GLY A 263 -17.74 35.87 -35.29
CA GLY A 263 -17.17 36.37 -34.04
C GLY A 263 -18.16 36.84 -33.01
N SER A 264 -19.40 36.33 -33.02
CA SER A 264 -20.46 36.80 -32.13
C SER A 264 -20.86 35.78 -31.07
N CYS A 265 -20.04 34.77 -30.82
CA CYS A 265 -20.37 33.69 -29.89
C CYS A 265 -19.37 33.66 -28.73
N ARG A 266 -19.44 32.61 -27.94
CA ARG A 266 -18.54 32.41 -26.81
C ARG A 266 -17.57 31.29 -27.15
N GLY A 267 -16.49 31.22 -26.38
CA GLY A 267 -15.63 30.07 -26.53
C GLY A 267 -14.41 30.17 -25.64
N ASP A 268 -13.54 29.17 -25.78
CA ASP A 268 -12.33 29.12 -24.98
C ASP A 268 -11.39 30.21 -25.48
N MET A 269 -10.20 30.26 -24.87
CA MET A 269 -9.30 31.37 -25.14
C MET A 269 -8.84 31.37 -26.59
N GLN A 270 -8.51 30.19 -27.13
CA GLN A 270 -7.99 30.13 -28.49
C GLN A 270 -9.06 30.47 -29.52
N PHE A 271 -10.29 30.04 -29.29
CA PHE A 271 -11.36 30.35 -30.22
C PHE A 271 -11.65 31.83 -30.28
N CYS A 272 -11.50 32.54 -29.16
CA CYS A 272 -11.70 33.99 -29.20
C CYS A 272 -10.55 34.67 -29.91
N LYS A 273 -9.34 34.13 -29.82
CA LYS A 273 -8.20 34.74 -30.50
C LYS A 273 -8.34 34.65 -32.02
N VAL A 274 -8.83 33.52 -32.55
CA VAL A 274 -8.80 33.31 -34.00
C VAL A 274 -10.14 33.69 -34.62
N ALA A 275 -11.23 33.46 -33.91
CA ALA A 275 -12.56 33.67 -34.47
C ALA A 275 -13.31 34.87 -33.89
N GLY A 276 -13.01 35.29 -32.67
CA GLY A 276 -13.72 36.41 -32.03
C GLY A 276 -14.90 35.97 -31.19
N CYS A 277 -15.16 36.77 -30.14
CA CYS A 277 -16.17 36.44 -29.14
C CYS A 277 -16.96 37.68 -28.73
N GLU A 278 -18.02 37.43 -27.95
CA GLU A 278 -18.82 38.47 -27.30
C GLU A 278 -18.83 38.31 -25.79
N ALA A 286 -29.09 32.36 -23.14
CA ALA A 286 -27.73 31.87 -23.29
C ALA A 286 -27.24 32.00 -24.74
N LYS A 287 -26.11 31.37 -25.03
CA LYS A 287 -25.48 31.44 -26.35
C LYS A 287 -24.75 30.11 -26.63
N CYS A 288 -24.08 30.07 -27.77
CA CYS A 288 -23.34 28.90 -28.21
C CYS A 288 -21.86 29.14 -27.92
N ARG A 289 -21.16 28.10 -27.47
CA ARG A 289 -19.77 28.24 -27.08
C ARG A 289 -18.91 27.21 -27.82
N CYS A 290 -17.72 27.63 -28.30
CA CYS A 290 -16.86 26.76 -29.10
C CYS A 290 -15.47 26.66 -28.49
N SER A 291 -14.92 25.45 -28.45
CA SER A 291 -13.62 25.23 -27.82
C SER A 291 -12.80 24.20 -28.60
N LEU A 292 -11.51 24.16 -28.29
CA LEU A 292 -10.58 23.25 -28.96
C LEU A 292 -10.90 21.79 -28.63
N VAL A 293 -10.76 20.93 -29.64
CA VAL A 293 -10.79 19.48 -29.45
C VAL A 293 -9.41 19.06 -28.97
N HIS A 294 -9.30 17.85 -28.45
CA HIS A 294 -8.07 17.34 -27.87
C HIS A 294 -7.32 16.50 -28.90
N LYS A 295 -6.16 16.95 -29.33
CA LYS A 295 -5.27 16.14 -30.16
C LYS A 295 -3.88 16.75 -30.10
N PRO A 296 -2.84 15.99 -30.48
CA PRO A 296 -1.51 16.60 -30.60
C PRO A 296 -1.38 17.52 -31.80
N GLY A 297 -2.34 17.51 -32.73
CA GLY A 297 -2.32 18.37 -33.90
C GLY A 297 -2.57 17.61 -35.19
N GLU A 298 -1.99 18.09 -36.28
CA GLU A 298 -1.95 17.35 -37.53
C GLU A 298 -0.59 16.69 -37.69
N VAL A 299 -0.59 15.43 -38.14
CA VAL A 299 0.64 14.67 -38.30
C VAL A 299 1.20 14.96 -39.69
N VAL A 300 2.49 15.31 -39.71
CA VAL A 300 3.23 15.54 -40.95
C VAL A 300 4.36 14.52 -40.99
N VAL A 301 4.50 13.82 -42.12
CA VAL A 301 5.39 12.68 -42.21
C VAL A 301 6.54 12.98 -43.15
N SER A 302 7.76 12.72 -42.69
CA SER A 302 8.96 12.77 -43.51
C SER A 302 9.36 11.36 -43.91
N TYR A 303 9.48 11.11 -45.21
CA TYR A 303 9.78 9.77 -45.70
C TYR A 303 10.43 9.85 -47.06
N GLY A 304 11.60 9.21 -47.20
CA GLY A 304 12.23 9.10 -48.50
C GLY A 304 12.62 10.42 -49.12
N GLY A 305 12.98 11.42 -48.31
CA GLY A 305 13.31 12.73 -48.81
C GLY A 305 12.13 13.66 -49.01
N MET A 306 10.90 13.15 -48.95
CA MET A 306 9.74 14.00 -49.05
C MET A 306 9.10 14.21 -47.68
N ARG A 307 8.13 15.13 -47.66
CA ARG A 307 7.38 15.47 -46.46
C ARG A 307 5.96 15.74 -46.93
N VAL A 308 4.99 15.04 -46.32
CA VAL A 308 3.61 15.13 -46.77
C VAL A 308 2.72 15.17 -45.53
N ARG A 309 1.50 15.65 -45.75
CA ARG A 309 0.46 15.60 -44.73
C ARG A 309 -0.57 14.58 -45.19
N PRO A 310 -0.55 13.36 -44.64
CA PRO A 310 -1.40 12.28 -45.19
C PRO A 310 -2.82 12.38 -44.68
N LYS A 311 -3.67 11.56 -45.28
CA LYS A 311 -5.06 11.45 -44.82
C LYS A 311 -5.15 10.65 -43.52
N CYS A 312 -4.46 9.49 -43.45
CA CYS A 312 -4.39 8.69 -42.23
C CYS A 312 -2.96 8.24 -42.05
N TYR A 313 -2.54 8.08 -40.79
CA TYR A 313 -1.24 7.54 -40.43
C TYR A 313 -1.42 6.55 -39.29
N GLY A 314 -0.59 5.51 -39.25
CA GLY A 314 -0.74 4.62 -38.12
C GLY A 314 0.18 3.41 -38.14
N PHE A 315 0.00 2.59 -37.11
CA PHE A 315 0.70 1.32 -36.94
C PHE A 315 -0.36 0.26 -36.72
N SER A 316 -0.43 -0.72 -37.63
CA SER A 316 -1.50 -1.70 -37.54
C SER A 316 -1.06 -2.96 -38.25
N ARG A 317 -1.87 -4.01 -38.08
CA ARG A 317 -1.59 -5.34 -38.60
C ARG A 317 -2.25 -5.56 -39.95
N MET A 318 -1.45 -5.96 -40.94
CA MET A 318 -1.93 -6.36 -42.27
C MET A 318 -1.48 -7.80 -42.58
N MET A 319 -1.86 -8.29 -43.75
CA MET A 319 -1.46 -9.62 -44.20
C MET A 319 -0.48 -9.44 -45.35
N ALA A 320 0.67 -10.12 -45.27
CA ALA A 320 1.70 -10.00 -46.31
C ALA A 320 2.22 -11.37 -46.73
N THR A 321 2.64 -11.47 -47.99
CA THR A 321 3.31 -12.65 -48.52
C THR A 321 4.75 -12.32 -48.86
N LEU A 322 5.65 -13.23 -48.51
CA LEU A 322 7.08 -13.04 -48.73
C LEU A 322 7.55 -13.86 -49.93
N GLU A 323 8.62 -13.39 -50.56
CA GLU A 323 9.13 -14.03 -51.76
C GLU A 323 9.78 -15.36 -51.46
N VAL A 324 9.57 -16.33 -52.34
CA VAL A 324 10.06 -17.70 -52.17
C VAL A 324 11.17 -17.92 -53.18
N ASN A 325 12.32 -18.39 -52.68
CA ASN A 325 13.53 -18.58 -53.49
C ASN A 325 13.47 -19.86 -54.32
N GLU B 1 -33.56 -15.06 -13.88
CA GLU B 1 -33.94 -16.28 -14.59
C GLU B 1 -32.77 -16.91 -15.38
N VAL B 2 -31.84 -16.07 -15.82
CA VAL B 2 -30.57 -16.57 -16.35
C VAL B 2 -29.70 -16.97 -15.16
N GLN B 3 -29.37 -18.25 -15.04
CA GLN B 3 -28.61 -18.65 -13.87
C GLN B 3 -27.83 -19.94 -14.12
N LEU B 4 -26.82 -20.16 -13.28
CA LEU B 4 -26.00 -21.35 -13.25
C LEU B 4 -26.01 -21.91 -11.84
N VAL B 5 -26.20 -23.22 -11.73
CA VAL B 5 -26.32 -23.91 -10.46
C VAL B 5 -25.33 -25.06 -10.48
N GLU B 6 -24.37 -25.03 -9.56
CA GLU B 6 -23.42 -26.13 -9.42
C GLU B 6 -23.95 -27.13 -8.41
N SER B 7 -23.57 -28.39 -8.60
CA SER B 7 -23.92 -29.44 -7.65
C SER B 7 -22.91 -30.58 -7.80
N GLY B 8 -22.99 -31.53 -6.86
CA GLY B 8 -22.05 -32.63 -6.81
C GLY B 8 -20.97 -32.46 -5.78
N GLY B 9 -20.87 -31.28 -5.15
CA GLY B 9 -19.85 -31.08 -4.13
C GLY B 9 -20.09 -31.92 -2.89
N GLY B 10 -19.01 -32.15 -2.15
CA GLY B 10 -19.09 -32.98 -0.97
C GLY B 10 -17.71 -33.38 -0.47
N LEU B 11 -17.70 -34.41 0.36
CA LEU B 11 -16.51 -34.95 0.98
C LEU B 11 -16.01 -36.12 0.13
N VAL B 12 -14.72 -36.11 -0.17
CA VAL B 12 -14.08 -37.16 -0.95
C VAL B 12 -12.76 -37.50 -0.26
N LYS B 13 -12.38 -38.79 -0.33
CA LYS B 13 -11.11 -39.20 0.25
C LYS B 13 -9.94 -38.78 -0.65
N PRO B 14 -8.78 -38.50 -0.06
CA PRO B 14 -7.60 -38.21 -0.89
C PRO B 14 -7.33 -39.34 -1.86
N GLY B 15 -6.99 -38.98 -3.09
CA GLY B 15 -6.85 -39.94 -4.17
C GLY B 15 -8.14 -40.34 -4.84
N GLY B 16 -9.28 -39.83 -4.37
CA GLY B 16 -10.58 -40.25 -4.86
C GLY B 16 -11.06 -39.47 -6.08
N SER B 17 -12.32 -39.73 -6.42
CA SER B 17 -12.94 -39.15 -7.60
C SER B 17 -14.23 -38.46 -7.19
N LEU B 18 -14.61 -37.47 -8.01
CA LEU B 18 -15.81 -36.69 -7.76
C LEU B 18 -16.21 -36.00 -9.05
N ARG B 19 -17.49 -36.07 -9.41
CA ARG B 19 -18.00 -35.34 -10.56
C ARG B 19 -18.84 -34.17 -10.09
N LEU B 20 -18.47 -32.97 -10.52
CA LEU B 20 -19.33 -31.81 -10.37
C LEU B 20 -20.12 -31.62 -11.65
N SER B 21 -21.33 -31.10 -11.51
CA SER B 21 -22.06 -30.63 -12.67
C SER B 21 -22.55 -29.21 -12.43
N CYS B 22 -22.89 -28.54 -13.54
CA CYS B 22 -23.39 -27.17 -13.52
C CYS B 22 -24.60 -27.10 -14.45
N ALA B 23 -25.76 -26.78 -13.88
CA ALA B 23 -27.01 -26.72 -14.64
C ALA B 23 -27.32 -25.28 -15.01
N ALA B 24 -27.41 -25.00 -16.32
CA ALA B 24 -27.67 -23.67 -16.84
C ALA B 24 -29.14 -23.52 -17.24
N SER B 25 -29.63 -22.28 -17.19
CA SER B 25 -31.03 -22.06 -17.53
C SER B 25 -31.23 -20.62 -17.99
N GLY B 26 -32.26 -20.41 -18.83
CA GLY B 26 -32.62 -19.10 -19.29
C GLY B 26 -31.88 -18.61 -20.52
N PHE B 27 -31.04 -19.44 -21.13
CA PHE B 27 -30.30 -19.04 -22.32
C PHE B 27 -29.91 -20.28 -23.08
N THR B 28 -29.43 -20.07 -24.30
CA THR B 28 -29.06 -21.18 -25.17
C THR B 28 -27.68 -21.68 -24.74
N PHE B 29 -27.69 -22.74 -23.92
CA PHE B 29 -26.46 -23.26 -23.35
C PHE B 29 -25.45 -23.61 -24.43
N SER B 30 -25.91 -24.12 -25.57
CA SER B 30 -25.01 -24.58 -26.62
C SER B 30 -24.13 -23.47 -27.19
N ASN B 31 -24.54 -22.21 -27.08
CA ASN B 31 -23.75 -21.12 -27.65
C ASN B 31 -22.65 -20.63 -26.72
N ALA B 32 -22.56 -21.16 -25.51
CA ALA B 32 -21.73 -20.60 -24.45
C ALA B 32 -20.42 -21.38 -24.29
N TRP B 33 -19.31 -20.66 -24.19
CA TRP B 33 -18.12 -21.20 -23.55
C TRP B 33 -18.37 -21.33 -22.05
N MET B 34 -17.99 -22.47 -21.48
CA MET B 34 -18.22 -22.70 -20.06
C MET B 34 -16.89 -22.98 -19.37
N SER B 35 -16.66 -22.27 -18.27
CA SER B 35 -15.42 -22.34 -17.51
C SER B 35 -15.69 -22.79 -16.07
N TRP B 36 -14.69 -23.42 -15.48
CA TRP B 36 -14.66 -23.72 -14.05
C TRP B 36 -13.61 -22.83 -13.41
N VAL B 37 -13.96 -22.23 -12.28
CA VAL B 37 -13.02 -21.42 -11.49
C VAL B 37 -13.15 -21.84 -10.03
N ARG B 38 -12.04 -22.12 -9.40
CA ARG B 38 -12.07 -22.61 -8.03
C ARG B 38 -11.35 -21.63 -7.10
N GLN B 39 -11.62 -21.77 -5.80
CA GLN B 39 -10.97 -20.93 -4.78
C GLN B 39 -10.81 -21.76 -3.51
N ALA B 40 -9.57 -22.16 -3.20
CA ALA B 40 -9.27 -22.85 -1.96
C ALA B 40 -9.49 -21.89 -0.80
N PRO B 41 -9.78 -22.41 0.40
CA PRO B 41 -10.16 -21.51 1.52
C PRO B 41 -9.08 -20.49 1.84
N GLY B 42 -9.46 -19.22 1.78
CA GLY B 42 -8.58 -18.11 2.06
C GLY B 42 -7.60 -17.72 0.97
N LYS B 43 -7.59 -18.39 -0.17
CA LYS B 43 -6.63 -18.13 -1.22
C LYS B 43 -7.30 -17.35 -2.36
N GLY B 44 -6.58 -17.20 -3.49
CA GLY B 44 -7.10 -16.45 -4.62
C GLY B 44 -7.95 -17.28 -5.60
N LEU B 45 -8.55 -16.57 -6.57
CA LEU B 45 -9.29 -17.24 -7.64
C LEU B 45 -8.31 -17.97 -8.55
N GLU B 46 -8.65 -19.18 -8.95
CA GLU B 46 -7.79 -19.94 -9.82
C GLU B 46 -8.64 -20.55 -10.93
N TRP B 47 -8.34 -20.17 -12.17
CA TRP B 47 -9.03 -20.77 -13.32
C TRP B 47 -8.66 -22.25 -13.40
N VAL B 48 -9.67 -23.12 -13.51
CA VAL B 48 -9.44 -24.54 -13.64
C VAL B 48 -9.36 -24.96 -15.11
N GLY B 49 -10.31 -24.50 -15.93
CA GLY B 49 -10.34 -24.84 -17.34
C GLY B 49 -11.66 -24.42 -17.97
N ARG B 50 -11.78 -24.72 -19.26
CA ARG B 50 -13.00 -24.39 -19.99
C ARG B 50 -13.22 -25.40 -21.11
N ILE B 51 -14.47 -25.43 -21.58
CA ILE B 51 -14.82 -26.12 -22.80
C ILE B 51 -15.50 -25.08 -23.70
N LYS B 52 -15.04 -24.98 -24.94
CA LYS B 52 -15.66 -24.05 -25.87
C LYS B 52 -16.99 -24.61 -26.41
N SER B 53 -17.78 -23.71 -26.99
CA SER B 53 -18.96 -24.15 -27.73
C SER B 53 -18.54 -24.95 -28.96
N LYS B 54 -19.45 -25.79 -29.45
CA LYS B 54 -19.17 -26.55 -30.66
C LYS B 54 -18.86 -25.61 -31.81
N THR B 55 -19.57 -24.46 -31.87
CA THR B 55 -19.32 -23.45 -32.88
C THR B 55 -17.85 -23.09 -32.98
N ASP B 56 -17.15 -23.05 -31.84
CA ASP B 56 -15.74 -22.68 -31.81
C ASP B 56 -14.83 -23.88 -31.64
N GLY B 57 -15.33 -25.10 -31.89
CA GLY B 57 -14.52 -26.29 -31.85
C GLY B 57 -14.81 -27.20 -30.66
N GLY B 58 -15.56 -26.71 -29.68
CA GLY B 58 -15.88 -27.50 -28.50
C GLY B 58 -14.67 -28.05 -27.77
N THR B 59 -13.52 -27.39 -27.87
CA THR B 59 -12.29 -27.93 -27.32
C THR B 59 -12.15 -27.53 -25.84
N THR B 60 -11.19 -28.18 -25.18
CA THR B 60 -10.98 -28.01 -23.75
C THR B 60 -9.58 -27.50 -23.48
N ASP B 61 -9.43 -26.83 -22.33
CA ASP B 61 -8.14 -26.35 -21.89
C ASP B 61 -8.13 -26.41 -20.37
N TYR B 62 -6.96 -26.68 -19.80
CA TYR B 62 -6.88 -26.91 -18.37
C TYR B 62 -5.71 -26.15 -17.79
N ALA B 63 -5.86 -25.70 -16.55
CA ALA B 63 -4.73 -25.16 -15.83
C ALA B 63 -3.73 -26.30 -15.55
N ALA B 64 -2.45 -25.97 -15.55
CA ALA B 64 -1.41 -26.97 -15.31
C ALA B 64 -1.60 -27.77 -14.01
N PRO B 65 -1.97 -27.19 -12.86
CA PRO B 65 -2.12 -28.00 -11.65
C PRO B 65 -3.19 -29.08 -11.73
N VAL B 66 -4.12 -29.04 -12.69
CA VAL B 66 -5.17 -30.04 -12.76
C VAL B 66 -5.13 -30.83 -14.05
N LYS B 67 -4.22 -30.52 -14.96
CA LYS B 67 -4.11 -31.27 -16.21
C LYS B 67 -3.88 -32.75 -15.91
N GLY B 68 -4.57 -33.61 -16.63
CA GLY B 68 -4.43 -35.04 -16.49
C GLY B 68 -5.35 -35.69 -15.47
N ARG B 69 -5.70 -34.99 -14.40
CA ARG B 69 -6.62 -35.55 -13.41
C ARG B 69 -8.03 -35.02 -13.55
N PHE B 70 -8.21 -33.84 -14.16
CA PHE B 70 -9.51 -33.20 -14.35
C PHE B 70 -9.90 -33.26 -15.81
N THR B 71 -11.17 -33.55 -16.07
CA THR B 71 -11.69 -33.56 -17.43
C THR B 71 -13.00 -32.78 -17.47
N ILE B 72 -13.09 -31.82 -18.38
CA ILE B 72 -14.30 -31.04 -18.53
C ILE B 72 -15.08 -31.59 -19.71
N SER B 73 -16.40 -31.60 -19.60
CA SER B 73 -17.26 -32.04 -20.68
C SER B 73 -18.60 -31.33 -20.56
N ARG B 74 -19.38 -31.41 -21.65
CA ARG B 74 -20.69 -30.77 -21.67
C ARG B 74 -21.68 -31.69 -22.36
N ASP B 75 -22.92 -31.65 -21.91
CA ASP B 75 -24.04 -32.27 -22.59
C ASP B 75 -25.05 -31.19 -22.90
N ASP B 76 -25.04 -30.70 -24.15
CA ASP B 76 -25.92 -29.59 -24.48
C ASP B 76 -27.39 -29.99 -24.40
N SER B 77 -27.70 -31.28 -24.58
CA SER B 77 -29.09 -31.72 -24.54
C SER B 77 -29.70 -31.61 -23.15
N LYS B 78 -28.88 -31.67 -22.08
CA LYS B 78 -29.40 -31.46 -20.73
C LYS B 78 -28.87 -30.19 -20.10
N ASN B 79 -28.27 -29.30 -20.89
CA ASN B 79 -27.91 -27.95 -20.43
C ASN B 79 -26.89 -27.99 -19.28
N THR B 80 -25.92 -28.89 -19.35
CA THR B 80 -25.10 -29.19 -18.19
C THR B 80 -23.61 -29.24 -18.54
N LEU B 81 -22.82 -28.61 -17.67
CA LEU B 81 -21.36 -28.66 -17.70
C LEU B 81 -20.87 -29.63 -16.64
N TYR B 82 -19.78 -30.35 -16.93
CA TYR B 82 -19.24 -31.35 -16.03
C TYR B 82 -17.76 -31.09 -15.73
N LEU B 83 -17.37 -31.46 -14.52
CA LEU B 83 -15.95 -31.50 -14.13
C LEU B 83 -15.73 -32.83 -13.43
N GLN B 84 -15.04 -33.74 -14.11
CA GLN B 84 -14.66 -35.02 -13.51
C GLN B 84 -13.30 -34.85 -12.85
N MET B 85 -13.26 -35.02 -11.53
CA MET B 85 -12.05 -34.83 -10.73
C MET B 85 -11.56 -36.21 -10.29
N ASN B 86 -10.33 -36.56 -10.68
CA ASN B 86 -9.68 -37.80 -10.24
C ASN B 86 -8.39 -37.47 -9.49
N SER B 87 -7.87 -38.49 -8.80
CA SER B 87 -6.64 -38.37 -8.04
C SER B 87 -6.63 -37.09 -7.22
N LEU B 88 -7.69 -36.91 -6.42
CA LEU B 88 -7.87 -35.65 -5.71
C LEU B 88 -6.82 -35.51 -4.60
N LYS B 89 -6.28 -34.31 -4.46
CA LYS B 89 -5.37 -33.95 -3.38
C LYS B 89 -6.08 -33.01 -2.41
N THR B 90 -5.54 -32.92 -1.20
CA THR B 90 -6.14 -32.06 -0.19
C THR B 90 -6.14 -30.58 -0.61
N GLU B 91 -5.16 -30.16 -1.40
CA GLU B 91 -5.15 -28.77 -1.85
C GLU B 91 -6.13 -28.51 -3.00
N ASP B 92 -6.82 -29.55 -3.49
CA ASP B 92 -7.98 -29.37 -4.36
C ASP B 92 -9.22 -28.98 -3.56
N THR B 93 -9.14 -28.97 -2.23
CA THR B 93 -10.24 -28.49 -1.42
C THR B 93 -10.51 -27.04 -1.79
N ALA B 94 -11.69 -26.76 -2.31
CA ALA B 94 -12.02 -25.42 -2.75
C ALA B 94 -13.52 -25.33 -2.97
N VAL B 95 -14.00 -24.10 -3.06
CA VAL B 95 -15.29 -23.82 -3.69
C VAL B 95 -15.05 -23.80 -5.20
N TYR B 96 -15.88 -24.53 -5.95
CA TYR B 96 -15.79 -24.60 -7.40
C TYR B 96 -16.95 -23.83 -8.01
N TYR B 97 -16.64 -22.90 -8.92
CA TYR B 97 -17.64 -22.11 -9.62
C TYR B 97 -17.64 -22.46 -11.11
N CYS B 98 -18.83 -22.57 -11.70
CA CYS B 98 -18.91 -22.50 -13.15
C CYS B 98 -19.31 -21.08 -13.52
N THR B 99 -18.84 -20.64 -14.68
CA THR B 99 -19.02 -19.27 -15.08
C THR B 99 -19.00 -19.21 -16.60
N THR B 100 -19.56 -18.13 -17.15
CA THR B 100 -19.54 -17.94 -18.59
C THR B 100 -19.58 -16.44 -18.87
N ASP B 101 -19.39 -16.09 -20.15
CA ASP B 101 -19.56 -14.72 -20.62
C ASP B 101 -20.91 -14.63 -21.34
N PHE B 102 -21.88 -13.97 -20.70
CA PHE B 102 -23.26 -13.95 -21.19
C PHE B 102 -23.57 -12.64 -21.91
N ILE B 103 -23.54 -11.51 -21.20
CA ILE B 103 -23.68 -10.19 -21.82
C ILE B 103 -22.33 -9.61 -22.20
N SER B 104 -21.30 -9.76 -21.36
CA SER B 104 -19.95 -9.29 -21.68
C SER B 104 -19.22 -10.37 -22.48
N ALA B 105 -19.61 -10.50 -23.75
CA ALA B 105 -19.04 -11.54 -24.61
C ALA B 105 -17.53 -11.37 -24.75
N GLY B 106 -16.79 -12.47 -24.65
CA GLY B 106 -15.34 -12.47 -24.63
C GLY B 106 -14.87 -13.62 -23.76
N PRO B 107 -13.80 -14.31 -24.17
CA PRO B 107 -13.45 -15.56 -23.50
C PRO B 107 -13.15 -15.44 -22.00
N TRP B 108 -12.62 -14.31 -21.51
CA TRP B 108 -12.30 -14.23 -20.07
C TRP B 108 -13.12 -13.21 -19.30
N TYR B 109 -14.24 -12.70 -19.86
CA TYR B 109 -15.11 -11.75 -19.18
C TYR B 109 -16.27 -12.50 -18.53
N PHE B 110 -16.00 -13.01 -17.34
CA PHE B 110 -16.95 -13.84 -16.61
C PHE B 110 -17.95 -12.93 -15.91
N ASP B 111 -19.13 -12.74 -16.51
CA ASP B 111 -20.17 -11.97 -15.84
C ASP B 111 -21.24 -12.84 -15.21
N LEU B 112 -21.33 -14.12 -15.57
CA LEU B 112 -22.35 -15.01 -15.05
C LEU B 112 -21.66 -16.09 -14.23
N TRP B 113 -22.02 -16.15 -12.95
CA TRP B 113 -21.44 -17.10 -12.01
C TRP B 113 -22.55 -17.92 -11.36
N GLY B 114 -22.23 -19.17 -11.06
CA GLY B 114 -23.05 -19.91 -10.12
C GLY B 114 -22.67 -19.52 -8.72
N ARG B 115 -23.37 -20.12 -7.76
CA ARG B 115 -23.08 -19.82 -6.36
C ARG B 115 -21.91 -20.63 -5.82
N GLY B 116 -21.49 -21.67 -6.53
CA GLY B 116 -20.36 -22.49 -6.11
C GLY B 116 -20.78 -23.66 -5.24
N THR B 117 -19.99 -24.72 -5.31
CA THR B 117 -20.20 -25.89 -4.50
C THR B 117 -18.87 -26.27 -3.85
N LEU B 118 -18.92 -26.60 -2.55
CA LEU B 118 -17.71 -26.85 -1.77
C LEU B 118 -17.28 -28.31 -1.96
N VAL B 119 -16.02 -28.51 -2.28
CA VAL B 119 -15.44 -29.84 -2.35
C VAL B 119 -14.39 -29.95 -1.24
N THR B 120 -14.54 -30.95 -0.38
CA THR B 120 -13.61 -31.16 0.72
C THR B 120 -12.90 -32.47 0.46
N VAL B 121 -11.59 -32.41 0.32
CA VAL B 121 -10.77 -33.61 0.18
C VAL B 121 -10.11 -33.84 1.53
N SER B 122 -10.53 -34.91 2.23
CA SER B 122 -10.09 -35.16 3.60
C SER B 122 -10.24 -36.63 3.94
N SER B 123 -9.45 -37.07 4.92
CA SER B 123 -9.52 -38.45 5.42
C SER B 123 -10.63 -38.65 6.44
N ALA B 124 -11.21 -37.57 6.94
CA ALA B 124 -12.30 -37.63 7.91
C ALA B 124 -13.59 -38.13 7.28
N SER B 125 -14.52 -38.50 8.15
CA SER B 125 -15.82 -39.04 7.78
C SER B 125 -16.91 -37.97 7.91
N THR B 126 -17.91 -38.08 7.06
CA THR B 126 -19.08 -37.21 7.19
C THR B 126 -19.78 -37.49 8.52
N LYS B 127 -20.18 -36.43 9.21
CA LYS B 127 -21.03 -36.57 10.39
C LYS B 127 -22.22 -35.65 10.28
N GLY B 128 -23.43 -36.20 10.49
CA GLY B 128 -24.65 -35.44 10.51
C GLY B 128 -24.88 -34.83 11.87
N PRO B 129 -25.56 -33.69 11.92
CA PRO B 129 -25.64 -32.90 13.15
C PRO B 129 -26.83 -33.22 14.03
N SER B 130 -26.63 -32.93 15.32
CA SER B 130 -27.74 -32.85 16.28
C SER B 130 -28.39 -31.47 16.19
N VAL B 131 -29.72 -31.44 16.07
CA VAL B 131 -30.47 -30.19 15.96
C VAL B 131 -31.26 -29.97 17.23
N PHE B 132 -31.12 -28.78 17.83
CA PHE B 132 -31.76 -28.49 19.10
C PHE B 132 -32.58 -27.21 19.04
N PRO B 133 -33.72 -27.15 19.72
CA PRO B 133 -34.52 -25.93 19.74
C PRO B 133 -33.95 -24.89 20.70
N LEU B 134 -34.15 -23.62 20.35
CA LEU B 134 -33.77 -22.50 21.20
C LEU B 134 -35.03 -21.66 21.44
N ALA B 135 -35.50 -21.62 22.69
CA ALA B 135 -36.76 -20.97 23.03
C ALA B 135 -36.52 -19.69 23.81
N PRO B 136 -37.36 -18.66 23.62
CA PRO B 136 -37.24 -17.35 24.28
C PRO B 136 -37.26 -17.43 25.81
N GLY B 144 -41.65 -6.98 23.73
CA GLY B 144 -41.44 -6.13 22.58
C GLY B 144 -40.92 -6.89 21.38
N THR B 145 -39.84 -7.66 21.60
CA THR B 145 -39.24 -8.53 20.61
C THR B 145 -38.95 -9.88 21.23
N ALA B 146 -38.61 -10.86 20.38
CA ALA B 146 -38.34 -12.21 20.83
C ALA B 146 -37.22 -12.82 20.01
N ALA B 147 -36.35 -13.59 20.68
CA ALA B 147 -35.23 -14.27 20.04
C ALA B 147 -35.39 -15.78 20.23
N LEU B 148 -35.55 -16.51 19.12
CA LEU B 148 -35.63 -17.97 19.12
C LEU B 148 -34.91 -18.52 17.90
N GLY B 149 -34.44 -19.75 18.01
CA GLY B 149 -33.78 -20.38 16.89
C GLY B 149 -33.49 -21.86 17.13
N CYS B 150 -32.60 -22.40 16.29
CA CYS B 150 -32.15 -23.78 16.35
C CYS B 150 -30.65 -23.76 16.55
N LEU B 151 -30.08 -24.73 17.25
CA LEU B 151 -28.63 -24.74 17.26
C LEU B 151 -28.23 -26.09 16.65
N VAL B 152 -27.42 -26.05 15.58
CA VAL B 152 -27.04 -27.22 14.79
C VAL B 152 -25.63 -27.64 15.19
N LYS B 153 -25.52 -28.81 15.85
CA LYS B 153 -24.35 -29.17 16.62
C LYS B 153 -23.59 -30.34 15.99
N ASP B 154 -22.27 -30.19 15.90
CA ASP B 154 -21.33 -31.30 15.64
C ASP B 154 -21.56 -31.98 14.29
N TYR B 155 -21.27 -31.23 13.22
CA TYR B 155 -21.36 -31.81 11.87
C TYR B 155 -20.07 -31.56 11.11
N PHE B 156 -19.91 -32.32 10.02
CA PHE B 156 -18.75 -32.18 9.13
C PHE B 156 -19.09 -32.91 7.84
N PRO B 157 -18.81 -32.31 6.68
CA PRO B 157 -18.22 -30.98 6.49
C PRO B 157 -19.27 -29.90 6.35
N GLU B 158 -18.86 -28.70 5.93
CA GLU B 158 -19.82 -27.69 5.55
C GLU B 158 -20.45 -28.04 4.20
N PRO B 159 -21.63 -27.47 3.89
CA PRO B 159 -22.41 -26.51 4.67
C PRO B 159 -23.72 -27.08 5.24
N VAL B 160 -24.34 -26.33 6.15
CA VAL B 160 -25.67 -26.63 6.66
C VAL B 160 -26.60 -25.47 6.24
N THR B 161 -27.64 -25.79 5.49
CA THR B 161 -28.65 -24.83 5.08
C THR B 161 -29.83 -24.84 6.05
N VAL B 162 -30.17 -23.68 6.60
CA VAL B 162 -31.26 -23.55 7.56
C VAL B 162 -32.32 -22.62 7.00
N SER B 163 -33.57 -23.06 7.06
CA SER B 163 -34.74 -22.29 6.67
C SER B 163 -35.73 -22.28 7.83
N TRP B 164 -36.77 -21.45 7.71
CA TRP B 164 -37.78 -21.32 8.75
C TRP B 164 -39.17 -21.38 8.16
N ASN B 165 -40.00 -22.27 8.71
CA ASN B 165 -41.37 -22.49 8.27
C ASN B 165 -41.41 -22.75 6.76
N SER B 166 -40.54 -23.67 6.34
CA SER B 166 -40.39 -24.09 4.95
C SER B 166 -40.03 -22.93 4.03
N GLY B 167 -39.51 -21.84 4.58
CA GLY B 167 -39.13 -20.68 3.80
C GLY B 167 -40.14 -19.55 3.80
N ALA B 168 -41.21 -19.66 4.58
CA ALA B 168 -42.15 -18.55 4.72
C ALA B 168 -41.58 -17.46 5.62
N LEU B 169 -40.98 -17.85 6.74
CA LEU B 169 -40.38 -16.90 7.68
C LEU B 169 -39.03 -16.50 7.12
N THR B 170 -39.00 -15.39 6.37
CA THR B 170 -37.81 -14.97 5.65
C THR B 170 -37.14 -13.72 6.23
N SER B 171 -37.79 -13.02 7.15
CA SER B 171 -37.23 -11.80 7.72
C SER B 171 -37.08 -11.94 9.24
N GLY B 172 -36.05 -11.26 9.77
CA GLY B 172 -35.59 -11.51 11.12
C GLY B 172 -34.64 -12.67 11.24
N VAL B 173 -34.36 -13.38 10.14
CA VAL B 173 -33.52 -14.56 10.15
C VAL B 173 -32.06 -14.14 10.15
N HIS B 174 -31.29 -14.68 11.10
CA HIS B 174 -29.85 -14.49 11.14
C HIS B 174 -29.20 -15.85 11.42
N THR B 175 -28.83 -16.57 10.36
CA THR B 175 -28.01 -17.76 10.50
C THR B 175 -26.55 -17.35 10.61
N PHE B 176 -25.93 -17.61 11.75
CA PHE B 176 -24.55 -17.19 11.98
C PHE B 176 -23.57 -18.12 11.28
N PRO B 177 -22.36 -17.64 11.00
CA PRO B 177 -21.33 -18.55 10.50
C PRO B 177 -20.96 -19.56 11.56
N ALA B 178 -20.60 -20.77 11.12
CA ALA B 178 -20.35 -21.88 12.01
C ALA B 178 -19.01 -21.72 12.71
N VAL B 179 -18.88 -22.36 13.87
CA VAL B 179 -17.62 -22.44 14.59
C VAL B 179 -16.97 -23.76 14.23
N LEU B 180 -15.66 -23.73 14.02
CA LEU B 180 -14.87 -24.95 13.83
C LEU B 180 -14.30 -25.30 15.19
N GLN B 181 -14.90 -26.29 15.84
CA GLN B 181 -14.46 -26.74 17.15
C GLN B 181 -13.12 -27.47 17.03
N SER B 182 -12.38 -27.48 18.14
CA SER B 182 -11.11 -28.20 18.19
C SER B 182 -11.29 -29.69 17.91
N SER B 183 -12.50 -30.19 18.13
CA SER B 183 -12.84 -31.56 17.75
C SER B 183 -12.70 -31.80 16.24
N GLY B 184 -12.65 -30.72 15.45
CA GLY B 184 -12.72 -30.81 14.01
C GLY B 184 -14.12 -30.81 13.45
N LEU B 185 -15.13 -30.69 14.31
CA LEU B 185 -16.51 -30.63 13.87
C LEU B 185 -17.01 -29.18 13.90
N TYR B 186 -18.02 -28.91 13.09
CA TYR B 186 -18.64 -27.59 13.00
C TYR B 186 -19.96 -27.52 13.78
N SER B 187 -20.32 -26.31 14.20
CA SER B 187 -21.59 -26.03 14.84
C SER B 187 -22.01 -24.60 14.46
N LEU B 188 -23.31 -24.41 14.16
CA LEU B 188 -23.87 -23.10 13.84
C LEU B 188 -25.24 -22.93 14.49
N SER B 189 -25.59 -21.69 14.81
CA SER B 189 -26.91 -21.35 15.31
C SER B 189 -27.61 -20.38 14.35
N SER B 190 -28.91 -20.57 14.18
CA SER B 190 -29.74 -19.67 13.39
C SER B 190 -30.85 -19.13 14.29
N VAL B 191 -31.06 -17.82 14.25
CA VAL B 191 -32.03 -17.15 15.11
C VAL B 191 -32.91 -16.23 14.28
N VAL B 192 -34.20 -16.28 14.55
CA VAL B 192 -35.19 -15.44 13.88
C VAL B 192 -35.84 -14.53 14.92
N THR B 193 -35.85 -13.23 14.65
CA THR B 193 -36.50 -12.27 15.50
C THR B 193 -37.99 -12.23 15.16
N VAL B 194 -38.82 -12.44 16.17
CA VAL B 194 -40.27 -12.42 16.04
C VAL B 194 -40.75 -11.57 17.21
N PRO B 195 -41.99 -11.10 17.22
CA PRO B 195 -42.47 -10.42 18.42
C PRO B 195 -42.73 -11.45 19.53
N SER B 196 -42.60 -11.00 20.79
CA SER B 196 -42.79 -11.85 21.96
C SER B 196 -44.27 -12.12 22.10
N SER B 197 -44.97 -11.78 21.05
CA SER B 197 -46.26 -11.14 21.04
C SER B 197 -47.31 -11.97 20.35
N SER B 198 -46.97 -12.65 19.26
CA SER B 198 -47.58 -13.95 18.92
C SER B 198 -46.60 -15.06 19.28
N LEU B 199 -46.40 -15.25 20.59
CA LEU B 199 -45.58 -16.36 21.09
C LEU B 199 -46.21 -17.73 20.79
N GLY B 200 -47.44 -17.96 21.25
CA GLY B 200 -48.02 -19.28 21.13
C GLY B 200 -49.06 -19.44 20.03
N THR B 201 -49.45 -18.33 19.43
CA THR B 201 -50.45 -18.37 18.37
C THR B 201 -49.91 -18.99 17.09
N GLN B 202 -48.63 -18.79 16.79
CA GLN B 202 -48.02 -19.19 15.52
C GLN B 202 -46.87 -20.19 15.74
N THR B 203 -46.84 -21.23 14.91
CA THR B 203 -45.78 -22.23 14.87
C THR B 203 -44.63 -21.80 13.98
N TYR B 204 -43.40 -21.90 14.50
CA TYR B 204 -42.18 -21.73 13.71
C TYR B 204 -41.41 -23.05 13.72
N ILE B 205 -41.17 -23.62 12.53
CA ILE B 205 -40.38 -24.83 12.37
C ILE B 205 -39.14 -24.46 11.56
N CYS B 206 -37.97 -24.83 12.07
CA CYS B 206 -36.72 -24.58 11.36
C CYS B 206 -36.29 -25.85 10.64
N ASN B 207 -35.99 -25.72 9.36
CA ASN B 207 -35.64 -26.84 8.52
C ASN B 207 -34.13 -26.85 8.28
N VAL B 208 -33.45 -27.80 8.90
CA VAL B 208 -32.01 -27.99 8.79
C VAL B 208 -31.74 -29.03 7.72
N ASN B 209 -30.74 -28.77 6.88
CA ASN B 209 -30.38 -29.66 5.79
C ASN B 209 -28.86 -29.79 5.72
N HIS B 210 -28.36 -31.02 5.78
CA HIS B 210 -26.94 -31.32 5.69
C HIS B 210 -26.77 -32.33 4.54
N LYS B 211 -26.61 -31.81 3.33
CA LYS B 211 -26.55 -32.67 2.16
C LYS B 211 -25.41 -33.70 2.22
N PRO B 212 -24.22 -33.39 2.74
CA PRO B 212 -23.18 -34.44 2.86
C PRO B 212 -23.60 -35.65 3.65
N SER B 213 -24.44 -35.51 4.67
CA SER B 213 -24.89 -36.63 5.47
C SER B 213 -26.35 -37.01 5.22
N ASN B 214 -26.95 -36.46 4.16
CA ASN B 214 -28.36 -36.74 3.81
C ASN B 214 -29.28 -36.58 5.01
N THR B 215 -28.88 -35.74 5.97
CA THR B 215 -29.72 -35.43 7.12
C THR B 215 -30.71 -34.32 6.78
N LYS B 216 -31.96 -34.50 7.20
CA LYS B 216 -32.99 -33.47 7.11
C LYS B 216 -33.79 -33.49 8.42
N VAL B 217 -33.86 -32.34 9.09
CA VAL B 217 -34.49 -32.24 10.40
C VAL B 217 -35.33 -30.97 10.41
N ASP B 218 -36.66 -31.13 10.48
CA ASP B 218 -37.58 -30.04 10.77
C ASP B 218 -37.87 -30.04 12.27
N LYS B 219 -37.57 -28.93 12.95
CA LYS B 219 -37.81 -28.87 14.39
C LYS B 219 -38.57 -27.61 14.76
N ARG B 220 -39.56 -27.79 15.63
CA ARG B 220 -40.60 -26.83 15.94
C ARG B 220 -40.22 -26.01 17.18
N VAL B 221 -40.60 -24.72 17.18
CA VAL B 221 -40.34 -23.83 18.32
C VAL B 221 -41.62 -23.56 19.11
N GLU B 222 -41.46 -23.49 20.43
CA GLU B 222 -42.47 -23.21 21.46
C GLU B 222 -41.72 -22.72 22.70
N PRO B 223 -42.39 -22.04 23.62
CA PRO B 223 -41.67 -21.29 24.66
C PRO B 223 -41.01 -22.13 25.77
N LYS B 224 -41.34 -23.41 25.94
CA LYS B 224 -40.84 -24.20 27.08
C LYS B 224 -41.04 -23.49 28.43
N SER C 2 1.41 -16.20 -19.06
CA SER C 2 2.31 -15.34 -18.30
C SER C 2 1.44 -14.60 -17.26
N GLU C 3 2.04 -13.95 -16.27
CA GLU C 3 1.31 -13.68 -15.05
C GLU C 3 0.97 -12.21 -14.84
N LEU C 4 -0.12 -12.01 -14.11
CA LEU C 4 -0.62 -10.72 -13.67
C LEU C 4 -0.25 -10.51 -12.21
N THR C 5 0.43 -9.40 -11.94
CA THR C 5 0.90 -9.08 -10.61
C THR C 5 0.03 -7.97 -10.04
N GLN C 6 -0.49 -8.22 -8.84
CA GLN C 6 -1.23 -7.23 -8.06
C GLN C 6 -0.62 -7.06 -6.68
N ASP C 7 -0.83 -5.91 -6.11
CA ASP C 7 -0.47 -5.77 -4.70
C ASP C 7 -1.48 -6.50 -3.83
N PRO C 8 -1.01 -7.17 -2.77
CA PRO C 8 -1.94 -7.93 -1.91
C PRO C 8 -2.93 -7.07 -1.14
N ALA C 9 -2.64 -5.80 -0.88
CA ALA C 9 -3.47 -5.02 0.05
C ALA C 9 -3.40 -3.53 -0.26
N VAL C 10 -4.51 -2.83 -0.02
CA VAL C 10 -4.52 -1.39 -0.22
C VAL C 10 -5.66 -0.79 0.60
N SER C 11 -5.43 0.39 1.16
CA SER C 11 -6.42 1.08 1.96
C SER C 11 -6.87 2.37 1.28
N VAL C 12 -8.06 2.81 1.66
CA VAL C 12 -8.61 4.06 1.15
C VAL C 12 -9.52 4.60 2.25
N ALA C 13 -9.55 5.92 2.37
CA ALA C 13 -10.43 6.55 3.34
C ALA C 13 -11.84 6.68 2.75
N LEU C 14 -12.86 6.51 3.59
CA LEU C 14 -14.23 6.67 3.14
C LEU C 14 -14.39 7.95 2.33
N GLY C 15 -15.00 7.83 1.15
CA GLY C 15 -15.16 8.97 0.26
C GLY C 15 -14.00 9.28 -0.67
N GLN C 16 -12.82 8.71 -0.45
CA GLN C 16 -11.62 8.99 -1.25
C GLN C 16 -11.48 8.04 -2.45
N THR C 17 -10.45 8.26 -3.26
CA THR C 17 -10.22 7.50 -4.48
C THR C 17 -9.04 6.54 -4.30
N VAL C 18 -9.24 5.29 -4.71
CA VAL C 18 -8.16 4.30 -4.70
C VAL C 18 -8.02 3.71 -6.09
N ARG C 19 -6.80 3.31 -6.43
CA ARG C 19 -6.47 2.78 -7.74
C ARG C 19 -5.72 1.46 -7.56
N ILE C 20 -6.27 0.38 -8.11
CA ILE C 20 -5.68 -0.94 -7.99
C ILE C 20 -5.10 -1.33 -9.35
N THR C 21 -3.84 -1.72 -9.35
CA THR C 21 -3.08 -1.94 -10.59
C THR C 21 -2.75 -3.41 -10.75
N CYS C 22 -2.74 -3.84 -12.00
CA CYS C 22 -2.46 -5.20 -12.39
C CYS C 22 -1.43 -5.11 -13.50
N GLN C 23 -0.43 -5.98 -13.47
CA GLN C 23 0.69 -5.87 -14.40
C GLN C 23 1.01 -7.22 -15.00
N GLY C 24 1.18 -7.25 -16.32
CA GLY C 24 1.50 -8.48 -17.00
C GLY C 24 1.68 -8.25 -18.48
N ASP C 25 2.47 -9.11 -19.13
CA ASP C 25 2.81 -8.89 -20.53
C ASP C 25 1.60 -9.05 -21.47
N SER C 26 0.63 -9.92 -21.12
CA SER C 26 -0.57 -10.03 -21.95
C SER C 26 -1.29 -8.70 -22.12
N LEU C 27 -1.22 -7.81 -21.12
CA LEU C 27 -2.00 -6.58 -21.11
C LEU C 27 -1.55 -5.58 -22.18
N ARG C 28 -0.42 -5.82 -22.83
CA ARG C 28 -0.06 -4.97 -23.96
C ARG C 28 -0.99 -5.18 -25.14
N SER C 29 -1.42 -6.42 -25.37
CA SER C 29 -2.30 -6.74 -26.49
C SER C 29 -3.77 -6.78 -26.08
N TYR C 30 -4.06 -7.25 -24.87
CA TYR C 30 -5.41 -7.65 -24.49
C TYR C 30 -5.82 -6.95 -23.20
N TYR C 31 -7.11 -6.73 -23.06
CA TYR C 31 -7.69 -6.06 -21.91
C TYR C 31 -7.78 -6.99 -20.72
N ALA C 32 -7.70 -6.41 -19.52
CA ALA C 32 -8.06 -7.13 -18.31
C ALA C 32 -9.58 -7.07 -18.07
N SER C 33 -10.08 -7.96 -17.22
CA SER C 33 -11.35 -7.66 -16.59
C SER C 33 -11.14 -7.74 -15.07
N TRP C 34 -12.07 -7.12 -14.35
CA TRP C 34 -11.91 -6.88 -12.92
C TRP C 34 -13.08 -7.47 -12.15
N TYR C 35 -12.78 -8.11 -11.02
CA TYR C 35 -13.79 -8.79 -10.21
C TYR C 35 -13.74 -8.31 -8.76
N GLN C 36 -14.91 -8.02 -8.20
CA GLN C 36 -15.06 -7.71 -6.79
C GLN C 36 -15.60 -8.95 -6.09
N GLN C 37 -14.90 -9.43 -5.08
CA GLN C 37 -15.40 -10.56 -4.32
C GLN C 37 -15.43 -10.23 -2.84
N LYS C 38 -16.57 -10.29 -2.26
CA LYS C 38 -16.80 -10.15 -0.83
C LYS C 38 -16.81 -11.51 -0.17
N PRO C 39 -16.43 -11.59 1.10
CA PRO C 39 -16.32 -12.91 1.74
C PRO C 39 -17.65 -13.67 1.71
N GLY C 40 -17.57 -14.97 1.47
CA GLY C 40 -18.76 -15.79 1.43
C GLY C 40 -19.62 -15.61 0.19
N GLN C 41 -19.11 -14.92 -0.84
CA GLN C 41 -19.87 -14.62 -2.05
C GLN C 41 -19.08 -14.97 -3.31
N ALA C 42 -19.83 -15.16 -4.39
CA ALA C 42 -19.20 -15.36 -5.68
C ALA C 42 -18.64 -14.04 -6.20
N PRO C 43 -17.57 -14.09 -7.00
CA PRO C 43 -17.04 -12.88 -7.64
C PRO C 43 -18.09 -12.20 -8.50
N VAL C 44 -17.99 -10.87 -8.59
CA VAL C 44 -18.85 -10.06 -9.43
C VAL C 44 -18.00 -9.26 -10.40
N LEU C 45 -18.32 -9.35 -11.68
CA LEU C 45 -17.59 -8.61 -12.70
C LEU C 45 -17.95 -7.13 -12.63
N VAL C 46 -16.95 -6.23 -12.64
CA VAL C 46 -17.26 -4.80 -12.50
C VAL C 46 -16.73 -3.97 -13.67
N ILE C 47 -15.63 -4.38 -14.28
CA ILE C 47 -15.08 -3.67 -15.43
C ILE C 47 -14.54 -4.70 -16.42
N TYR C 48 -14.74 -4.44 -17.71
CA TYR C 48 -14.11 -5.28 -18.74
C TYR C 48 -13.79 -4.43 -19.96
N GLY C 49 -12.90 -4.97 -20.79
CA GLY C 49 -12.56 -4.26 -22.00
C GLY C 49 -11.98 -2.90 -21.67
N LYS C 50 -12.29 -1.91 -22.51
CA LYS C 50 -11.84 -0.54 -22.26
C LYS C 50 -12.94 0.20 -21.49
N ASN C 51 -12.96 -0.02 -20.18
CA ASN C 51 -13.78 0.77 -19.25
C ASN C 51 -15.27 0.52 -19.46
N ASN C 52 -15.65 -0.69 -19.84
CA ASN C 52 -17.06 -1.07 -19.92
C ASN C 52 -17.56 -1.60 -18.57
N ARG C 53 -18.75 -1.15 -18.20
CA ARG C 53 -19.40 -1.55 -16.96
C ARG C 53 -20.55 -2.49 -17.29
N PRO C 54 -20.66 -3.64 -16.63
CA PRO C 54 -21.90 -4.40 -16.70
C PRO C 54 -23.04 -3.57 -16.12
N SER C 55 -24.25 -3.90 -16.57
CA SER C 55 -25.43 -3.26 -16.02
C SER C 55 -25.52 -3.45 -14.50
N GLY C 56 -25.86 -2.37 -13.80
CA GLY C 56 -25.94 -2.38 -12.36
C GLY C 56 -24.66 -2.05 -11.64
N ILE C 57 -23.55 -1.90 -12.35
CA ILE C 57 -22.29 -1.45 -11.76
C ILE C 57 -22.21 0.06 -11.93
N PRO C 58 -22.18 0.83 -10.84
CA PRO C 58 -22.11 2.29 -10.95
C PRO C 58 -20.80 2.76 -11.58
N ASP C 59 -20.87 3.91 -12.22
CA ASP C 59 -19.61 4.39 -12.86
C ASP C 59 -18.50 4.88 -11.80
N ARG C 60 -18.70 4.76 -10.47
CA ARG C 60 -17.62 4.95 -9.50
C ARG C 60 -16.47 3.98 -9.71
N PHE C 61 -16.76 2.80 -10.26
CA PHE C 61 -15.73 1.88 -10.75
C PHE C 61 -15.40 2.24 -12.19
N SER C 62 -14.11 2.27 -12.51
CA SER C 62 -13.71 2.59 -13.87
C SER C 62 -12.43 1.82 -14.18
N GLY C 63 -12.18 1.64 -15.48
CA GLY C 63 -11.02 0.91 -15.93
C GLY C 63 -10.11 1.78 -16.80
N SER C 64 -8.82 1.46 -16.76
CA SER C 64 -7.82 2.03 -17.65
C SER C 64 -6.74 0.98 -17.84
N SER C 65 -5.95 1.19 -18.88
CA SER C 65 -4.74 0.40 -19.11
C SER C 65 -3.68 1.34 -19.63
N SER C 66 -2.43 0.92 -19.52
CA SER C 66 -1.31 1.71 -19.99
C SER C 66 -0.07 0.82 -20.03
N GLY C 67 0.49 0.62 -21.21
CA GLY C 67 1.64 -0.25 -21.31
C GLY C 67 1.25 -1.65 -20.94
N ASN C 68 1.98 -2.27 -20.01
CA ASN C 68 1.67 -3.64 -19.59
C ASN C 68 0.92 -3.67 -18.27
N THR C 69 0.23 -2.59 -17.92
CA THR C 69 -0.50 -2.49 -16.68
C THR C 69 -1.96 -2.15 -16.96
N ALA C 70 -2.87 -2.75 -16.19
CA ALA C 70 -4.27 -2.35 -16.15
C ALA C 70 -4.60 -1.87 -14.75
N SER C 71 -5.51 -0.90 -14.65
CA SER C 71 -5.85 -0.30 -13.37
C SER C 71 -7.36 -0.19 -13.20
N LEU C 72 -7.80 -0.44 -11.98
CA LEU C 72 -9.18 -0.26 -11.58
C LEU C 72 -9.20 0.90 -10.59
N THR C 73 -10.08 1.86 -10.82
CA THR C 73 -10.15 3.04 -9.98
C THR C 73 -11.54 3.13 -9.39
N ILE C 74 -11.59 3.39 -8.09
CA ILE C 74 -12.84 3.52 -7.34
C ILE C 74 -12.84 4.91 -6.71
N THR C 75 -13.77 5.74 -7.14
CA THR C 75 -13.99 7.06 -6.55
C THR C 75 -15.10 6.98 -5.50
N GLY C 76 -15.03 7.88 -4.52
CA GLY C 76 -16.02 7.96 -3.46
C GLY C 76 -16.19 6.66 -2.70
N ALA C 77 -15.09 6.11 -2.20
CA ALA C 77 -15.11 4.78 -1.61
C ALA C 77 -16.15 4.69 -0.50
N GLN C 78 -16.88 3.57 -0.49
CA GLN C 78 -17.92 3.27 0.48
C GLN C 78 -17.53 2.02 1.27
N ALA C 79 -18.25 1.79 2.38
CA ALA C 79 -18.03 0.57 3.16
C ALA C 79 -18.35 -0.68 2.35
N GLU C 80 -19.31 -0.58 1.44
CA GLU C 80 -19.71 -1.69 0.58
C GLU C 80 -18.64 -2.03 -0.46
N ASP C 81 -17.60 -1.21 -0.58
CA ASP C 81 -16.52 -1.51 -1.52
C ASP C 81 -15.43 -2.36 -0.91
N GLU C 82 -15.48 -2.60 0.39
CA GLU C 82 -14.49 -3.42 1.06
C GLU C 82 -14.62 -4.85 0.56
N ALA C 83 -13.57 -5.34 -0.10
CA ALA C 83 -13.66 -6.57 -0.86
C ALA C 83 -12.28 -6.92 -1.38
N ASP C 84 -12.18 -8.13 -1.91
CA ASP C 84 -11.02 -8.55 -2.70
C ASP C 84 -11.29 -8.24 -4.16
N TYR C 85 -10.30 -7.69 -4.85
CA TYR C 85 -10.43 -7.28 -6.24
C TYR C 85 -9.42 -8.05 -7.08
N TYR C 86 -9.93 -8.79 -8.05
CA TYR C 86 -9.07 -9.59 -8.91
C TYR C 86 -9.10 -9.05 -10.33
N CYS C 87 -7.93 -9.01 -10.95
CA CYS C 87 -7.84 -8.82 -12.39
C CYS C 87 -7.65 -10.19 -13.03
N ASN C 88 -7.99 -10.28 -14.31
CA ASN C 88 -7.73 -11.51 -15.05
C ASN C 88 -7.44 -11.11 -16.51
N SER C 89 -7.00 -12.09 -17.28
CA SER C 89 -6.80 -11.90 -18.71
C SER C 89 -6.50 -13.25 -19.32
N ARG C 90 -6.30 -13.25 -20.63
CA ARG C 90 -5.81 -14.43 -21.29
C ARG C 90 -4.29 -14.48 -21.20
N ASP C 91 -3.74 -15.68 -21.34
CA ASP C 91 -2.30 -15.86 -21.44
C ASP C 91 -1.88 -15.56 -22.88
N SER C 92 -0.60 -15.81 -23.18
CA SER C 92 -0.07 -15.49 -24.50
C SER C 92 -0.73 -16.33 -25.59
N SER C 93 -0.85 -17.64 -25.35
CA SER C 93 -1.39 -18.53 -26.36
C SER C 93 -2.86 -18.25 -26.64
N GLY C 94 -3.60 -17.70 -25.68
CA GLY C 94 -5.04 -17.67 -25.79
C GLY C 94 -5.71 -18.97 -25.39
N ASN C 95 -4.94 -19.96 -24.95
CA ASN C 95 -5.59 -21.19 -24.51
C ASN C 95 -5.95 -21.21 -23.03
N HIS C 96 -5.56 -20.21 -22.24
CA HIS C 96 -5.83 -20.18 -20.80
C HIS C 96 -6.36 -18.82 -20.33
N VAL C 97 -6.91 -18.82 -19.12
CA VAL C 97 -7.28 -17.59 -18.42
C VAL C 97 -6.47 -17.52 -17.13
N VAL C 98 -5.91 -16.35 -16.84
CA VAL C 98 -5.02 -16.15 -15.70
C VAL C 98 -5.66 -15.12 -14.79
N PHE C 99 -5.73 -15.41 -13.50
CA PHE C 99 -6.19 -14.43 -12.52
C PHE C 99 -4.97 -13.82 -11.82
N GLY C 100 -5.04 -12.53 -11.53
CA GLY C 100 -4.12 -11.95 -10.57
C GLY C 100 -4.33 -12.52 -9.18
N GLY C 101 -3.35 -12.27 -8.31
CA GLY C 101 -3.36 -12.81 -6.97
C GLY C 101 -4.39 -12.20 -6.05
N GLY C 102 -5.01 -11.10 -6.46
CA GLY C 102 -5.98 -10.41 -5.63
C GLY C 102 -5.37 -9.26 -4.83
N THR C 103 -6.18 -8.22 -4.61
CA THR C 103 -5.85 -7.11 -3.73
C THR C 103 -6.98 -6.91 -2.74
N LYS C 104 -6.68 -7.00 -1.46
CA LYS C 104 -7.69 -6.77 -0.43
C LYS C 104 -7.82 -5.26 -0.19
N LEU C 105 -9.00 -4.71 -0.40
CA LEU C 105 -9.24 -3.29 -0.23
C LEU C 105 -9.84 -3.02 1.14
N THR C 106 -9.12 -2.28 1.98
CA THR C 106 -9.65 -1.83 3.26
C THR C 106 -10.16 -0.39 3.12
N VAL C 107 -11.32 -0.12 3.67
CA VAL C 107 -11.92 1.21 3.60
C VAL C 107 -11.89 1.79 5.01
N LEU C 108 -11.07 2.83 5.21
CA LEU C 108 -10.87 3.38 6.54
C LEU C 108 -11.98 4.35 6.91
N GLY C 109 -12.06 4.66 8.20
CA GLY C 109 -13.02 5.65 8.65
C GLY C 109 -14.44 5.18 8.78
N GLN C 110 -14.67 3.88 8.94
CA GLN C 110 -16.05 3.45 9.09
C GLN C 110 -16.55 3.72 10.51
N PRO C 111 -17.86 3.99 10.67
CA PRO C 111 -18.43 4.26 12.00
C PRO C 111 -18.43 3.05 12.92
N LYS C 112 -17.90 3.25 14.13
CA LYS C 112 -17.86 2.21 15.16
C LYS C 112 -19.27 1.89 15.69
N ALA C 113 -19.56 0.60 15.89
CA ALA C 113 -20.85 0.13 16.36
C ALA C 113 -20.69 -0.91 17.46
N ALA C 114 -21.50 -0.80 18.55
CA ALA C 114 -21.41 -1.75 19.65
C ALA C 114 -22.22 -3.02 19.37
N PRO C 115 -21.79 -4.15 19.93
CA PRO C 115 -22.43 -5.44 19.59
C PRO C 115 -23.74 -5.69 20.35
N SER C 116 -24.76 -6.05 19.59
CA SER C 116 -25.99 -6.61 20.15
C SER C 116 -25.77 -8.08 20.50
N VAL C 117 -25.95 -8.43 21.77
CA VAL C 117 -25.60 -9.75 22.31
C VAL C 117 -26.88 -10.53 22.62
N THR C 118 -26.86 -11.83 22.34
CA THR C 118 -27.99 -12.72 22.63
C THR C 118 -27.46 -14.00 23.27
N LEU C 119 -28.08 -14.45 24.36
CA LEU C 119 -27.64 -15.63 25.08
C LEU C 119 -28.78 -16.63 25.23
N PHE C 120 -28.53 -17.87 24.80
CA PHE C 120 -29.47 -18.98 24.91
C PHE C 120 -28.98 -19.99 25.94
N PRO C 121 -29.89 -20.61 26.71
CA PRO C 121 -29.48 -21.59 27.72
C PRO C 121 -29.39 -22.97 27.10
N PRO C 122 -28.86 -23.96 27.84
CA PRO C 122 -28.99 -25.36 27.39
C PRO C 122 -30.43 -25.71 27.08
N SER C 123 -30.69 -26.06 25.82
CA SER C 123 -32.01 -26.49 25.41
C SER C 123 -32.48 -27.67 26.24
N SER C 124 -33.80 -27.74 26.46
CA SER C 124 -34.30 -28.82 27.32
C SER C 124 -34.21 -30.17 26.60
N GLU C 125 -34.33 -30.19 25.28
CA GLU C 125 -34.11 -31.44 24.54
C GLU C 125 -32.67 -31.92 24.70
N GLU C 126 -31.70 -31.00 24.69
CA GLU C 126 -30.30 -31.36 24.90
C GLU C 126 -30.02 -31.80 26.34
N LEU C 127 -30.85 -31.39 27.30
CA LEU C 127 -30.66 -31.87 28.66
C LEU C 127 -31.15 -33.32 28.81
N GLN C 128 -32.20 -33.76 28.07
CA GLN C 128 -32.34 -35.20 27.82
C GLN C 128 -31.19 -35.91 27.19
N ALA C 129 -30.15 -35.28 26.71
CA ALA C 129 -29.10 -36.08 26.09
C ALA C 129 -27.80 -35.97 26.86
N ASN C 130 -27.89 -35.53 28.12
CA ASN C 130 -26.78 -35.51 29.05
C ASN C 130 -25.65 -34.59 28.58
N LYS C 131 -26.01 -33.53 27.87
CA LYS C 131 -25.06 -32.51 27.40
C LYS C 131 -25.70 -31.13 27.53
N ALA C 132 -24.84 -30.11 27.56
CA ALA C 132 -25.30 -28.73 27.70
C ALA C 132 -24.34 -27.76 27.02
N THR C 133 -24.86 -26.92 26.14
CA THR C 133 -24.06 -25.93 25.43
C THR C 133 -24.71 -24.56 25.56
N LEU C 134 -23.91 -23.58 26.00
CA LEU C 134 -24.33 -22.19 26.09
C LEU C 134 -24.02 -21.51 24.76
N VAL C 135 -25.00 -20.80 24.21
CA VAL C 135 -24.95 -20.31 22.84
C VAL C 135 -25.00 -18.80 22.91
N CYS C 136 -23.84 -18.16 22.84
CA CYS C 136 -23.74 -16.72 22.91
C CYS C 136 -23.51 -16.14 21.51
N LEU C 137 -24.52 -15.47 20.97
CA LEU C 137 -24.43 -14.84 19.66
C LEU C 137 -24.11 -13.36 19.80
N ILE C 138 -23.27 -12.86 18.91
CA ILE C 138 -22.83 -11.49 18.93
C ILE C 138 -22.94 -10.94 17.51
N SER C 139 -23.72 -9.88 17.33
CA SER C 139 -24.03 -9.36 16.00
C SER C 139 -23.95 -7.84 16.00
N ASP C 140 -23.80 -7.29 14.79
CA ASP C 140 -23.91 -5.86 14.51
C ASP C 140 -22.85 -5.02 15.23
N PHE C 141 -21.59 -5.37 15.03
CA PHE C 141 -20.50 -4.59 15.60
C PHE C 141 -19.49 -4.22 14.52
N TYR C 142 -18.77 -3.14 14.80
CA TYR C 142 -17.65 -2.73 13.95
C TYR C 142 -16.71 -1.90 14.82
N PRO C 143 -15.38 -2.12 14.72
CA PRO C 143 -14.68 -3.08 13.86
C PRO C 143 -14.85 -4.55 14.29
N GLY C 144 -14.39 -5.48 13.46
CA GLY C 144 -14.63 -6.89 13.70
C GLY C 144 -13.60 -7.55 14.58
N ALA C 145 -13.53 -7.12 15.84
CA ALA C 145 -12.58 -7.69 16.79
C ALA C 145 -13.21 -7.64 18.17
N VAL C 146 -13.53 -8.81 18.73
CA VAL C 146 -14.12 -8.89 20.06
C VAL C 146 -13.38 -9.93 20.90
N THR C 147 -13.41 -9.73 22.22
CA THR C 147 -13.01 -10.70 23.22
C THR C 147 -14.25 -11.20 23.96
N VAL C 148 -14.29 -12.50 24.23
CA VAL C 148 -15.41 -13.12 24.94
C VAL C 148 -14.87 -13.79 26.21
N ALA C 149 -15.62 -13.60 27.31
CA ALA C 149 -15.38 -14.25 28.59
C ALA C 149 -16.70 -14.84 29.10
N TRP C 150 -16.58 -15.99 29.79
CA TRP C 150 -17.70 -16.79 30.28
C TRP C 150 -17.71 -16.99 31.78
N LYS C 151 -18.89 -16.95 32.38
CA LYS C 151 -18.95 -17.00 33.85
C LYS C 151 -19.97 -17.96 34.41
N ALA C 152 -19.42 -18.90 35.19
CA ALA C 152 -20.06 -19.78 36.16
C ALA C 152 -20.25 -18.96 37.43
N ASP C 153 -21.48 -18.48 37.64
CA ASP C 153 -21.79 -17.42 38.59
C ASP C 153 -20.95 -16.19 38.24
N SER C 154 -19.82 -16.00 38.92
CA SER C 154 -18.88 -14.93 38.56
C SER C 154 -17.44 -15.45 38.61
N SER C 155 -17.21 -16.66 38.11
CA SER C 155 -15.93 -17.32 38.11
C SER C 155 -15.44 -17.58 36.69
N PRO C 156 -14.15 -17.38 36.41
CA PRO C 156 -13.68 -17.50 35.02
C PRO C 156 -13.72 -18.93 34.48
N VAL C 157 -14.57 -19.12 33.49
CA VAL C 157 -14.80 -20.43 32.88
C VAL C 157 -13.91 -20.49 31.65
N LYS C 158 -12.91 -21.36 31.72
CA LYS C 158 -11.80 -21.37 30.77
C LYS C 158 -11.70 -22.65 29.96
N ALA C 159 -12.56 -23.63 30.21
CA ALA C 159 -12.55 -24.89 29.49
C ALA C 159 -13.85 -25.11 28.72
N GLY C 160 -13.73 -25.70 27.53
CA GLY C 160 -14.91 -26.04 26.75
C GLY C 160 -15.59 -24.90 26.03
N VAL C 161 -14.88 -23.81 25.76
CA VAL C 161 -15.45 -22.65 25.07
C VAL C 161 -14.74 -22.47 23.73
N GLU C 162 -15.53 -22.28 22.67
CA GLU C 162 -14.99 -22.01 21.34
C GLU C 162 -15.71 -20.83 20.70
N THR C 163 -14.95 -19.81 20.35
CA THR C 163 -15.45 -18.60 19.71
C THR C 163 -15.04 -18.56 18.24
N THR C 164 -15.88 -17.96 17.40
CA THR C 164 -15.55 -17.79 16.00
C THR C 164 -14.76 -16.51 15.80
N THR C 165 -14.10 -16.43 14.64
CA THR C 165 -13.53 -15.18 14.14
C THR C 165 -14.67 -14.33 13.57
N PRO C 166 -14.72 -13.05 13.88
CA PRO C 166 -15.80 -12.21 13.34
C PRO C 166 -15.86 -12.23 11.81
N SER C 167 -17.10 -12.30 11.29
CA SER C 167 -17.38 -12.35 9.86
C SER C 167 -18.30 -11.19 9.48
N LYS C 168 -18.21 -10.71 8.24
CA LYS C 168 -18.93 -9.50 7.85
C LYS C 168 -20.33 -9.86 7.37
N GLN C 169 -21.32 -9.13 7.89
CA GLN C 169 -22.72 -9.32 7.50
C GLN C 169 -23.03 -8.57 6.20
N SER C 170 -24.27 -8.76 5.73
CA SER C 170 -24.74 -8.06 4.54
C SER C 170 -24.78 -6.55 4.77
N ASN C 171 -24.96 -6.11 6.02
CA ASN C 171 -25.01 -4.70 6.38
C ASN C 171 -23.63 -4.12 6.68
N ASN C 172 -22.57 -4.80 6.26
CA ASN C 172 -21.19 -4.35 6.44
C ASN C 172 -20.84 -4.12 7.92
N LYS C 173 -21.49 -4.86 8.80
CA LYS C 173 -21.05 -5.00 10.19
C LYS C 173 -20.70 -6.48 10.42
N TYR C 174 -20.25 -6.81 11.64
CA TYR C 174 -19.66 -8.11 11.90
C TYR C 174 -20.52 -8.96 12.82
N ALA C 175 -20.27 -10.27 12.79
CA ALA C 175 -21.01 -11.24 13.60
C ALA C 175 -20.05 -12.30 14.11
N ALA C 176 -20.35 -12.81 15.31
CA ALA C 176 -19.52 -13.82 15.94
C ALA C 176 -20.41 -14.65 16.88
N SER C 177 -19.89 -15.82 17.26
CA SER C 177 -20.56 -16.69 18.22
C SER C 177 -19.52 -17.19 19.20
N SER C 178 -19.98 -17.52 20.40
CA SER C 178 -19.17 -18.29 21.32
C SER C 178 -20.02 -19.38 21.93
N TYR C 179 -19.42 -20.56 22.09
CA TYR C 179 -20.12 -21.71 22.63
C TYR C 179 -19.33 -22.22 23.82
N LEU C 180 -19.96 -22.23 24.99
CA LEU C 180 -19.43 -22.91 26.15
C LEU C 180 -20.20 -24.20 26.32
N SER C 181 -19.48 -25.31 26.39
CA SER C 181 -20.09 -26.62 26.53
C SER C 181 -19.86 -27.14 27.94
N LEU C 182 -20.92 -27.63 28.57
CA LEU C 182 -20.85 -28.17 29.92
C LEU C 182 -21.62 -29.48 29.99
N THR C 183 -21.18 -30.35 30.91
CA THR C 183 -22.01 -31.44 31.38
C THR C 183 -23.19 -30.88 32.18
N PRO C 184 -24.39 -31.46 32.04
CA PRO C 184 -25.56 -30.91 32.76
C PRO C 184 -25.40 -30.83 34.27
N GLU C 185 -24.36 -31.44 34.86
CA GLU C 185 -24.05 -31.20 36.27
C GLU C 185 -23.68 -29.74 36.51
N GLN C 186 -22.62 -29.26 35.87
CA GLN C 186 -22.15 -27.90 36.16
C GLN C 186 -23.11 -26.83 35.66
N TRP C 187 -24.01 -27.16 34.73
CA TRP C 187 -25.08 -26.23 34.38
C TRP C 187 -26.02 -26.02 35.56
N LYS C 188 -26.33 -27.10 36.29
CA LYS C 188 -27.19 -27.02 37.47
C LYS C 188 -26.39 -26.80 38.75
N SER C 189 -25.07 -27.05 38.72
CA SER C 189 -24.25 -26.77 39.89
C SER C 189 -24.05 -25.28 40.10
N HIS C 190 -24.46 -24.45 39.13
CA HIS C 190 -24.42 -23.01 39.27
C HIS C 190 -25.79 -22.45 38.89
N ARG C 191 -26.18 -21.40 39.61
CA ARG C 191 -27.46 -20.73 39.44
C ARG C 191 -27.39 -19.62 38.38
N SER C 192 -26.20 -19.38 37.82
CA SER C 192 -25.95 -18.15 37.07
C SER C 192 -24.85 -18.42 36.07
N TYR C 193 -25.16 -18.20 34.78
CA TYR C 193 -24.16 -18.22 33.72
C TYR C 193 -24.30 -16.97 32.87
N SER C 194 -23.16 -16.45 32.40
CA SER C 194 -23.15 -15.22 31.61
C SER C 194 -22.06 -15.30 30.54
N CYS C 195 -22.34 -14.72 29.37
CA CYS C 195 -21.35 -14.62 28.30
C CYS C 195 -20.98 -13.16 28.23
N GLN C 196 -19.71 -12.78 28.43
CA GLN C 196 -19.42 -11.33 28.58
C GLN C 196 -18.54 -10.87 27.41
N VAL C 197 -19.09 -10.00 26.56
CA VAL C 197 -18.52 -9.60 25.29
C VAL C 197 -17.96 -8.17 25.34
N THR C 198 -16.64 -8.03 25.18
CA THR C 198 -15.95 -6.74 25.13
C THR C 198 -15.61 -6.34 23.70
N HIS C 199 -16.00 -5.12 23.31
CA HIS C 199 -15.75 -4.60 21.96
C HIS C 199 -15.26 -3.17 22.07
N GLU C 200 -13.99 -2.94 21.74
CA GLU C 200 -13.36 -1.62 21.81
C GLU C 200 -13.53 -1.03 23.22
N GLY C 201 -13.08 -1.79 24.21
CA GLY C 201 -13.06 -1.42 25.62
C GLY C 201 -14.38 -1.39 26.36
N SER C 202 -15.49 -1.67 25.69
CA SER C 202 -16.82 -1.64 26.31
C SER C 202 -17.43 -3.03 26.27
N THR C 203 -17.91 -3.51 27.42
CA THR C 203 -18.36 -4.89 27.56
C THR C 203 -19.88 -4.93 27.68
N VAL C 204 -20.54 -5.64 26.76
CA VAL C 204 -21.96 -5.96 26.85
C VAL C 204 -22.03 -7.35 27.46
N GLU C 205 -23.09 -7.59 28.24
CA GLU C 205 -23.19 -8.84 28.97
C GLU C 205 -24.62 -9.33 28.97
N LYS C 206 -24.79 -10.66 29.00
CA LYS C 206 -26.10 -11.25 29.19
C LYS C 206 -25.97 -12.52 29.99
N THR C 207 -27.07 -12.92 30.65
CA THR C 207 -27.07 -13.97 31.65
C THR C 207 -28.29 -14.87 31.48
N VAL C 208 -28.10 -16.17 31.72
CA VAL C 208 -29.19 -17.13 31.76
C VAL C 208 -29.07 -17.97 33.02
N ALA C 209 -30.18 -18.59 33.41
CA ALA C 209 -30.28 -19.33 34.66
C ALA C 209 -31.05 -20.63 34.45
N PRO C 210 -30.76 -21.66 35.24
CA PRO C 210 -31.54 -22.91 35.15
C PRO C 210 -33.02 -22.76 35.50
N THR C 211 -33.46 -21.60 36.00
CA THR C 211 -34.84 -21.41 36.45
C THR C 211 -35.85 -21.68 35.34
N ASP D 1 24.55 36.31 5.45
CA ASP D 1 25.09 36.03 4.11
C ASP D 1 26.20 34.99 4.23
N GLY D 2 27.41 35.45 4.54
CA GLY D 2 28.53 34.53 4.63
C GLY D 2 28.39 33.53 5.76
N ILE D 3 27.49 33.79 6.71
CA ILE D 3 27.31 32.94 7.89
C ILE D 3 26.47 31.71 7.53
N GLN D 4 26.90 30.55 8.04
CA GLN D 4 26.20 29.30 7.78
C GLN D 4 24.76 29.32 8.30
N ASP D 5 23.85 28.75 7.49
CA ASP D 5 22.41 28.76 7.70
C ASP D 5 21.86 27.34 7.75
N SER D 6 20.99 27.08 8.73
CA SER D 6 20.35 25.78 8.89
C SER D 6 18.98 25.74 8.22
N GLY D 7 18.12 26.71 8.57
CA GLY D 7 16.76 26.79 8.08
C GLY D 7 16.63 27.01 6.59
N PRO D 8 15.40 27.27 6.14
CA PRO D 8 15.16 27.49 4.73
C PRO D 8 15.65 28.86 4.28
N ILE D 9 15.83 29.00 2.96
CA ILE D 9 16.15 30.30 2.39
C ILE D 9 15.04 31.30 2.71
N ILE D 10 13.78 30.91 2.47
CA ILE D 10 12.67 31.85 2.64
C ILE D 10 11.44 31.22 3.30
N CYS D 11 11.07 29.99 2.91
CA CYS D 11 9.76 29.41 3.23
C CYS D 11 9.89 28.17 4.12
N ALA D 12 9.08 28.14 5.20
CA ALA D 12 9.01 26.96 6.06
C ALA D 12 8.43 25.79 5.31
N GLY D 13 8.86 24.58 5.71
CA GLY D 13 8.55 23.36 5.00
C GLY D 13 7.07 23.22 4.77
N PRO D 14 6.70 22.61 3.65
CA PRO D 14 5.28 22.57 3.28
C PRO D 14 4.50 21.61 4.18
N ILE D 15 3.26 22.00 4.51
CA ILE D 15 2.27 21.05 5.00
C ILE D 15 1.19 20.88 3.94
N HIS D 16 1.39 19.98 2.99
CA HIS D 16 0.39 19.71 1.99
C HIS D 16 -0.77 18.92 2.58
N SER D 17 -1.95 19.06 1.96
CA SER D 17 -3.06 18.20 2.33
C SER D 17 -3.59 17.38 1.16
N ASN D 18 -3.54 17.92 -0.05
CA ASN D 18 -4.13 17.31 -1.23
C ASN D 18 -2.98 16.89 -2.15
N LYS D 19 -2.80 15.57 -2.29
CA LYS D 19 -1.77 15.04 -3.17
C LYS D 19 -2.02 15.34 -4.64
N SER D 20 -3.25 15.72 -5.00
CA SER D 20 -3.59 16.02 -6.38
C SER D 20 -3.53 17.51 -6.69
N ALA D 21 -3.10 18.33 -5.73
CA ALA D 21 -3.01 19.77 -5.94
C ALA D 21 -2.09 20.08 -7.12
N ASP D 22 -2.44 21.12 -7.87
CA ASP D 22 -1.66 21.53 -9.03
C ASP D 22 -0.42 22.30 -8.60
N ILE D 23 0.64 22.17 -9.39
CA ILE D 23 1.87 22.92 -9.20
C ILE D 23 1.87 24.11 -10.16
N PRO D 24 1.56 25.30 -9.66
CA PRO D 24 1.50 26.48 -10.53
C PRO D 24 2.89 26.89 -11.03
N HIS D 25 2.94 27.42 -12.25
CA HIS D 25 4.14 28.12 -12.66
C HIS D 25 4.15 29.50 -12.02
N LEU D 26 5.25 29.83 -11.34
CA LEU D 26 5.43 31.10 -10.67
C LEU D 26 6.55 31.86 -11.36
N LEU D 27 6.32 33.12 -11.69
CA LEU D 27 7.31 33.84 -12.48
C LEU D 27 8.38 34.52 -11.62
N GLY D 28 8.04 34.91 -10.40
CA GLY D 28 8.98 35.66 -9.59
C GLY D 28 10.13 34.82 -9.07
N TYR D 29 11.29 35.47 -8.88
CA TYR D 29 12.46 34.77 -8.34
C TYR D 29 12.21 34.24 -6.95
N SER D 30 11.75 35.10 -6.04
CA SER D 30 11.50 34.66 -4.68
C SER D 30 10.36 33.65 -4.63
N GLU D 31 9.36 33.78 -5.51
CA GLU D 31 8.34 32.75 -5.58
C GLU D 31 8.97 31.41 -5.92
N LYS D 32 9.94 31.41 -6.85
CA LYS D 32 10.61 30.16 -7.23
C LYS D 32 11.46 29.63 -6.08
N ILE D 33 12.17 30.51 -5.38
CA ILE D 33 13.00 30.06 -4.26
C ILE D 33 12.12 29.41 -3.20
N CYS D 34 10.92 29.97 -2.98
CA CYS D 34 9.99 29.37 -2.04
C CYS D 34 9.63 27.95 -2.43
N GLN D 35 9.36 27.71 -3.70
CA GLN D 35 9.10 26.35 -4.18
C GLN D 35 10.32 25.45 -3.97
N ILE D 36 11.51 26.00 -4.22
CA ILE D 36 12.74 25.24 -3.97
C ILE D 36 12.82 24.85 -2.49
N ASP D 37 12.60 25.82 -1.60
CA ASP D 37 12.57 25.53 -0.16
C ASP D 37 11.61 24.39 0.14
N ARG D 38 10.46 24.38 -0.53
CA ARG D 38 9.42 23.44 -0.19
C ARG D 38 9.50 22.12 -0.96
N LEU D 39 10.55 21.94 -1.77
CA LEU D 39 10.76 20.72 -2.56
C LEU D 39 9.62 20.48 -3.55
N ILE D 40 8.97 21.56 -3.97
CA ILE D 40 7.94 21.41 -4.99
C ILE D 40 8.57 21.10 -6.35
N HIS D 41 9.83 21.51 -6.58
CA HIS D 41 10.48 21.22 -7.86
C HIS D 41 10.79 19.73 -8.01
N VAL D 42 11.26 19.08 -6.95
CA VAL D 42 11.50 17.64 -7.09
C VAL D 42 10.16 16.90 -7.24
N SER D 43 9.13 17.36 -6.54
CA SER D 43 7.79 16.79 -6.71
C SER D 43 7.29 16.98 -8.13
N SER D 44 7.48 18.18 -8.72
CA SER D 44 7.07 18.40 -10.10
C SER D 44 7.84 17.47 -11.04
N TRP D 45 9.17 17.38 -10.85
CA TRP D 45 10.02 16.47 -11.61
C TRP D 45 9.47 15.05 -11.58
N LEU D 46 9.01 14.59 -10.41
CA LEU D 46 8.51 13.22 -10.27
C LEU D 46 7.16 13.05 -10.94
N ARG D 47 6.28 14.06 -10.88
CA ARG D 47 5.04 13.95 -11.63
C ARG D 47 5.31 13.86 -13.13
N ASN D 48 6.27 14.63 -13.64
CA ASN D 48 6.50 14.64 -15.08
C ASN D 48 7.14 13.34 -15.57
N HIS D 49 8.08 12.79 -14.81
CA HIS D 49 8.93 11.75 -15.36
C HIS D 49 8.62 10.36 -14.84
N SER D 50 7.93 10.23 -13.71
CA SER D 50 7.69 8.92 -13.14
C SER D 50 6.23 8.63 -12.86
N GLN D 51 5.32 9.50 -13.28
CA GLN D 51 3.91 9.36 -12.93
C GLN D 51 3.79 9.14 -11.42
N PHE D 52 4.54 9.94 -10.69
CA PHE D 52 4.37 10.02 -9.26
C PHE D 52 3.20 10.95 -9.02
N GLN D 53 2.38 10.62 -8.04
CA GLN D 53 1.28 11.48 -7.63
C GLN D 53 1.62 12.08 -6.27
N GLY D 54 1.62 13.39 -6.19
CA GLY D 54 1.75 14.05 -4.90
C GLY D 54 3.04 14.83 -4.72
N TYR D 55 3.65 14.69 -3.56
CA TYR D 55 4.78 15.54 -3.20
C TYR D 55 5.79 14.74 -2.41
N VAL D 56 7.03 15.18 -2.48
CA VAL D 56 8.07 14.81 -1.54
C VAL D 56 8.47 16.07 -0.80
N GLY D 57 8.94 15.90 0.42
CA GLY D 57 9.30 17.02 1.27
C GLY D 57 8.22 17.46 2.22
N GLN D 58 7.18 16.64 2.40
CA GLN D 58 6.13 16.97 3.35
C GLN D 58 6.77 17.23 4.72
N ARG D 59 6.41 18.37 5.31
CA ARG D 59 6.84 18.82 6.64
C ARG D 59 8.30 19.22 6.70
N GLY D 60 9.14 18.60 5.88
CA GLY D 60 10.57 18.81 5.99
C GLY D 60 11.17 19.87 5.09
N GLY D 61 10.80 19.84 3.82
CA GLY D 61 11.35 20.75 2.87
C GLY D 61 12.79 20.39 2.48
N ARG D 62 13.39 21.34 1.76
CA ARG D 62 14.70 21.09 1.15
C ARG D 62 15.76 20.84 2.22
N SER D 63 15.63 21.44 3.39
CA SER D 63 16.72 21.33 4.34
C SER D 63 16.74 20.00 5.09
N GLN D 64 15.84 19.06 4.76
CA GLN D 64 15.89 17.71 5.32
C GLN D 64 16.10 16.66 4.24
N VAL D 65 16.41 17.11 3.03
CA VAL D 65 16.85 16.17 2.00
C VAL D 65 18.10 15.40 2.44
N SER D 66 18.25 14.19 1.91
CA SER D 66 19.36 13.30 2.16
C SER D 66 20.55 13.58 1.23
N TYR D 67 21.78 13.51 1.77
CA TYR D 67 22.98 13.68 0.95
C TYR D 67 23.87 12.46 1.06
N TYR D 68 24.57 12.13 -0.04
CA TYR D 68 25.67 11.17 -0.02
C TYR D 68 26.92 11.85 -0.56
N PRO D 69 28.03 11.90 0.19
CA PRO D 69 28.19 11.44 1.59
C PRO D 69 27.44 12.38 2.53
N ALA D 70 27.05 11.92 3.74
CA ALA D 70 26.33 12.77 4.67
C ALA D 70 27.14 14.01 5.05
N GLU D 71 28.46 13.86 5.14
CA GLU D 71 29.36 14.99 5.37
C GLU D 71 29.37 15.83 4.11
N ASN D 72 28.68 16.95 4.17
CA ASN D 72 28.38 17.72 2.98
C ASN D 72 28.55 19.19 3.32
N SER D 73 29.45 19.85 2.60
CA SER D 73 29.81 21.22 2.96
C SER D 73 28.78 22.23 2.47
N TYR D 74 28.37 22.14 1.20
CA TYR D 74 27.61 23.23 0.60
C TYR D 74 26.19 23.30 1.11
N SER D 75 25.65 22.22 1.67
CA SER D 75 24.35 22.26 2.31
C SER D 75 24.35 23.05 3.60
N ARG D 76 25.53 23.40 4.13
CA ARG D 76 25.52 24.19 5.36
C ARG D 76 25.11 25.64 5.10
N TRP D 77 25.08 26.07 3.83
CA TRP D 77 24.59 27.39 3.42
C TRP D 77 23.31 27.16 2.62
N SER D 78 22.16 27.59 3.16
CA SER D 78 20.89 27.32 2.49
C SER D 78 20.81 27.99 1.11
N GLY D 79 21.52 29.10 0.91
CA GLY D 79 21.42 29.74 -0.39
C GLY D 79 22.20 29.08 -1.51
N LEU D 80 23.08 28.11 -1.23
CA LEU D 80 23.80 27.46 -2.33
C LEU D 80 22.87 26.49 -3.08
N LEU D 81 22.88 26.57 -4.41
CA LEU D 81 21.94 25.80 -5.22
C LEU D 81 22.46 24.40 -5.50
N SER D 82 21.60 23.39 -5.35
CA SER D 82 21.88 22.05 -5.81
C SER D 82 21.52 21.94 -7.29
N PRO D 83 21.95 20.87 -7.98
CA PRO D 83 21.54 20.73 -9.39
C PRO D 83 20.01 20.82 -9.57
N CYS D 84 19.23 20.17 -8.70
CA CYS D 84 17.77 20.25 -8.83
C CYS D 84 17.27 21.68 -8.66
N ASP D 85 17.84 22.41 -7.70
CA ASP D 85 17.49 23.81 -7.53
C ASP D 85 17.75 24.60 -8.79
N ALA D 86 18.96 24.50 -9.33
CA ALA D 86 19.32 25.20 -10.57
C ALA D 86 18.41 24.80 -11.72
N ASP D 87 18.02 23.52 -11.77
CA ASP D 87 17.07 23.05 -12.78
C ASP D 87 15.76 23.81 -12.69
N TRP D 88 15.22 23.97 -11.49
CA TRP D 88 13.99 24.75 -11.35
C TRP D 88 14.17 26.16 -11.85
N LEU D 89 15.37 26.71 -11.68
CA LEU D 89 15.68 28.08 -12.07
C LEU D 89 16.09 28.21 -13.54
N GLY D 90 16.03 27.13 -14.31
CA GLY D 90 16.34 27.16 -15.73
C GLY D 90 17.82 27.20 -16.09
N MET D 91 18.71 26.96 -15.12
CA MET D 91 20.15 27.07 -15.35
C MET D 91 20.78 25.81 -15.94
N LEU D 92 20.08 24.68 -15.87
CA LEU D 92 20.55 23.37 -16.33
C LEU D 92 19.36 22.44 -16.28
N VAL D 93 19.52 21.25 -16.84
CA VAL D 93 18.46 20.28 -16.89
C VAL D 93 18.93 19.02 -16.19
N VAL D 94 18.15 18.57 -15.21
CA VAL D 94 18.36 17.26 -14.59
C VAL D 94 17.50 16.30 -15.40
N LYS D 95 18.16 15.45 -16.18
CA LYS D 95 17.47 14.57 -17.12
C LYS D 95 16.99 13.30 -16.46
N LYS D 96 16.00 12.68 -17.07
CA LYS D 96 15.50 11.40 -16.61
C LYS D 96 16.50 10.29 -16.93
N ALA D 97 16.72 9.41 -15.97
CA ALA D 97 17.65 8.30 -16.20
C ALA D 97 17.21 7.41 -17.35
N LYS D 98 18.16 7.03 -18.17
CA LYS D 98 18.04 5.88 -19.05
C LYS D 98 18.74 4.70 -18.41
N GLY D 99 18.44 3.50 -18.94
CA GLY D 99 19.06 2.29 -18.40
C GLY D 99 20.57 2.30 -18.51
N SER D 100 21.11 3.04 -19.47
CA SER D 100 22.56 3.07 -19.65
C SER D 100 23.26 3.98 -18.65
N ASP D 101 22.52 4.84 -17.95
CA ASP D 101 23.12 5.71 -16.94
C ASP D 101 23.50 4.87 -15.73
N MET D 102 24.79 4.88 -15.36
CA MET D 102 25.27 4.00 -14.30
C MET D 102 24.93 4.58 -12.93
N ILE D 103 24.36 3.74 -12.08
CA ILE D 103 24.02 4.09 -10.70
C ILE D 103 25.27 3.87 -9.86
N VAL D 104 25.77 4.91 -9.20
CA VAL D 104 27.03 4.75 -8.47
C VAL D 104 26.79 3.97 -7.19
N PRO D 105 27.67 3.05 -6.83
CA PRO D 105 27.61 2.43 -5.50
C PRO D 105 28.12 3.37 -4.41
N GLY D 106 27.58 3.15 -3.20
CA GLY D 106 27.92 3.92 -2.02
C GLY D 106 26.72 4.52 -1.32
N PRO D 107 25.86 5.27 -2.04
CA PRO D 107 24.64 5.80 -1.39
C PRO D 107 23.78 4.66 -0.87
N SER D 108 23.03 4.96 0.21
CA SER D 108 21.98 4.08 0.70
C SER D 108 20.67 4.42 -0.01
N TYR D 109 20.27 3.56 -0.94
CA TYR D 109 19.15 3.79 -1.85
C TYR D 109 17.82 3.26 -1.34
N LYS D 110 17.82 2.34 -0.39
CA LYS D 110 16.58 1.66 -0.02
C LYS D 110 15.52 2.67 0.39
N GLY D 111 14.38 2.65 -0.30
CA GLY D 111 13.25 3.47 0.07
C GLY D 111 13.23 4.84 -0.55
N LYS D 112 14.29 5.22 -1.29
CA LYS D 112 14.28 6.53 -1.88
C LYS D 112 13.28 6.57 -3.03
N VAL D 113 12.64 7.74 -3.20
CA VAL D 113 11.67 7.96 -4.27
C VAL D 113 12.33 8.78 -5.38
N PHE D 114 13.30 9.62 -5.03
CA PHE D 114 14.07 10.38 -6.02
C PHE D 114 15.54 10.40 -5.63
N PHE D 115 16.44 10.25 -6.61
CA PHE D 115 17.83 10.62 -6.37
C PHE D 115 18.45 11.15 -7.66
N GLU D 116 19.50 11.98 -7.51
CA GLU D 116 20.21 12.51 -8.66
C GLU D 116 21.71 12.56 -8.41
N ARG D 117 22.47 12.54 -9.50
CA ARG D 117 23.91 12.76 -9.39
C ARG D 117 24.40 13.56 -10.59
N PRO D 118 25.40 14.41 -10.38
CA PRO D 118 26.16 14.94 -11.52
C PRO D 118 26.78 13.78 -12.30
N THR D 119 26.84 13.94 -13.61
CA THR D 119 27.54 12.98 -14.46
C THR D 119 28.55 13.78 -15.28
N PHE D 120 29.39 13.07 -16.04
CA PHE D 120 30.43 13.74 -16.80
C PHE D 120 29.86 14.77 -17.77
N ASP D 121 28.70 14.50 -18.35
CA ASP D 121 28.12 15.39 -19.34
C ASP D 121 26.76 15.91 -18.94
N GLY D 122 26.41 15.83 -17.66
CA GLY D 122 25.12 16.38 -17.27
C GLY D 122 24.74 16.02 -15.85
N TYR D 123 23.43 15.89 -15.65
CA TYR D 123 22.85 15.60 -14.36
C TYR D 123 21.66 14.70 -14.62
N VAL D 124 21.60 13.57 -13.92
CA VAL D 124 20.59 12.55 -14.13
C VAL D 124 19.83 12.33 -12.85
N GLY D 125 18.51 12.23 -12.97
CA GLY D 125 17.64 11.92 -11.85
C GLY D 125 16.95 10.59 -12.07
N TRP D 126 16.73 9.87 -10.97
CA TRP D 126 16.02 8.60 -10.95
C TRP D 126 14.78 8.75 -10.07
N GLY D 127 13.60 8.45 -10.64
CA GLY D 127 12.35 8.58 -9.92
C GLY D 127 11.60 7.26 -9.84
N CYS D 128 10.57 7.26 -9.01
CA CYS D 128 9.70 6.13 -8.79
C CYS D 128 8.25 6.60 -8.85
N GLY D 129 7.37 5.71 -9.32
CA GLY D 129 5.95 6.01 -9.41
C GLY D 129 5.23 5.94 -8.07
N SER D 130 3.92 6.19 -8.13
CA SER D 130 3.07 6.14 -6.95
C SER D 130 3.15 4.77 -6.29
N GLY D 131 3.23 4.78 -4.96
CA GLY D 131 3.30 3.57 -4.16
C GLY D 131 4.58 2.78 -4.27
N LYS D 132 5.64 3.31 -4.89
CA LYS D 132 6.88 2.57 -5.04
C LYS D 132 8.06 3.32 -4.43
N SER D 133 9.15 2.59 -4.21
CA SER D 133 10.41 3.18 -3.79
C SER D 133 11.53 2.29 -4.29
N ARG D 134 12.77 2.79 -4.17
CA ARG D 134 13.92 2.10 -4.73
C ARG D 134 14.39 0.94 -3.84
N THR D 135 14.75 -0.17 -4.50
CA THR D 135 15.38 -1.31 -3.84
C THR D 135 16.78 -0.93 -3.37
N GLU D 136 17.38 -1.81 -2.56
CA GLU D 136 18.67 -1.49 -1.94
C GLU D 136 19.73 -1.12 -2.97
N SER D 137 19.80 -1.86 -4.07
CA SER D 137 20.77 -1.59 -5.12
C SER D 137 20.46 -0.33 -5.91
N GLY D 138 19.27 0.25 -5.74
CA GLY D 138 18.81 1.37 -6.54
C GLY D 138 18.32 1.03 -7.95
N GLU D 139 18.37 -0.24 -8.37
CA GLU D 139 18.10 -0.55 -9.77
C GLU D 139 16.61 -0.60 -10.10
N LEU D 140 15.76 -0.96 -9.14
CA LEU D 140 14.33 -1.12 -9.42
C LEU D 140 13.49 -0.35 -8.40
N CYS D 141 12.25 -0.05 -8.81
CA CYS D 141 11.23 0.47 -7.91
C CYS D 141 10.26 -0.68 -7.59
N SER D 142 10.18 -1.06 -6.32
CA SER D 142 9.23 -2.07 -5.87
C SER D 142 8.19 -1.43 -4.95
N SER D 143 7.08 -2.14 -4.73
CA SER D 143 5.95 -1.62 -3.96
C SER D 143 6.36 -1.34 -2.51
N ASP D 144 5.93 -0.19 -2.00
CA ASP D 144 6.33 0.27 -0.68
C ASP D 144 5.12 0.94 -0.06
N SER D 145 4.57 0.30 0.97
CA SER D 145 3.33 0.77 1.59
C SER D 145 3.48 2.14 2.26
N GLY D 146 4.68 2.48 2.74
CA GLY D 146 4.95 3.73 3.39
C GLY D 146 4.89 4.96 2.50
N THR D 147 4.81 4.77 1.18
CA THR D 147 4.69 5.89 0.25
C THR D 147 3.25 6.14 -0.19
N SER D 148 2.31 5.33 0.32
CA SER D 148 0.94 5.30 -0.24
C SER D 148 0.26 6.67 -0.21
N SER D 149 0.47 7.45 0.84
CA SER D 149 -0.20 8.74 0.92
C SER D 149 0.21 9.69 -0.20
N GLY D 150 1.39 9.49 -0.80
CA GLY D 150 1.89 10.45 -1.78
C GLY D 150 2.19 11.81 -1.20
N LEU D 151 2.32 11.93 0.13
CA LEU D 151 2.78 13.14 0.80
C LEU D 151 4.00 12.72 1.62
N LEU D 152 5.20 12.67 0.92
CA LEU D 152 6.35 11.94 1.44
C LEU D 152 7.37 12.85 2.11
N PRO D 153 8.07 12.32 3.12
CA PRO D 153 9.11 13.10 3.80
C PRO D 153 10.29 13.39 2.90
N SER D 154 11.02 14.44 3.29
CA SER D 154 12.20 14.86 2.54
C SER D 154 13.25 13.75 2.48
N ASP D 155 13.26 12.87 3.49
CA ASP D 155 14.24 11.78 3.51
C ASP D 155 14.08 10.83 2.32
N ARG D 156 12.92 10.83 1.65
CA ARG D 156 12.78 10.03 0.43
C ARG D 156 13.55 10.61 -0.77
N VAL D 157 14.22 11.76 -0.60
CA VAL D 157 14.96 12.43 -1.66
C VAL D 157 16.45 12.32 -1.36
N LEU D 158 17.25 11.94 -2.36
CA LEU D 158 18.70 11.82 -2.17
C LEU D 158 19.43 12.62 -3.25
N TRP D 159 20.34 13.50 -2.83
CA TRP D 159 21.19 14.29 -3.72
C TRP D 159 22.63 13.83 -3.53
N ILE D 160 23.27 13.40 -4.62
CA ILE D 160 24.58 12.77 -4.54
C ILE D 160 25.63 13.82 -4.89
N GLY D 161 26.60 13.98 -4.02
CA GLY D 161 27.68 14.90 -4.26
C GLY D 161 27.55 16.16 -3.43
N ASP D 162 28.68 16.83 -3.29
CA ASP D 162 28.79 18.13 -2.64
C ASP D 162 28.88 19.13 -3.78
N VAL D 163 27.76 19.80 -4.09
CA VAL D 163 27.63 20.55 -5.35
C VAL D 163 27.07 21.92 -5.07
N ALA D 164 27.67 22.93 -5.70
CA ALA D 164 27.17 24.30 -5.71
C ALA D 164 27.00 24.77 -7.16
N CYS D 165 25.85 25.37 -7.46
CA CYS D 165 25.52 25.85 -8.81
C CYS D 165 25.14 27.33 -8.72
N GLN D 166 25.39 28.08 -9.79
CA GLN D 166 25.39 29.54 -9.74
C GLN D 166 25.34 30.08 -11.17
N PRO D 167 24.98 31.35 -11.34
CA PRO D 167 25.13 31.97 -12.67
C PRO D 167 26.59 31.95 -13.08
N MET D 168 26.84 31.52 -14.31
CA MET D 168 28.20 31.35 -14.80
C MET D 168 28.61 32.55 -15.64
N THR D 169 29.92 32.72 -15.82
CA THR D 169 30.40 33.58 -16.87
C THR D 169 30.76 32.70 -18.07
N PRO D 170 29.99 32.70 -19.14
CA PRO D 170 30.28 31.80 -20.26
C PRO D 170 31.67 32.04 -20.84
N ILE D 171 32.33 30.97 -21.27
CA ILE D 171 33.70 31.01 -21.80
C ILE D 171 33.68 30.56 -23.25
N PRO D 172 34.63 31.01 -24.07
CA PRO D 172 34.73 30.56 -25.46
C PRO D 172 35.09 29.08 -25.56
N GLU D 173 34.76 28.51 -26.73
CA GLU D 173 35.11 27.13 -27.01
C GLU D 173 36.61 26.89 -26.85
N GLU D 174 37.44 27.84 -27.27
CA GLU D 174 38.88 27.62 -27.22
C GLU D 174 39.38 27.50 -25.80
N THR D 175 38.78 28.25 -24.87
CA THR D 175 39.10 28.11 -23.46
C THR D 175 38.72 26.72 -22.95
N PHE D 176 37.51 26.26 -23.30
CA PHE D 176 37.08 24.93 -22.88
C PHE D 176 38.05 23.87 -23.37
N LEU D 177 38.51 23.97 -24.63
CA LEU D 177 39.44 22.97 -25.14
C LEU D 177 40.75 23.00 -24.38
N GLU D 178 41.21 24.18 -23.97
CA GLU D 178 42.44 24.21 -23.20
C GLU D 178 42.24 23.57 -21.84
N LEU D 179 41.11 23.86 -21.19
CA LEU D 179 40.80 23.24 -19.90
C LEU D 179 40.67 21.73 -20.03
N LYS D 180 39.97 21.27 -21.06
CA LYS D 180 39.80 19.83 -21.24
C LYS D 180 41.15 19.13 -21.38
N SER D 181 42.07 19.72 -22.17
CA SER D 181 43.40 19.14 -22.36
C SER D 181 44.17 19.06 -21.05
N PHE D 182 44.14 20.15 -20.28
CA PHE D 182 44.82 20.12 -18.99
C PHE D 182 44.22 19.05 -18.09
N SER D 183 42.90 18.91 -18.14
CA SER D 183 42.25 17.86 -17.39
C SER D 183 42.73 16.49 -17.85
N GLN D 184 42.85 16.29 -19.16
CA GLN D 184 43.33 15.01 -19.68
C GLN D 184 44.74 14.70 -19.20
N SER D 185 45.60 15.72 -19.15
CA SER D 185 46.98 15.52 -18.74
C SER D 185 47.09 15.16 -17.26
N GLU D 186 46.11 15.56 -16.43
CA GLU D 186 46.10 15.24 -15.01
C GLU D 186 45.51 13.87 -14.73
N PHE D 187 44.76 13.33 -15.67
CA PHE D 187 44.13 12.01 -15.51
C PHE D 187 44.47 11.15 -16.73
N PRO D 188 45.75 10.90 -16.97
CA PRO D 188 46.14 10.26 -18.22
C PRO D 188 45.70 8.81 -18.33
N ASP D 189 45.38 8.15 -17.23
CA ASP D 189 44.98 6.75 -17.29
C ASP D 189 43.46 6.55 -17.38
N ILE D 190 42.68 7.62 -17.43
CA ILE D 190 41.23 7.48 -17.47
C ILE D 190 40.77 7.46 -18.92
N CYS D 191 39.91 6.51 -19.26
CA CYS D 191 39.42 6.33 -20.62
C CYS D 191 38.03 6.91 -20.80
N LYS D 192 37.06 6.42 -20.03
CA LYS D 192 35.68 6.87 -20.15
C LYS D 192 35.19 7.28 -18.79
N ILE D 193 34.37 8.31 -18.74
CA ILE D 193 33.67 8.68 -17.52
C ILE D 193 32.19 8.69 -17.85
N ASP D 194 31.41 7.90 -17.10
CA ASP D 194 29.98 7.81 -17.32
C ASP D 194 29.68 7.54 -18.80
N GLY D 195 30.46 6.62 -19.37
CA GLY D 195 30.30 6.16 -20.73
C GLY D 195 30.79 7.12 -21.80
N ILE D 196 31.29 8.28 -21.42
CA ILE D 196 31.76 9.31 -22.35
C ILE D 196 33.27 9.16 -22.47
N VAL D 197 33.76 9.18 -23.72
CA VAL D 197 35.20 9.05 -23.97
C VAL D 197 35.92 10.23 -23.35
N PHE D 198 36.90 9.94 -22.49
CA PHE D 198 37.72 10.95 -21.84
C PHE D 198 39.11 11.05 -22.46
N ASN D 199 39.79 9.92 -22.61
CA ASN D 199 40.98 9.78 -23.43
C ASN D 199 40.70 8.67 -24.43
N GLN D 200 41.37 8.71 -25.57
CA GLN D 200 41.28 7.59 -26.51
C GLN D 200 42.04 6.41 -25.93
N CYS D 201 41.40 5.25 -25.90
CA CYS D 201 41.96 4.05 -25.27
C CYS D 201 41.70 2.86 -26.18
N GLU D 202 42.47 1.80 -25.98
CA GLU D 202 42.13 0.56 -26.69
C GLU D 202 41.41 -0.43 -25.79
N GLY D 203 42.12 -0.96 -24.81
CA GLY D 203 41.52 -1.78 -23.79
C GLY D 203 40.97 -0.91 -22.70
N GLU D 204 40.17 -1.49 -21.81
CA GLU D 204 39.83 -0.75 -20.60
C GLU D 204 39.24 -1.68 -19.56
N SER D 205 39.52 -1.37 -18.29
CA SER D 205 38.89 -2.07 -17.17
C SER D 205 37.37 -1.80 -17.15
N LEU D 206 36.66 -2.50 -16.27
CA LEU D 206 35.23 -2.25 -16.11
C LEU D 206 35.01 -0.94 -15.35
N PRO D 207 33.82 -0.34 -15.45
CA PRO D 207 33.57 0.93 -14.73
C PRO D 207 33.71 0.75 -13.22
N GLN D 208 34.39 1.70 -12.58
CA GLN D 208 34.56 1.65 -11.15
C GLN D 208 34.21 3.02 -10.54
N PRO D 209 33.76 3.07 -9.29
CA PRO D 209 33.44 4.35 -8.68
C PRO D 209 34.67 5.26 -8.64
N PHE D 210 34.45 6.55 -8.88
CA PHE D 210 35.56 7.49 -9.08
C PHE D 210 35.13 8.83 -8.51
N ASP D 211 35.78 9.24 -7.41
CA ASP D 211 35.44 10.46 -6.71
C ASP D 211 36.39 11.55 -7.18
N VAL D 212 35.86 12.68 -7.66
CA VAL D 212 36.71 13.67 -8.29
C VAL D 212 36.09 15.04 -8.10
N ALA D 213 36.94 16.07 -8.04
CA ALA D 213 36.51 17.45 -8.12
C ALA D 213 36.26 17.82 -9.58
N TRP D 214 35.29 18.72 -9.80
CA TRP D 214 34.93 19.04 -11.18
C TRP D 214 34.23 20.39 -11.27
N MET D 215 34.18 20.93 -12.48
CA MET D 215 33.37 22.11 -12.73
C MET D 215 32.65 21.95 -14.06
N ASP D 216 31.50 22.60 -14.13
CA ASP D 216 30.64 22.66 -15.30
C ASP D 216 30.81 24.08 -15.85
N VAL D 217 31.47 24.21 -16.99
CA VAL D 217 31.74 25.51 -17.59
C VAL D 217 30.94 25.63 -18.87
N GLY D 218 29.77 24.99 -18.92
CA GLY D 218 29.05 24.90 -20.18
C GLY D 218 29.67 23.84 -21.07
N HIS D 219 29.35 23.95 -22.36
CA HIS D 219 29.92 23.06 -23.37
C HIS D 219 29.59 21.59 -23.10
N SER D 220 30.31 20.68 -23.76
CA SER D 220 29.82 19.32 -23.91
C SER D 220 30.04 18.44 -22.69
N HIS D 221 31.04 18.73 -21.85
CA HIS D 221 31.19 17.93 -20.63
C HIS D 221 31.96 18.71 -19.58
N LYS D 222 31.97 18.16 -18.36
CA LYS D 222 32.63 18.81 -17.24
C LYS D 222 34.15 18.74 -17.37
N ILE D 223 34.81 19.59 -16.58
CA ILE D 223 36.26 19.62 -16.43
C ILE D 223 36.58 19.02 -15.06
N ILE D 224 37.27 17.86 -15.04
CA ILE D 224 37.63 17.23 -13.78
C ILE D 224 39.02 17.72 -13.40
N MET D 225 39.26 17.82 -12.09
CA MET D 225 40.46 18.51 -11.65
C MET D 225 41.09 17.79 -10.48
N ARG D 226 42.41 17.74 -10.47
CA ARG D 226 43.09 17.40 -9.24
C ARG D 226 43.67 18.65 -8.60
N GLU D 227 44.66 19.26 -9.26
CA GLU D 227 45.30 20.45 -8.72
C GLU D 227 44.57 21.69 -9.21
N HIS D 228 43.99 22.46 -8.28
CA HIS D 228 43.18 23.63 -8.63
C HIS D 228 42.93 24.47 -7.39
N LYS D 229 42.57 25.73 -7.62
CA LYS D 229 42.25 26.62 -6.52
C LYS D 229 40.84 27.19 -6.71
N THR D 230 40.14 27.37 -5.60
CA THR D 230 38.84 28.03 -5.62
C THR D 230 38.92 29.27 -4.74
N LYS D 231 38.13 30.27 -5.10
CA LYS D 231 37.94 31.48 -4.32
C LYS D 231 36.46 31.82 -4.33
N TRP D 232 35.98 32.38 -3.23
CA TRP D 232 34.58 32.76 -3.10
C TRP D 232 34.46 34.28 -3.13
N VAL D 233 33.66 34.81 -4.05
CA VAL D 233 33.43 36.23 -4.21
C VAL D 233 32.00 36.56 -3.75
N GLN D 234 31.88 37.39 -2.71
CA GLN D 234 30.57 37.85 -2.23
C GLN D 234 30.05 39.00 -3.10
N GLU D 235 28.80 38.91 -3.55
CA GLU D 235 28.42 39.79 -4.67
C GLU D 235 27.21 40.70 -4.44
N SER D 236 26.18 40.28 -3.71
CA SER D 236 25.08 41.20 -3.37
C SER D 236 24.39 41.82 -4.60
N SER D 237 24.31 41.10 -5.71
CA SER D 237 23.47 41.52 -6.83
C SER D 237 22.04 41.00 -6.62
N SER D 238 21.20 41.11 -7.64
CA SER D 238 19.77 40.95 -7.39
C SER D 238 19.41 39.50 -7.03
N LYS D 239 20.13 38.51 -7.59
CA LYS D 239 19.96 37.10 -7.25
C LYS D 239 20.38 36.77 -5.82
N ASP D 240 21.13 37.65 -5.17
CA ASP D 240 21.59 37.44 -3.81
C ASP D 240 20.58 37.86 -2.75
N PHE D 241 19.42 38.39 -3.14
CA PHE D 241 18.39 38.82 -2.19
C PHE D 241 17.10 38.05 -2.44
N VAL D 242 16.40 37.71 -1.37
CA VAL D 242 15.05 37.19 -1.44
C VAL D 242 14.16 38.16 -0.70
N CYS D 243 12.88 38.18 -1.09
CA CYS D 243 11.94 39.17 -0.58
C CYS D 243 10.73 38.43 -0.04
N TYR D 244 10.36 38.75 1.21
CA TYR D 244 9.28 38.12 1.93
C TYR D 244 8.29 39.17 2.40
N LYS D 245 7.00 38.91 2.15
CA LYS D 245 5.91 39.71 2.72
C LYS D 245 5.46 38.99 3.97
N GLU D 246 6.03 39.37 5.12
CA GLU D 246 5.84 38.58 6.33
C GLU D 246 4.37 38.58 6.75
N GLY D 247 3.84 37.37 6.96
CA GLY D 247 2.43 37.14 7.11
C GLY D 247 1.87 36.34 5.95
N THR D 248 2.25 36.70 4.72
CA THR D 248 1.69 36.07 3.53
C THR D 248 2.59 35.04 2.88
N GLY D 249 3.90 35.32 2.76
CA GLY D 249 4.79 34.46 2.04
C GLY D 249 5.77 35.22 1.17
N PRO D 250 6.27 34.60 0.10
CA PRO D 250 7.19 35.32 -0.79
C PRO D 250 6.49 36.46 -1.51
N CYS D 251 7.24 37.52 -1.79
CA CYS D 251 6.69 38.64 -2.53
C CYS D 251 6.40 38.23 -3.96
N SER D 252 5.39 38.88 -4.56
CA SER D 252 5.04 38.52 -5.93
C SER D 252 6.09 39.08 -6.89
N GLU D 253 6.02 38.63 -8.14
CA GLU D 253 7.00 39.07 -9.15
C GLU D 253 7.05 40.59 -9.21
N SER D 254 5.90 41.24 -9.29
CA SER D 254 5.86 42.69 -9.46
C SER D 254 6.28 43.43 -8.20
N GLU D 255 5.92 42.92 -7.00
CA GLU D 255 6.39 43.54 -5.76
C GLU D 255 7.92 43.45 -5.66
N GLU D 256 8.48 42.29 -5.99
CA GLU D 256 9.93 42.10 -5.90
C GLU D 256 10.66 42.96 -6.92
N LYS D 257 10.10 43.06 -8.14
CA LYS D 257 10.70 43.92 -9.16
C LYS D 257 10.73 45.37 -8.70
N THR D 258 9.67 45.80 -8.01
CA THR D 258 9.63 47.15 -7.44
C THR D 258 10.70 47.31 -6.37
N CYS D 259 10.79 46.34 -5.45
CA CYS D 259 11.75 46.45 -4.35
C CYS D 259 13.19 46.52 -4.86
N LYS D 260 13.53 45.70 -5.84
CA LYS D 260 14.93 45.59 -6.23
C LYS D 260 15.37 46.71 -7.16
N THR D 261 14.44 47.44 -7.77
CA THR D 261 14.75 48.46 -8.75
C THR D 261 14.39 49.87 -8.33
N SER D 262 13.56 50.06 -7.30
CA SER D 262 12.99 51.37 -7.00
C SER D 262 13.28 51.87 -5.59
N GLY D 263 13.96 51.10 -4.75
CA GLY D 263 14.42 51.63 -3.48
C GLY D 263 13.30 52.05 -2.55
N SER D 264 12.12 51.43 -2.68
CA SER D 264 10.95 51.83 -1.90
C SER D 264 10.49 50.77 -0.89
N CYS D 265 11.33 49.80 -0.55
CA CYS D 265 10.92 48.73 0.35
C CYS D 265 11.79 48.74 1.61
N ARG D 266 11.67 47.67 2.38
CA ARG D 266 12.48 47.44 3.57
C ARG D 266 13.44 46.29 3.28
N GLY D 267 14.48 46.18 4.09
CA GLY D 267 15.36 45.03 4.00
C GLY D 267 16.51 45.14 4.97
N ASP D 268 17.43 44.18 4.88
CA ASP D 268 18.57 44.17 5.78
C ASP D 268 19.57 45.27 5.38
N MET D 269 20.69 45.31 6.08
CA MET D 269 21.61 46.43 5.92
C MET D 269 22.19 46.47 4.51
N GLN D 270 22.55 45.31 3.96
CA GLN D 270 23.16 45.29 2.63
C GLN D 270 22.12 45.66 1.56
N PHE D 271 20.88 45.20 1.72
CA PHE D 271 19.86 45.54 0.73
C PHE D 271 19.55 47.02 0.71
N CYS D 272 19.59 47.69 1.87
CA CYS D 272 19.36 49.12 1.87
C CYS D 272 20.54 49.86 1.27
N LYS D 273 21.76 49.35 1.46
CA LYS D 273 22.95 49.97 0.87
C LYS D 273 22.94 49.84 -0.64
N VAL D 274 22.48 48.72 -1.15
CA VAL D 274 22.64 48.42 -2.57
C VAL D 274 21.41 48.83 -3.37
N ALA D 275 20.22 48.71 -2.81
CA ALA D 275 19.00 48.99 -3.54
C ALA D 275 18.29 50.24 -3.08
N GLY D 276 18.47 50.62 -1.82
CA GLY D 276 17.75 51.71 -1.19
C GLY D 276 16.50 51.25 -0.48
N CYS D 277 16.16 51.97 0.59
CA CYS D 277 14.99 51.69 1.41
C CYS D 277 14.35 53.02 1.77
N GLU D 278 13.10 52.98 2.23
CA GLU D 278 12.52 54.16 2.85
C GLU D 278 11.97 53.77 4.23
N LYS D 287 4.38 46.29 3.85
CA LYS D 287 5.38 46.29 2.79
C LYS D 287 6.09 44.94 2.64
N CYS D 288 7.05 44.94 1.72
CA CYS D 288 7.89 43.82 1.37
C CYS D 288 9.30 44.03 1.93
N ARG D 289 9.95 42.94 2.36
CA ARG D 289 11.30 43.03 2.92
C ARG D 289 12.26 42.11 2.17
N CYS D 290 13.48 42.58 1.91
CA CYS D 290 14.45 41.79 1.16
C CYS D 290 15.75 41.66 1.94
N SER D 291 16.33 40.47 1.94
CA SER D 291 17.52 40.23 2.72
C SER D 291 18.44 39.29 1.96
N LEU D 292 19.71 39.27 2.39
CA LEU D 292 20.71 38.42 1.75
C LEU D 292 20.42 36.94 1.98
N VAL D 293 20.62 36.12 0.95
CA VAL D 293 20.62 34.69 1.12
C VAL D 293 21.96 34.27 1.70
N HIS D 294 22.00 33.06 2.24
CA HIS D 294 23.18 32.57 2.94
C HIS D 294 24.03 31.77 1.95
N LYS D 295 25.22 32.26 1.63
CA LYS D 295 26.20 31.48 0.88
C LYS D 295 27.56 32.13 1.05
N PRO D 296 28.65 31.41 0.75
CA PRO D 296 29.99 32.02 0.77
C PRO D 296 30.26 32.96 -0.39
N GLY D 297 29.37 32.99 -1.40
CA GLY D 297 29.52 33.90 -2.52
C GLY D 297 29.36 33.18 -3.85
N GLU D 298 30.06 33.67 -4.86
CA GLU D 298 30.18 32.96 -6.13
C GLU D 298 31.54 32.29 -6.16
N VAL D 299 31.59 31.06 -6.64
CA VAL D 299 32.84 30.33 -6.69
C VAL D 299 33.57 30.66 -7.99
N VAL D 300 34.85 30.98 -7.87
CA VAL D 300 35.72 31.24 -9.00
C VAL D 300 36.84 30.20 -8.97
N VAL D 301 37.10 29.56 -10.11
CA VAL D 301 38.02 28.43 -10.19
C VAL D 301 39.26 28.80 -11.01
N SER D 302 40.44 28.57 -10.43
CA SER D 302 41.72 28.68 -11.13
C SER D 302 42.19 27.28 -11.49
N TYR D 303 42.48 27.06 -12.78
CA TYR D 303 42.85 25.73 -13.23
C TYR D 303 43.55 25.85 -14.57
N GLY D 304 44.71 25.20 -14.68
CA GLY D 304 45.43 25.11 -15.94
C GLY D 304 45.92 26.43 -16.46
N GLY D 305 46.22 27.36 -15.55
CA GLY D 305 46.61 28.69 -15.94
C GLY D 305 45.45 29.64 -16.17
N MET D 306 44.22 29.15 -16.25
CA MET D 306 43.07 30.03 -16.45
C MET D 306 42.29 30.24 -15.14
N ARG D 307 41.32 31.15 -15.23
CA ARG D 307 40.42 31.44 -14.13
C ARG D 307 39.04 31.66 -14.71
N VAL D 308 38.06 30.93 -14.20
CA VAL D 308 36.72 30.95 -14.78
C VAL D 308 35.68 30.97 -13.65
N ARG D 309 34.47 31.39 -14.00
CA ARG D 309 33.35 31.28 -13.07
C ARG D 309 32.37 30.24 -13.61
N PRO D 310 32.35 29.03 -13.06
CA PRO D 310 31.57 27.94 -13.67
C PRO D 310 30.10 28.03 -13.33
N LYS D 311 29.33 27.18 -14.01
CA LYS D 311 27.92 27.01 -13.67
C LYS D 311 27.74 26.18 -12.40
N CYS D 312 28.49 25.09 -12.27
CA CYS D 312 28.49 24.29 -11.06
C CYS D 312 29.91 23.85 -10.73
N TYR D 313 30.18 23.71 -9.45
CA TYR D 313 31.44 23.18 -8.97
C TYR D 313 31.12 22.15 -7.91
N GLY D 314 31.95 21.13 -7.80
CA GLY D 314 31.68 20.17 -6.74
C GLY D 314 32.64 19.00 -6.73
N PHE D 315 32.43 18.14 -5.76
CA PHE D 315 33.15 16.91 -5.56
C PHE D 315 32.10 15.81 -5.41
N SER D 316 32.12 14.83 -6.29
CA SER D 316 31.07 13.82 -6.25
C SER D 316 31.59 12.55 -6.88
N ARG D 317 30.78 11.51 -6.76
CA ARG D 317 31.14 10.19 -7.28
C ARG D 317 30.59 9.99 -8.69
N MET D 318 31.48 9.65 -9.61
CA MET D 318 31.17 9.26 -10.98
C MET D 318 31.70 7.84 -11.24
N MET D 319 31.46 7.32 -12.43
CA MET D 319 31.92 6.00 -12.83
C MET D 319 32.95 6.18 -13.94
N ALA D 320 34.13 5.59 -13.76
CA ALA D 320 35.21 5.75 -14.72
C ALA D 320 35.82 4.40 -15.08
N THR D 321 36.37 4.31 -16.28
CA THR D 321 37.16 3.16 -16.71
C THR D 321 38.61 3.59 -16.91
N LEU D 322 39.55 2.78 -16.40
CA LEU D 322 40.99 3.00 -16.53
C LEU D 322 41.51 2.05 -17.60
N GLU D 323 42.57 2.39 -18.38
CA GLU D 323 42.78 1.26 -19.31
C GLU D 323 44.03 0.48 -18.93
N VAL D 324 44.24 -0.56 -19.70
CA VAL D 324 45.19 -1.65 -19.55
C VAL D 324 46.34 -1.47 -20.55
N GLU E 1 -3.06 -1.22 14.50
CA GLU E 1 -3.21 -2.62 14.11
C GLU E 1 -1.90 -3.16 13.53
N VAL E 2 -1.07 -2.22 13.05
CA VAL E 2 0.30 -2.52 12.65
C VAL E 2 1.11 -2.79 13.91
N GLN E 3 1.59 -4.03 14.08
CA GLN E 3 2.34 -4.36 15.28
C GLN E 3 3.20 -5.60 15.05
N LEU E 4 4.19 -5.75 15.93
CA LEU E 4 5.11 -6.88 15.99
C LEU E 4 5.01 -7.46 17.38
N VAL E 5 4.90 -8.79 17.48
CA VAL E 5 4.75 -9.44 18.78
C VAL E 5 5.77 -10.56 18.85
N GLU E 6 6.72 -10.46 19.78
CA GLU E 6 7.73 -11.48 19.97
C GLU E 6 7.21 -12.50 20.97
N SER E 7 7.66 -13.73 20.83
CA SER E 7 7.30 -14.74 21.82
C SER E 7 8.35 -15.84 21.81
N GLY E 8 8.25 -16.72 22.82
CA GLY E 8 9.20 -17.80 22.99
C GLY E 8 10.25 -17.58 24.05
N GLY E 9 10.34 -16.38 24.61
CA GLY E 9 11.32 -16.14 25.65
C GLY E 9 11.07 -16.99 26.87
N GLY E 10 12.11 -17.19 27.66
CA GLY E 10 11.99 -18.02 28.85
C GLY E 10 13.35 -18.34 29.41
N LEU E 11 13.36 -19.35 30.29
CA LEU E 11 14.56 -19.77 31.01
C LEU E 11 15.20 -20.94 30.30
N VAL E 12 16.50 -20.82 30.03
CA VAL E 12 17.28 -21.86 29.35
C VAL E 12 18.59 -22.04 30.10
N LYS E 13 19.11 -23.26 30.06
CA LYS E 13 20.41 -23.63 30.60
C LYS E 13 21.55 -23.15 29.70
N PRO E 14 22.72 -22.84 30.29
CA PRO E 14 23.90 -22.54 29.46
C PRO E 14 24.15 -23.69 28.49
N GLY E 15 24.50 -23.34 27.25
CA GLY E 15 24.70 -24.31 26.19
C GLY E 15 23.42 -24.77 25.50
N GLY E 16 22.24 -24.37 25.97
CA GLY E 16 20.98 -24.85 25.44
C GLY E 16 20.50 -24.06 24.24
N SER E 17 19.28 -24.38 23.81
CA SER E 17 18.69 -23.80 22.62
C SER E 17 17.30 -23.25 22.93
N LEU E 18 16.89 -22.30 22.10
CA LEU E 18 15.62 -21.62 22.24
C LEU E 18 15.30 -20.95 20.90
N ARG E 19 14.06 -21.09 20.43
CA ARG E 19 13.64 -20.41 19.22
C ARG E 19 12.66 -19.30 19.57
N LEU E 20 12.98 -18.08 19.19
CA LEU E 20 12.04 -16.97 19.29
C LEU E 20 11.34 -16.77 17.96
N SER E 21 10.09 -16.35 18.04
CA SER E 21 9.38 -15.95 16.85
C SER E 21 8.82 -14.56 17.04
N CYS E 22 8.54 -13.91 15.93
CA CYS E 22 8.00 -12.56 15.95
C CYS E 22 6.90 -12.51 14.92
N ALA E 23 5.67 -12.26 15.39
CA ALA E 23 4.50 -12.29 14.53
C ALA E 23 4.18 -10.89 14.06
N ALA E 24 4.13 -10.70 12.75
CA ALA E 24 3.82 -9.39 12.20
C ALA E 24 2.35 -9.35 11.83
N SER E 25 1.75 -8.16 11.89
CA SER E 25 0.37 -8.00 11.48
C SER E 25 0.08 -6.56 11.07
N GLY E 26 -0.91 -6.42 10.20
CA GLY E 26 -1.35 -5.12 9.75
C GLY E 26 -0.60 -4.55 8.55
N PHE E 27 0.33 -5.29 7.96
CA PHE E 27 1.08 -4.78 6.82
C PHE E 27 1.65 -5.96 6.04
N THR E 28 2.19 -5.66 4.86
CA THR E 28 2.69 -6.72 3.99
C THR E 28 4.07 -7.14 4.46
N PHE E 29 4.11 -8.19 5.28
CA PHE E 29 5.35 -8.63 5.93
C PHE E 29 6.44 -8.94 4.91
N SER E 30 6.05 -9.51 3.75
CA SER E 30 7.04 -9.94 2.77
C SER E 30 7.89 -8.78 2.23
N ASN E 31 7.41 -7.55 2.32
CA ASN E 31 8.22 -6.43 1.83
C ASN E 31 9.24 -5.91 2.85
N ALA E 32 9.24 -6.41 4.10
CA ALA E 32 9.97 -5.79 5.20
C ALA E 32 11.30 -6.50 5.48
N TRP E 33 12.36 -5.71 5.59
CA TRP E 33 13.55 -6.18 6.30
C TRP E 33 13.19 -6.31 7.77
N MET E 34 13.66 -7.39 8.38
CA MET E 34 13.35 -7.68 9.77
C MET E 34 14.65 -7.80 10.55
N SER E 35 14.74 -7.12 11.68
CA SER E 35 15.95 -7.16 12.49
C SER E 35 15.60 -7.63 13.91
N TRP E 36 16.57 -8.27 14.54
CA TRP E 36 16.51 -8.54 15.97
C TRP E 36 17.47 -7.58 16.67
N VAL E 37 17.01 -6.97 17.76
CA VAL E 37 17.80 -6.09 18.61
C VAL E 37 17.59 -6.54 20.06
N ARG E 38 18.68 -6.71 20.81
CA ARG E 38 18.57 -7.19 22.17
C ARG E 38 19.13 -6.21 23.18
N GLN E 39 18.73 -6.38 24.43
CA GLN E 39 19.18 -5.45 25.46
C GLN E 39 19.34 -6.21 26.77
N ALA E 40 20.59 -6.47 27.16
CA ALA E 40 20.79 -7.14 28.44
C ALA E 40 20.29 -6.21 29.54
N PRO E 41 19.78 -6.76 30.65
CA PRO E 41 19.11 -5.93 31.67
C PRO E 41 20.01 -4.81 32.16
N GLY E 42 19.52 -3.58 32.07
CA GLY E 42 20.25 -2.40 32.47
C GLY E 42 21.32 -1.91 31.51
N LYS E 43 21.53 -2.57 30.36
CA LYS E 43 22.59 -2.24 29.41
C LYS E 43 22.02 -1.60 28.15
N GLY E 44 22.89 -1.40 27.13
CA GLY E 44 22.47 -0.72 25.91
C GLY E 44 21.88 -1.65 24.86
N LEU E 45 21.33 -1.04 23.81
CA LEU E 45 20.79 -1.80 22.69
C LEU E 45 21.92 -2.45 21.92
N GLU E 46 21.69 -3.69 21.48
CA GLU E 46 22.70 -4.40 20.70
C GLU E 46 22.01 -5.07 19.51
N TRP E 47 22.38 -4.63 18.31
CA TRP E 47 21.87 -5.24 17.10
C TRP E 47 22.39 -6.67 17.01
N VAL E 48 21.47 -7.60 16.83
CA VAL E 48 21.79 -9.03 16.73
C VAL E 48 21.98 -9.45 15.28
N GLY E 49 21.05 -9.06 14.41
CA GLY E 49 21.12 -9.45 13.02
C GLY E 49 19.85 -9.09 12.30
N ARG E 50 19.79 -9.47 11.01
CA ARG E 50 18.62 -9.15 10.20
C ARG E 50 18.49 -10.15 9.07
N ILE E 51 17.29 -10.17 8.49
CA ILE E 51 17.04 -10.84 7.21
C ILE E 51 16.40 -9.82 6.28
N LYS E 52 16.94 -9.68 5.07
CA LYS E 52 16.33 -8.75 4.12
C LYS E 52 15.10 -9.38 3.47
N SER E 53 14.25 -8.55 2.88
CA SER E 53 13.13 -9.04 2.09
C SER E 53 13.63 -9.78 0.84
N LYS E 54 12.74 -10.62 0.28
CA LYS E 54 13.08 -11.34 -0.96
C LYS E 54 13.42 -10.39 -2.09
N THR E 55 12.72 -9.25 -2.17
CA THR E 55 13.04 -8.22 -3.16
C THR E 55 14.53 -7.84 -3.11
N ASP E 56 15.12 -7.81 -1.92
CA ASP E 56 16.50 -7.40 -1.75
C ASP E 56 17.43 -8.58 -1.50
N GLY E 57 17.02 -9.80 -1.84
CA GLY E 57 17.90 -10.94 -1.76
C GLY E 57 17.59 -11.94 -0.67
N GLY E 58 16.72 -11.60 0.28
CA GLY E 58 16.39 -12.46 1.40
C GLY E 58 17.57 -12.94 2.22
N THR E 59 18.67 -12.21 2.23
CA THR E 59 19.88 -12.67 2.88
C THR E 59 19.94 -12.25 4.34
N THR E 60 20.87 -12.83 5.09
CA THR E 60 21.02 -12.61 6.52
C THR E 60 22.39 -12.03 6.84
N ASP E 61 22.45 -11.32 7.97
CA ASP E 61 23.66 -10.73 8.50
C ASP E 61 23.60 -10.82 10.02
N TYR E 62 24.77 -11.00 10.65
CA TYR E 62 24.80 -11.26 12.08
C TYR E 62 25.88 -10.43 12.76
N ALA E 63 25.62 -10.05 14.01
CA ALA E 63 26.66 -9.46 14.84
C ALA E 63 27.68 -10.53 15.22
N ALA E 64 28.94 -10.14 15.28
CA ALA E 64 30.02 -11.05 15.67
C ALA E 64 29.77 -11.82 16.97
N PRO E 65 29.20 -11.25 18.04
CA PRO E 65 29.01 -12.05 19.28
C PRO E 65 28.03 -13.22 19.16
N VAL E 66 27.20 -13.28 18.11
CA VAL E 66 26.25 -14.38 17.93
C VAL E 66 26.45 -15.14 16.62
N LYS E 67 27.41 -14.74 15.79
CA LYS E 67 27.65 -15.46 14.54
C LYS E 67 27.94 -16.94 14.79
N GLY E 68 27.34 -17.81 13.99
CA GLY E 68 27.56 -19.23 14.16
C GLY E 68 26.64 -19.90 15.16
N ARG E 69 26.18 -19.16 16.18
CA ARG E 69 25.26 -19.74 17.15
C ARG E 69 23.80 -19.35 16.93
N PHE E 70 23.52 -18.20 16.30
CA PHE E 70 22.14 -17.76 16.05
C PHE E 70 21.82 -17.82 14.57
N THR E 71 20.62 -18.26 14.23
CA THR E 71 20.21 -18.29 12.83
C THR E 71 18.87 -17.57 12.70
N ILE E 72 18.80 -16.62 11.77
CA ILE E 72 17.58 -15.88 11.48
C ILE E 72 16.95 -16.43 10.21
N SER E 73 15.62 -16.51 10.22
CA SER E 73 14.86 -16.95 9.06
C SER E 73 13.49 -16.28 9.12
N ARG E 74 12.77 -16.39 8.01
CA ARG E 74 11.43 -15.84 7.92
C ARG E 74 10.58 -16.87 7.22
N ASP E 75 9.30 -16.88 7.56
CA ASP E 75 8.28 -17.61 6.84
C ASP E 75 7.30 -16.54 6.38
N ASP E 76 7.41 -16.14 5.12
CA ASP E 76 6.58 -15.04 4.65
C ASP E 76 5.11 -15.41 4.65
N SER E 77 4.81 -16.69 4.44
CA SER E 77 3.41 -17.13 4.39
C SER E 77 2.75 -17.11 5.76
N LYS E 78 3.52 -17.13 6.85
CA LYS E 78 2.96 -17.01 8.20
C LYS E 78 3.27 -15.67 8.86
N ASN E 79 3.85 -14.72 8.11
CA ASN E 79 4.07 -13.36 8.59
C ASN E 79 4.95 -13.36 9.85
N THR E 80 5.96 -14.22 9.85
CA THR E 80 6.67 -14.52 11.08
C THR E 80 8.17 -14.50 10.85
N LEU E 81 8.88 -13.84 11.76
CA LEU E 81 10.34 -13.85 11.84
C LEU E 81 10.80 -14.74 12.99
N TYR E 82 11.93 -15.42 12.79
CA TYR E 82 12.45 -16.36 13.78
C TYR E 82 13.90 -16.02 14.13
N LEU E 83 14.26 -16.36 15.36
CA LEU E 83 15.65 -16.33 15.82
C LEU E 83 15.89 -17.66 16.48
N GLN E 84 16.67 -18.52 15.84
CA GLN E 84 17.06 -19.80 16.42
C GLN E 84 18.37 -19.61 17.18
N MET E 85 18.34 -19.79 18.49
CA MET E 85 19.49 -19.55 19.36
C MET E 85 20.05 -20.89 19.82
N ASN E 86 21.30 -21.20 19.47
CA ASN E 86 21.96 -22.39 20.00
C ASN E 86 23.20 -21.98 20.80
N SER E 87 23.73 -22.95 21.55
CA SER E 87 24.92 -22.76 22.37
C SER E 87 24.85 -21.50 23.21
N LEU E 88 23.74 -21.36 23.93
CA LEU E 88 23.45 -20.12 24.64
C LEU E 88 24.41 -19.91 25.80
N LYS E 89 24.86 -18.67 25.95
CA LYS E 89 25.70 -18.23 27.05
C LYS E 89 24.92 -17.30 27.97
N THR E 90 25.41 -17.17 29.21
CA THR E 90 24.76 -16.28 30.18
C THR E 90 24.77 -14.83 29.71
N GLU E 91 25.75 -14.46 28.88
CA GLU E 91 25.77 -13.10 28.36
C GLU E 91 24.73 -12.89 27.26
N ASP E 92 24.02 -13.94 26.84
CA ASP E 92 22.86 -13.80 25.96
C ASP E 92 21.59 -13.41 26.70
N THR E 93 21.61 -13.35 28.04
CA THR E 93 20.43 -12.92 28.77
C THR E 93 20.05 -11.50 28.37
N ALA E 94 18.85 -11.34 27.80
CA ALA E 94 18.43 -10.03 27.31
C ALA E 94 16.95 -10.06 27.00
N VAL E 95 16.39 -8.87 26.85
CA VAL E 95 15.13 -8.72 26.13
C VAL E 95 15.46 -8.67 24.65
N TYR E 96 14.72 -9.43 23.85
CA TYR E 96 14.92 -9.48 22.41
C TYR E 96 13.76 -8.78 21.70
N TYR E 97 14.08 -7.81 20.85
CA TYR E 97 13.08 -7.10 20.06
C TYR E 97 13.25 -7.44 18.58
N CYS E 98 12.12 -7.54 17.88
CA CYS E 98 12.13 -7.46 16.42
C CYS E 98 11.68 -6.06 16.02
N THR E 99 12.19 -5.62 14.88
CA THR E 99 11.95 -4.25 14.51
C THR E 99 12.14 -4.17 13.00
N THR E 100 11.60 -3.11 12.42
CA THR E 100 11.70 -2.92 10.99
C THR E 100 11.63 -1.44 10.68
N ASP E 101 11.91 -1.10 9.43
CA ASP E 101 11.71 0.26 8.96
C ASP E 101 10.42 0.26 8.15
N PHE E 102 9.36 0.81 8.74
CA PHE E 102 8.03 0.69 8.16
C PHE E 102 7.62 1.95 7.41
N ILE E 103 7.54 3.09 8.11
CA ILE E 103 7.35 4.38 7.45
C ILE E 103 8.71 5.04 7.13
N SER E 104 9.68 5.00 8.04
CA SER E 104 10.98 5.63 7.81
C SER E 104 11.88 4.66 7.04
N ALA E 105 11.64 4.59 5.72
CA ALA E 105 12.37 3.60 4.92
C ALA E 105 13.88 3.81 4.99
N GLY E 106 14.61 2.72 5.20
CA GLY E 106 16.06 2.76 5.39
C GLY E 106 16.51 1.61 6.27
N PRO E 107 17.62 0.97 5.91
CA PRO E 107 17.98 -0.30 6.58
C PRO E 107 18.18 -0.19 8.08
N TRP E 108 18.60 0.97 8.62
CA TRP E 108 18.82 1.07 10.06
C TRP E 108 17.90 2.09 10.73
N TYR E 109 16.84 2.55 10.04
CA TYR E 109 15.87 3.48 10.63
C TYR E 109 14.69 2.69 11.19
N PHE E 110 14.85 2.19 12.41
CA PHE E 110 13.88 1.27 13.05
C PHE E 110 12.75 2.07 13.69
N ASP E 111 11.61 2.18 13.01
CA ASP E 111 10.48 2.90 13.61
C ASP E 111 9.42 1.99 14.22
N LEU E 112 9.39 0.70 13.88
CA LEU E 112 8.36 -0.21 14.38
C LEU E 112 9.01 -1.28 15.23
N TRP E 113 8.62 -1.37 16.49
CA TRP E 113 9.21 -2.32 17.42
C TRP E 113 8.11 -3.14 18.08
N GLY E 114 8.43 -4.38 18.43
CA GLY E 114 7.62 -5.15 19.33
C GLY E 114 7.90 -4.78 20.77
N ARG E 115 7.19 -5.46 21.67
CA ARG E 115 7.38 -5.23 23.10
C ARG E 115 8.54 -6.02 23.70
N GLY E 116 9.10 -6.97 22.94
CA GLY E 116 10.26 -7.71 23.43
C GLY E 116 9.85 -8.96 24.19
N THR E 117 10.74 -9.94 24.17
CA THR E 117 10.56 -11.15 24.95
C THR E 117 11.87 -11.42 25.70
N LEU E 118 11.76 -11.73 26.98
CA LEU E 118 12.94 -11.89 27.83
C LEU E 118 13.47 -13.32 27.74
N VAL E 119 14.78 -13.46 27.51
CA VAL E 119 15.46 -14.74 27.53
C VAL E 119 16.46 -14.71 28.69
N THR E 120 16.38 -15.71 29.55
CA THR E 120 17.29 -15.82 30.70
C THR E 120 18.11 -17.09 30.57
N VAL E 121 19.42 -16.94 30.50
CA VAL E 121 20.31 -18.08 30.44
C VAL E 121 20.95 -18.25 31.81
N SER E 122 20.60 -19.34 32.49
CA SER E 122 21.05 -19.55 33.85
C SER E 122 20.96 -21.03 34.17
N SER E 123 21.81 -21.46 35.09
CA SER E 123 21.81 -22.82 35.63
C SER E 123 20.75 -23.02 36.72
N ALA E 124 20.16 -21.94 37.24
CA ALA E 124 19.12 -22.08 38.25
C ALA E 124 17.82 -22.62 37.63
N SER E 125 16.93 -23.09 38.51
CA SER E 125 15.65 -23.67 38.14
C SER E 125 14.54 -22.63 38.31
N THR E 126 13.49 -22.76 37.52
CA THR E 126 12.33 -21.93 37.76
C THR E 126 11.79 -22.21 39.16
N LYS E 127 11.41 -21.15 39.86
CA LYS E 127 10.72 -21.28 41.14
C LYS E 127 9.47 -20.41 41.05
N GLY E 128 8.32 -21.00 41.41
CA GLY E 128 7.06 -20.31 41.42
C GLY E 128 6.82 -19.56 42.72
N PRO E 129 6.06 -18.48 42.65
CA PRO E 129 5.92 -17.60 43.81
C PRO E 129 4.72 -17.94 44.69
N SER E 130 4.85 -17.59 45.96
CA SER E 130 3.71 -17.53 46.87
C SER E 130 3.01 -16.19 46.71
N VAL E 131 1.70 -16.21 46.53
CA VAL E 131 0.89 -15.00 46.31
C VAL E 131 0.04 -14.73 47.54
N PHE E 132 0.10 -13.48 48.02
CA PHE E 132 -0.60 -13.08 49.24
C PHE E 132 -1.46 -11.83 49.03
N THR E 145 -9.67 7.00 50.93
CA THR E 145 -9.33 5.94 49.98
C THR E 145 -8.63 4.78 50.68
N ALA E 146 -8.45 3.67 49.95
CA ALA E 146 -7.83 2.48 50.49
C ALA E 146 -6.94 1.81 49.44
N ALA E 147 -5.80 1.32 49.88
CA ALA E 147 -4.83 0.61 49.04
C ALA E 147 -4.63 -0.79 49.58
N LEU E 148 -4.95 -1.79 48.77
CA LEU E 148 -4.75 -3.20 49.12
C LEU E 148 -4.25 -3.92 47.88
N GLY E 149 -3.56 -5.04 48.08
CA GLY E 149 -3.07 -5.79 46.95
C GLY E 149 -2.49 -7.14 47.31
N CYS E 150 -1.72 -7.69 46.38
CA CYS E 150 -1.10 -9.00 46.51
C CYS E 150 0.41 -8.88 46.59
N LEU E 151 1.03 -9.76 47.35
CA LEU E 151 2.48 -9.85 47.48
C LEU E 151 2.94 -11.16 46.84
N VAL E 152 3.77 -11.05 45.80
CA VAL E 152 4.23 -12.20 45.04
C VAL E 152 5.69 -12.43 45.44
N LYS E 153 5.95 -13.52 46.16
CA LYS E 153 7.18 -13.71 46.91
C LYS E 153 8.02 -14.87 46.36
N ASP E 154 9.33 -14.65 46.24
CA ASP E 154 10.33 -15.71 46.06
C ASP E 154 10.11 -16.51 44.77
N TYR E 155 10.32 -15.84 43.64
CA TYR E 155 10.19 -16.48 42.34
C TYR E 155 11.43 -16.23 41.49
N PHE E 156 11.54 -17.00 40.39
CA PHE E 156 12.63 -16.89 39.44
C PHE E 156 12.27 -17.64 38.17
N PRO E 157 12.51 -17.08 36.99
CA PRO E 157 13.05 -15.74 36.73
C PRO E 157 11.92 -14.72 36.54
N GLU E 158 12.25 -13.54 36.02
CA GLU E 158 11.24 -12.62 35.53
C GLU E 158 10.67 -13.14 34.22
N PRO E 159 9.46 -12.70 33.85
CA PRO E 159 8.63 -11.68 34.50
C PRO E 159 7.42 -12.25 35.23
N VAL E 160 6.78 -11.42 36.05
CA VAL E 160 5.47 -11.72 36.61
C VAL E 160 4.49 -10.68 36.10
N THR E 161 3.48 -11.13 35.35
CA THR E 161 2.40 -10.27 34.89
C THR E 161 1.23 -10.42 35.85
N VAL E 162 0.76 -9.29 36.40
CA VAL E 162 -0.32 -9.26 37.37
C VAL E 162 -1.47 -8.45 36.78
N SER E 163 -2.69 -8.97 36.94
CA SER E 163 -3.92 -8.31 36.53
C SER E 163 -4.86 -8.18 37.72
N TRP E 164 -5.93 -7.41 37.53
CA TRP E 164 -6.97 -7.25 38.55
C TRP E 164 -8.34 -7.39 37.90
N ASN E 165 -9.15 -8.29 38.44
CA ASN E 165 -10.50 -8.54 37.93
C ASN E 165 -10.48 -8.78 36.42
N SER E 166 -9.54 -9.62 35.99
CA SER E 166 -9.31 -9.96 34.59
C SER E 166 -9.02 -8.74 33.71
N GLY E 167 -8.61 -7.61 34.30
CA GLY E 167 -8.27 -6.43 33.55
C GLY E 167 -9.34 -5.36 33.46
N ALA E 168 -10.48 -5.52 34.14
CA ALA E 168 -11.48 -4.47 34.16
C ALA E 168 -11.05 -3.31 35.07
N LEU E 169 -10.53 -3.63 36.26
CA LEU E 169 -10.06 -2.62 37.22
C LEU E 169 -8.65 -2.18 36.79
N THR E 170 -8.60 -1.12 35.99
CA THR E 170 -7.37 -0.61 35.40
C THR E 170 -6.92 0.72 36.02
N SER E 171 -7.65 1.24 37.00
CA SER E 171 -7.31 2.52 37.60
C SER E 171 -6.96 2.33 39.08
N GLY E 172 -5.99 3.12 39.54
CA GLY E 172 -5.35 2.88 40.82
C GLY E 172 -4.26 1.83 40.80
N VAL E 173 -4.02 1.19 39.65
CA VAL E 173 -3.08 0.07 39.56
C VAL E 173 -1.66 0.59 39.44
N HIS E 174 -0.79 0.11 40.33
CA HIS E 174 0.66 0.35 40.26
C HIS E 174 1.35 -0.96 40.62
N THR E 175 1.73 -1.75 39.62
CA THR E 175 2.58 -2.92 39.85
C THR E 175 4.02 -2.44 40.05
N PHE E 176 4.57 -2.66 41.24
CA PHE E 176 5.89 -2.14 41.57
C PHE E 176 7.01 -2.96 40.93
N PRO E 177 8.20 -2.37 40.76
CA PRO E 177 9.34 -3.16 40.26
C PRO E 177 9.77 -4.19 41.28
N ALA E 178 10.28 -5.30 40.78
CA ALA E 178 10.63 -6.43 41.65
C ALA E 178 11.95 -6.17 42.36
N VAL E 179 12.12 -6.78 43.52
CA VAL E 179 13.39 -6.76 44.23
C VAL E 179 14.14 -8.07 43.96
N LEU E 180 15.42 -7.96 43.69
CA LEU E 180 16.29 -9.10 43.52
C LEU E 180 16.95 -9.33 44.88
N GLN E 181 16.49 -10.35 45.58
CA GLN E 181 17.04 -10.69 46.87
C GLN E 181 18.46 -11.26 46.72
N SER E 182 19.21 -11.18 47.81
CA SER E 182 20.52 -11.82 47.82
C SER E 182 20.41 -13.32 47.59
N SER E 183 19.26 -13.92 47.93
CA SER E 183 19.03 -15.32 47.66
C SER E 183 19.11 -15.64 46.18
N GLY E 184 18.98 -14.63 45.32
CA GLY E 184 18.81 -14.85 43.92
C GLY E 184 17.38 -14.98 43.45
N LEU E 185 16.40 -14.88 44.35
CA LEU E 185 14.99 -14.92 43.99
C LEU E 185 14.41 -13.51 43.96
N TYR E 186 13.33 -13.34 43.19
CA TYR E 186 12.65 -12.06 43.05
C TYR E 186 11.39 -12.00 43.91
N SER E 187 10.95 -10.77 44.18
CA SER E 187 9.68 -10.49 44.84
C SER E 187 9.11 -9.18 44.32
N LEU E 188 7.80 -9.15 44.05
CA LEU E 188 7.12 -7.91 43.68
C LEU E 188 5.75 -7.86 44.32
N SER E 189 5.31 -6.64 44.63
CA SER E 189 3.97 -6.38 45.16
C SER E 189 3.21 -5.51 44.17
N SER E 190 1.91 -5.77 44.04
CA SER E 190 1.03 -4.95 43.21
C SER E 190 -0.07 -4.38 44.10
N VAL E 191 -0.29 -3.06 44.01
CA VAL E 191 -1.25 -2.36 44.87
C VAL E 191 -2.13 -1.46 44.01
N VAL E 192 -3.44 -1.51 44.28
CA VAL E 192 -4.44 -0.69 43.60
C VAL E 192 -5.12 0.20 44.63
N THR E 193 -5.13 1.50 44.39
CA THR E 193 -5.86 2.43 45.24
C THR E 193 -7.32 2.49 44.81
N VAL E 194 -8.22 2.23 45.76
CA VAL E 194 -9.67 2.29 45.55
C VAL E 194 -10.29 3.03 46.74
N PRO E 195 -11.55 3.47 46.66
CA PRO E 195 -12.18 4.16 47.80
C PRO E 195 -12.51 3.22 48.95
N SER E 196 -12.69 3.83 50.14
CA SER E 196 -13.06 3.17 51.41
C SER E 196 -14.49 2.63 51.39
N SER E 197 -15.06 2.59 50.17
CA SER E 197 -16.47 2.37 49.90
C SER E 197 -16.80 0.88 49.86
N SER E 198 -15.91 0.07 49.28
CA SER E 198 -16.25 -1.30 48.91
C SER E 198 -15.74 -2.31 49.95
N LEU E 199 -16.42 -2.31 51.11
CA LEU E 199 -16.22 -3.41 52.05
C LEU E 199 -16.72 -4.72 51.44
N GLY E 200 -18.02 -4.78 51.16
CA GLY E 200 -18.65 -5.95 50.61
C GLY E 200 -19.11 -5.74 49.19
N THR E 201 -19.01 -4.49 48.70
CA THR E 201 -19.59 -4.16 47.39
C THR E 201 -18.86 -4.84 46.23
N GLN E 202 -17.53 -4.79 46.23
CA GLN E 202 -16.78 -5.32 45.10
C GLN E 202 -15.74 -6.35 45.52
N THR E 203 -15.65 -7.40 44.72
CA THR E 203 -14.61 -8.42 44.83
C THR E 203 -13.36 -7.94 44.11
N TYR E 204 -12.21 -8.03 44.77
CA TYR E 204 -10.93 -7.72 44.13
C TYR E 204 -10.12 -9.00 44.01
N ILE E 205 -9.90 -9.44 42.77
CA ILE E 205 -9.08 -10.61 42.48
C ILE E 205 -7.89 -10.16 41.65
N CYS E 206 -6.69 -10.53 42.08
CA CYS E 206 -5.48 -10.24 41.32
C CYS E 206 -5.08 -11.50 40.58
N ASN E 207 -4.85 -11.36 39.28
CA ASN E 207 -4.50 -12.50 38.43
C ASN E 207 -3.00 -12.47 38.23
N VAL E 208 -2.30 -13.38 38.91
CA VAL E 208 -0.85 -13.48 38.84
C VAL E 208 -0.49 -14.54 37.82
N ASN E 209 0.47 -14.24 36.95
CA ASN E 209 0.91 -15.21 35.97
C ASN E 209 2.42 -15.13 35.85
N HIS E 210 3.07 -16.25 36.12
CA HIS E 210 4.50 -16.42 35.96
C HIS E 210 4.61 -17.68 35.12
N LYS E 211 4.43 -17.55 33.80
CA LYS E 211 4.41 -18.76 32.98
C LYS E 211 5.74 -19.52 32.86
N PRO E 212 6.93 -18.92 33.08
CA PRO E 212 8.12 -19.80 33.14
C PRO E 212 7.96 -20.95 34.11
N SER E 213 7.21 -20.76 35.20
CA SER E 213 6.90 -21.82 36.15
C SER E 213 5.45 -22.29 36.02
N ASN E 214 4.77 -21.92 34.92
CA ASN E 214 3.39 -22.31 34.62
C ASN E 214 2.45 -22.11 35.80
N THR E 215 2.79 -21.20 36.71
CA THR E 215 1.89 -20.84 37.79
C THR E 215 0.91 -19.77 37.31
N LYS E 216 -0.36 -19.96 37.66
CA LYS E 216 -1.42 -18.99 37.43
C LYS E 216 -2.28 -19.01 38.68
N VAL E 217 -2.49 -17.85 39.28
CA VAL E 217 -3.15 -17.79 40.59
C VAL E 217 -4.13 -16.62 40.57
N ASP E 218 -5.43 -16.93 40.65
CA ASP E 218 -6.45 -15.93 40.97
C ASP E 218 -6.66 -15.99 42.47
N LYS E 219 -6.29 -14.93 43.16
CA LYS E 219 -6.43 -14.87 44.61
C LYS E 219 -7.06 -13.54 44.99
N ARG E 220 -8.06 -13.60 45.87
CA ARG E 220 -8.92 -12.46 46.12
C ARG E 220 -8.40 -11.69 47.33
N VAL E 221 -8.55 -10.36 47.28
CA VAL E 221 -8.18 -9.50 48.40
C VAL E 221 -9.45 -9.11 49.14
N GLU E 222 -9.35 -9.04 50.48
CA GLU E 222 -10.48 -8.85 51.37
C GLU E 222 -9.96 -8.13 52.62
N PRO E 223 -10.84 -7.42 53.36
CA PRO E 223 -10.35 -6.49 54.39
C PRO E 223 -9.82 -7.18 55.65
N LYS E 224 -10.17 -8.43 55.88
CA LYS E 224 -9.71 -9.19 57.05
C LYS E 224 -9.75 -8.37 58.35
N GLU F 3 32.70 1.37 17.84
CA GLU F 3 32.45 1.96 16.53
C GLU F 3 31.74 3.30 16.62
N LEU F 4 30.63 3.35 17.38
CA LEU F 4 29.88 4.59 17.64
C LEU F 4 30.04 4.96 19.11
N THR F 5 30.54 6.16 19.38
CA THR F 5 30.81 6.58 20.75
C THR F 5 29.85 7.68 21.20
N GLN F 6 29.20 7.48 22.36
CA GLN F 6 28.39 8.49 23.02
C GLN F 6 28.88 8.71 24.45
N ASP F 7 28.62 9.91 25.01
CA ASP F 7 28.85 10.03 26.44
C ASP F 7 27.73 9.32 27.21
N PRO F 8 28.08 8.58 28.27
CA PRO F 8 27.05 7.80 29.00
C PRO F 8 26.03 8.63 29.77
N ALA F 9 26.32 9.89 30.09
CA ALA F 9 25.43 10.67 30.96
C ALA F 9 25.59 12.14 30.62
N VAL F 10 24.47 12.86 30.66
CA VAL F 10 24.40 14.29 30.37
C VAL F 10 23.20 14.87 31.12
N SER F 11 23.39 16.06 31.69
CA SER F 11 22.33 16.75 32.38
C SER F 11 22.00 18.04 31.65
N VAL F 12 20.79 18.53 31.91
CA VAL F 12 20.31 19.78 31.33
C VAL F 12 19.29 20.36 32.30
N ALA F 13 19.27 21.69 32.38
CA ALA F 13 18.30 22.37 33.21
C ALA F 13 16.96 22.50 32.49
N LEU F 14 15.88 22.40 33.27
CA LEU F 14 14.53 22.56 32.76
C LEU F 14 14.42 23.79 31.87
N GLY F 15 13.85 23.60 30.68
CA GLY F 15 13.73 24.65 29.69
C GLY F 15 14.92 24.87 28.80
N GLN F 16 16.08 24.33 29.13
CA GLN F 16 17.27 24.61 28.35
C GLN F 16 17.43 23.62 27.20
N THR F 17 18.45 23.86 26.39
CA THR F 17 18.76 23.06 25.21
C THR F 17 19.90 22.11 25.58
N VAL F 18 19.78 20.86 25.17
CA VAL F 18 20.82 19.87 25.40
C VAL F 18 21.29 19.32 24.06
N ARG F 19 22.55 18.89 24.03
CA ARG F 19 23.19 18.32 22.84
C ARG F 19 23.79 16.98 23.23
N ILE F 20 23.33 15.91 22.56
CA ILE F 20 23.82 14.55 22.74
C ILE F 20 24.55 14.18 21.46
N THR F 21 25.77 13.69 21.59
CA THR F 21 26.63 13.51 20.43
C THR F 21 26.95 12.05 20.20
N CYS F 22 27.10 11.72 18.93
CA CYS F 22 27.45 10.39 18.49
C CYS F 22 28.63 10.55 17.57
N GLN F 23 29.63 9.69 17.73
CA GLN F 23 30.86 9.83 16.95
C GLN F 23 31.29 8.48 16.41
N GLY F 24 31.64 8.45 15.12
CA GLY F 24 32.06 7.24 14.47
C GLY F 24 32.44 7.54 13.03
N ASP F 25 33.28 6.68 12.47
CA ASP F 25 33.76 6.95 11.12
C ASP F 25 32.65 6.79 10.07
N SER F 26 31.68 5.90 10.31
CA SER F 26 30.57 5.74 9.36
C SER F 26 29.82 7.03 9.14
N LEU F 27 29.77 7.90 10.15
CA LEU F 27 29.00 9.13 10.11
C LEU F 27 29.53 10.15 9.11
N ARG F 28 30.75 9.97 8.58
CA ARG F 28 31.19 10.82 7.47
C ARG F 28 30.39 10.53 6.20
N SER F 29 30.00 9.28 5.99
CA SER F 29 29.27 8.88 4.80
C SER F 29 27.77 8.79 5.00
N TYR F 30 27.32 8.32 6.16
CA TYR F 30 25.95 7.89 6.36
C TYR F 30 25.37 8.55 7.61
N TYR F 31 24.05 8.72 7.59
CA TYR F 31 23.34 9.36 8.69
C TYR F 31 23.12 8.40 9.84
N ALA F 32 23.04 8.98 11.03
CA ALA F 32 22.58 8.28 12.21
C ALA F 32 21.05 8.28 12.27
N SER F 33 20.49 7.42 13.12
CA SER F 33 19.17 7.69 13.64
C SER F 33 19.23 7.65 15.16
N TRP F 34 18.23 8.25 15.80
CA TRP F 34 18.24 8.50 17.24
C TRP F 34 17.02 7.90 17.90
N TYR F 35 17.20 7.28 19.06
CA TYR F 35 16.14 6.59 19.78
C TYR F 35 16.04 7.09 21.21
N GLN F 36 14.81 7.33 21.63
CA GLN F 36 14.51 7.60 23.03
C GLN F 36 13.92 6.32 23.61
N GLN F 37 14.49 5.85 24.72
CA GLN F 37 13.99 4.68 25.44
C GLN F 37 13.79 5.02 26.92
N LYS F 38 12.56 4.86 27.41
CA LYS F 38 12.21 4.94 28.81
C LYS F 38 12.17 3.55 29.41
N PRO F 39 12.45 3.36 30.71
CA PRO F 39 12.53 1.98 31.25
C PRO F 39 11.24 1.21 31.08
N GLY F 40 11.38 -0.07 30.74
CA GLY F 40 10.26 -0.95 30.49
C GLY F 40 9.57 -0.74 29.16
N GLN F 41 10.14 0.06 28.27
CA GLN F 41 9.51 0.39 27.02
C GLN F 41 10.48 0.05 25.90
N ALA F 42 9.91 -0.17 24.71
CA ALA F 42 10.72 -0.33 23.53
C ALA F 42 11.29 1.03 23.13
N PRO F 43 12.44 1.05 22.45
CA PRO F 43 12.96 2.33 21.93
C PRO F 43 11.96 2.98 20.99
N VAL F 44 11.98 4.31 20.96
CA VAL F 44 11.14 5.08 20.05
C VAL F 44 12.05 5.88 19.14
N LEU F 45 11.86 5.72 17.83
CA LEU F 45 12.65 6.47 16.86
C LEU F 45 12.22 7.94 16.88
N VAL F 46 13.21 8.84 16.94
CA VAL F 46 12.97 10.26 17.16
C VAL F 46 13.52 11.12 16.03
N ILE F 47 14.66 10.75 15.45
CA ILE F 47 15.27 11.48 14.35
C ILE F 47 15.90 10.47 13.42
N TYR F 48 15.81 10.70 12.10
CA TYR F 48 16.57 9.90 11.16
C TYR F 48 16.95 10.76 9.96
N GLY F 49 17.94 10.29 9.21
CA GLY F 49 18.43 11.01 8.05
C GLY F 49 18.94 12.40 8.42
N LYS F 50 18.75 13.33 7.51
CA LYS F 50 19.12 14.71 7.79
C LYS F 50 17.90 15.39 8.43
N ASN F 51 17.77 15.19 9.75
CA ASN F 51 16.84 15.96 10.58
C ASN F 51 15.36 15.69 10.28
N ASN F 52 15.01 14.47 9.87
CA ASN F 52 13.62 14.07 9.70
C ASN F 52 13.06 13.53 11.01
N ARG F 53 11.83 13.95 11.30
CA ARG F 53 11.08 13.54 12.46
C ARG F 53 9.98 12.60 12.03
N PRO F 54 9.82 11.47 12.69
CA PRO F 54 8.61 10.67 12.52
C PRO F 54 7.38 11.48 12.93
N SER F 55 6.22 11.09 12.41
CA SER F 55 4.98 11.75 12.83
C SER F 55 4.76 11.54 14.32
N GLY F 56 4.37 12.61 14.99
CA GLY F 56 4.17 12.57 16.43
C GLY F 56 5.39 12.90 17.24
N ILE F 57 6.55 13.09 16.61
CA ILE F 57 7.75 13.54 17.30
C ILE F 57 7.79 15.07 17.19
N PRO F 58 7.76 15.80 18.31
CA PRO F 58 7.83 17.26 18.25
C PRO F 58 9.16 17.73 17.66
N ASP F 59 9.12 18.90 17.02
CA ASP F 59 10.32 19.44 16.40
C ASP F 59 11.31 20.04 17.40
N ARG F 60 11.01 20.01 18.71
CA ARG F 60 12.02 20.27 19.73
C ARG F 60 13.15 19.26 19.66
N PHE F 61 12.87 18.07 19.14
CA PHE F 61 13.94 17.14 18.82
C PHE F 61 14.46 17.48 17.43
N SER F 62 15.77 17.56 17.29
CA SER F 62 16.38 17.86 16.01
C SER F 62 17.70 17.12 15.89
N GLY F 63 18.09 16.87 14.65
CA GLY F 63 19.32 16.15 14.35
C GLY F 63 20.23 16.99 13.49
N SER F 64 21.53 16.75 13.63
CA SER F 64 22.53 17.34 12.74
C SER F 64 23.74 16.44 12.73
N SER F 65 24.60 16.65 11.74
CA SER F 65 25.89 15.97 11.68
C SER F 65 26.96 16.97 11.26
N SER F 66 28.21 16.61 11.54
CA SER F 66 29.35 17.45 11.21
C SER F 66 30.60 16.57 11.30
N GLY F 67 31.29 16.40 10.18
CA GLY F 67 32.43 15.49 10.18
C GLY F 67 31.93 14.09 10.48
N ASN F 68 32.56 13.43 11.44
CA ASN F 68 32.15 12.10 11.85
C ASN F 68 31.35 12.14 13.16
N THR F 69 30.69 13.26 13.43
CA THR F 69 29.89 13.41 14.64
C THR F 69 28.45 13.70 14.25
N ALA F 70 27.52 13.02 14.88
CA ALA F 70 26.10 13.34 14.75
C ALA F 70 25.62 13.78 16.11
N SER F 71 24.64 14.67 16.10
CA SER F 71 24.13 15.26 17.32
C SER F 71 22.62 15.25 17.33
N LEU F 72 22.08 14.96 18.52
CA LEU F 72 20.67 15.09 18.83
C LEU F 72 20.52 16.32 19.73
N THR F 73 19.64 17.23 19.36
CA THR F 73 19.41 18.44 20.14
C THR F 73 17.96 18.49 20.57
N ILE F 74 17.74 18.77 21.86
CA ILE F 74 16.43 18.89 22.46
C ILE F 74 16.35 20.31 23.03
N THR F 75 15.49 21.15 22.45
CA THR F 75 15.25 22.48 23.02
C THR F 75 14.08 22.43 23.99
N GLY F 76 14.10 23.30 25.00
CA GLY F 76 13.05 23.31 26.01
C GLY F 76 12.83 21.99 26.71
N ALA F 77 13.89 21.44 27.31
CA ALA F 77 13.82 20.10 27.90
C ALA F 77 12.72 20.03 28.97
N GLN F 78 11.98 18.93 28.95
CA GLN F 78 10.89 18.69 29.87
C GLN F 78 11.21 17.51 30.77
N ALA F 79 10.41 17.34 31.82
CA ALA F 79 10.60 16.17 32.68
C ALA F 79 10.37 14.88 31.91
N GLU F 80 9.47 14.90 30.92
CA GLU F 80 9.24 13.71 30.10
C GLU F 80 10.38 13.40 29.16
N ASP F 81 11.41 14.25 29.08
CA ASP F 81 12.55 13.93 28.23
C ASP F 81 13.59 13.07 28.92
N GLU F 82 13.49 12.88 30.23
CA GLU F 82 14.45 12.03 30.92
C GLU F 82 14.30 10.59 30.42
N ALA F 83 15.37 10.06 29.84
CA ALA F 83 15.34 8.79 29.10
C ALA F 83 16.77 8.44 28.69
N ASP F 84 16.92 7.24 28.12
CA ASP F 84 18.13 6.84 27.42
C ASP F 84 18.03 7.18 25.93
N TYR F 85 19.12 7.71 25.37
CA TYR F 85 19.16 8.14 23.99
C TYR F 85 20.25 7.36 23.27
N TYR F 86 19.87 6.58 22.25
CA TYR F 86 20.81 5.79 21.48
C TYR F 86 20.87 6.30 20.05
N CYS F 87 22.08 6.35 19.49
CA CYS F 87 22.29 6.55 18.07
C CYS F 87 22.62 5.21 17.41
N ASN F 88 22.44 5.13 16.11
CA ASN F 88 22.84 3.93 15.39
C ASN F 88 23.25 4.32 13.99
N SER F 89 23.81 3.37 13.26
CA SER F 89 24.10 3.57 11.84
C SER F 89 24.50 2.23 11.27
N ARG F 90 24.79 2.23 9.98
CA ARG F 90 25.38 1.07 9.35
C ARG F 90 26.88 1.11 9.58
N ASP F 91 27.55 -0.03 9.43
CA ASP F 91 29.01 0.02 9.44
C ASP F 91 29.51 0.41 8.05
N SER F 92 30.83 0.36 7.85
CA SER F 92 31.40 0.71 6.56
C SER F 92 30.93 -0.25 5.48
N SER F 93 30.90 -1.54 5.79
CA SER F 93 30.51 -2.54 4.81
C SER F 93 29.05 -2.40 4.39
N GLY F 94 28.21 -1.85 5.27
CA GLY F 94 26.78 -1.84 5.09
C GLY F 94 26.06 -3.13 5.43
N ASN F 95 26.79 -4.17 5.82
CA ASN F 95 26.17 -5.43 6.20
C ASN F 95 25.73 -5.47 7.66
N HIS F 96 26.07 -4.47 8.47
CA HIS F 96 25.70 -4.50 9.88
C HIS F 96 25.11 -3.17 10.29
N VAL F 97 24.46 -3.20 11.47
CA VAL F 97 23.94 -2.03 12.14
C VAL F 97 24.61 -1.96 13.50
N VAL F 98 25.05 -0.76 13.87
CA VAL F 98 25.80 -0.53 15.08
C VAL F 98 25.04 0.47 15.93
N PHE F 99 24.88 0.17 17.22
CA PHE F 99 24.33 1.14 18.16
C PHE F 99 25.42 1.78 19.00
N GLY F 100 25.28 3.07 19.27
CA GLY F 100 26.06 3.71 20.32
C GLY F 100 25.71 3.14 21.70
N GLY F 101 26.53 3.51 22.69
CA GLY F 101 26.38 3.00 24.05
C GLY F 101 25.20 3.58 24.81
N GLY F 102 24.60 4.66 24.32
CA GLY F 102 23.49 5.29 25.01
C GLY F 102 23.93 6.46 25.87
N THR F 103 23.07 7.47 25.95
CA THR F 103 23.29 8.60 26.83
C THR F 103 22.06 8.78 27.71
N LYS F 104 22.24 8.67 29.01
CA LYS F 104 21.16 8.88 29.95
C LYS F 104 20.98 10.37 30.18
N LEU F 105 19.78 10.88 29.88
CA LEU F 105 19.50 12.30 30.02
C LEU F 105 18.77 12.57 31.32
N THR F 106 19.42 13.33 32.20
CA THR F 106 18.79 13.85 33.41
C THR F 106 18.37 15.30 33.17
N VAL F 107 17.17 15.66 33.63
CA VAL F 107 16.67 17.02 33.47
C VAL F 107 16.61 17.66 34.85
N LEU F 108 17.52 18.59 35.11
CA LEU F 108 17.64 19.19 36.44
C LEU F 108 16.67 20.36 36.61
N GLY F 109 16.56 20.80 37.86
CA GLY F 109 15.74 21.95 38.21
C GLY F 109 14.27 21.65 38.29
N GLN F 110 13.90 20.38 38.43
CA GLN F 110 12.52 19.94 38.50
C GLN F 110 11.95 20.18 39.90
N PRO F 111 10.63 20.36 40.01
CA PRO F 111 10.03 20.54 41.34
C PRO F 111 10.20 19.25 42.13
N LYS F 112 10.83 19.35 43.30
CA LYS F 112 11.03 18.19 44.14
C LYS F 112 9.71 17.72 44.74
N ALA F 113 9.58 16.41 44.86
CA ALA F 113 8.38 15.76 45.37
C ALA F 113 8.82 14.79 46.48
N ALA F 114 8.08 14.80 47.58
CA ALA F 114 8.36 13.93 48.70
C ALA F 114 7.75 12.55 48.45
N PRO F 115 8.28 11.52 49.11
CA PRO F 115 7.82 10.15 48.81
C PRO F 115 6.49 9.87 49.50
N SER F 116 5.52 9.37 48.73
CA SER F 116 4.32 8.79 49.30
C SER F 116 4.66 7.39 49.80
N VAL F 117 4.61 7.19 51.12
CA VAL F 117 5.10 5.97 51.75
C VAL F 117 3.93 5.18 52.31
N THR F 118 3.96 3.86 52.10
CA THR F 118 2.95 2.95 52.61
C THR F 118 3.62 1.71 53.19
N LEU F 119 3.17 1.26 54.35
CA LEU F 119 3.74 0.09 55.03
C LEU F 119 2.65 -0.93 55.30
N PHE F 120 2.88 -2.18 54.88
CA PHE F 120 1.98 -3.33 55.05
C PHE F 120 2.54 -4.32 56.07
N PRO F 121 1.69 -4.93 56.88
CA PRO F 121 2.17 -5.93 57.85
C PRO F 121 2.18 -7.32 57.22
N PRO F 122 2.78 -8.32 57.90
CA PRO F 122 2.65 -9.71 57.43
C PRO F 122 1.21 -10.19 57.21
N SER F 123 0.87 -10.51 55.95
CA SER F 123 -0.42 -11.09 55.61
C SER F 123 -0.64 -12.38 56.43
N SER F 124 -1.92 -12.64 56.78
CA SER F 124 -2.22 -13.74 57.69
C SER F 124 -2.00 -15.10 57.04
N GLU F 125 -2.20 -15.21 55.73
CA GLU F 125 -1.84 -16.44 55.04
C GLU F 125 -0.34 -16.73 55.18
N GLU F 126 0.50 -15.68 55.10
CA GLU F 126 1.93 -15.86 55.29
C GLU F 126 2.26 -16.22 56.74
N LEU F 127 1.43 -15.79 57.69
CA LEU F 127 1.62 -16.20 59.07
C LEU F 127 1.18 -17.63 59.31
N GLN F 128 0.14 -18.09 58.58
CA GLN F 128 -0.27 -19.49 58.62
C GLN F 128 0.66 -20.41 57.84
N ALA F 129 1.74 -19.87 57.24
CA ALA F 129 2.79 -20.70 56.65
C ALA F 129 4.15 -20.46 57.32
N ASN F 130 4.14 -19.85 58.52
CA ASN F 130 5.32 -19.68 59.35
C ASN F 130 6.37 -18.75 58.72
N LYS F 131 5.93 -17.71 58.02
CA LYS F 131 6.84 -16.75 57.41
C LYS F 131 6.32 -15.34 57.66
N ALA F 132 7.22 -14.36 57.66
CA ALA F 132 6.83 -12.97 57.90
C ALA F 132 7.81 -12.02 57.23
N THR F 133 7.29 -11.17 56.33
CA THR F 133 8.10 -10.18 55.65
C THR F 133 7.36 -8.85 55.63
N LEU F 134 8.04 -7.77 56.03
CA LEU F 134 7.44 -6.44 56.03
C LEU F 134 7.66 -5.76 54.68
N VAL F 135 6.59 -5.14 54.16
CA VAL F 135 6.54 -4.61 52.80
C VAL F 135 6.33 -3.10 52.85
N CYS F 136 7.42 -2.33 52.75
CA CYS F 136 7.37 -0.87 52.80
C CYS F 136 7.49 -0.33 51.38
N LEU F 137 6.40 0.25 50.87
CA LEU F 137 6.39 0.82 49.52
C LEU F 137 6.61 2.32 49.58
N ILE F 138 7.37 2.83 48.62
CA ILE F 138 7.74 4.23 48.55
C ILE F 138 7.45 4.69 47.13
N SER F 139 6.60 5.71 46.99
CA SER F 139 6.10 6.07 45.66
C SER F 139 6.11 7.58 45.43
N ASP F 140 6.17 7.94 44.14
CA ASP F 140 5.92 9.30 43.63
C ASP F 140 6.88 10.33 44.23
N PHE F 141 8.19 10.09 44.03
CA PHE F 141 9.20 11.04 44.52
C PHE F 141 10.16 11.45 43.39
N TYR F 142 10.76 12.63 43.60
CA TYR F 142 11.79 13.18 42.75
C TYR F 142 12.65 14.12 43.60
N PRO F 143 13.98 14.05 43.50
CA PRO F 143 14.76 13.13 42.66
C PRO F 143 14.78 11.69 43.20
N GLY F 144 15.31 10.75 42.39
CA GLY F 144 15.22 9.33 42.69
C GLY F 144 16.31 8.78 43.58
N ALA F 145 16.35 9.25 44.83
CA ALA F 145 17.32 8.80 45.80
C ALA F 145 16.70 8.89 47.18
N VAL F 146 16.59 7.75 47.84
CA VAL F 146 16.07 7.66 49.20
C VAL F 146 17.05 6.84 50.03
N THR F 147 17.07 7.11 51.32
CA THR F 147 17.69 6.24 52.30
C THR F 147 16.55 5.59 53.09
N VAL F 148 16.68 4.31 53.39
CA VAL F 148 15.67 3.59 54.16
C VAL F 148 16.34 2.99 55.39
N ALA F 149 15.68 3.13 56.54
CA ALA F 149 16.10 2.46 57.76
C ALA F 149 14.89 1.79 58.37
N TRP F 150 15.09 0.64 59.00
CA TRP F 150 13.99 -0.13 59.55
C TRP F 150 14.06 -0.10 61.07
N LYS F 151 12.89 -0.07 61.71
CA LYS F 151 12.81 0.11 63.16
C LYS F 151 11.91 -0.97 63.76
N ALA F 152 12.50 -1.85 64.55
CA ALA F 152 11.76 -2.77 65.41
C ALA F 152 11.40 -2.00 66.69
N ASP F 153 10.17 -1.52 66.76
CA ASP F 153 9.79 -0.50 67.74
C ASP F 153 10.70 0.71 67.58
N SER F 154 11.78 0.78 68.35
CA SER F 154 12.80 1.82 68.21
C SER F 154 14.20 1.22 68.27
N SER F 155 14.40 0.10 67.57
CA SER F 155 15.70 -0.57 67.47
C SER F 155 16.11 -0.70 66.00
N PRO F 156 17.37 -0.34 65.64
CA PRO F 156 17.79 -0.36 64.23
C PRO F 156 18.04 -1.78 63.75
N VAL F 157 17.18 -2.26 62.85
CA VAL F 157 17.25 -3.63 62.36
C VAL F 157 17.85 -3.63 60.95
N LYS F 158 19.06 -4.18 60.82
CA LYS F 158 19.85 -4.07 59.60
C LYS F 158 20.11 -5.40 58.92
N ALA F 159 19.58 -6.51 59.45
CA ALA F 159 19.73 -7.82 58.84
C ALA F 159 18.38 -8.26 58.30
N GLY F 160 18.41 -8.97 57.16
CA GLY F 160 17.16 -9.40 56.55
C GLY F 160 16.43 -8.30 55.80
N VAL F 161 17.18 -7.29 55.33
CA VAL F 161 16.62 -6.14 54.63
C VAL F 161 17.04 -6.22 53.17
N GLU F 162 16.07 -6.03 52.27
CA GLU F 162 16.32 -5.99 50.84
C GLU F 162 15.59 -4.76 50.30
N THR F 163 16.33 -3.80 49.79
CA THR F 163 15.75 -2.60 49.20
C THR F 163 16.03 -2.57 47.71
N THR F 164 15.10 -2.00 46.95
CA THR F 164 15.30 -1.85 45.51
C THR F 164 16.01 -0.54 45.18
N THR F 165 16.55 -0.48 43.96
CA THR F 165 16.99 0.79 43.39
C THR F 165 15.79 1.53 42.83
N PRO F 166 15.63 2.82 43.12
CA PRO F 166 14.49 3.55 42.58
C PRO F 166 14.42 3.47 41.06
N SER F 167 13.20 3.30 40.56
CA SER F 167 12.92 3.16 39.14
C SER F 167 11.89 4.20 38.73
N LYS F 168 11.89 4.55 37.44
CA LYS F 168 11.04 5.63 36.96
C LYS F 168 9.66 5.11 36.56
N GLN F 169 8.63 5.79 37.05
CA GLN F 169 7.23 5.50 36.76
C GLN F 169 6.82 6.11 35.42
N SER F 170 5.56 5.85 35.02
CA SER F 170 5.04 6.41 33.77
C SER F 170 4.96 7.93 33.83
N ASN F 171 4.75 8.51 35.02
CA ASN F 171 4.60 9.96 35.19
C ASN F 171 5.95 10.66 35.41
N ASN F 172 7.06 10.00 35.10
CA ASN F 172 8.40 10.55 35.26
C ASN F 172 8.73 10.90 36.71
N LYS F 173 8.19 10.14 37.67
CA LYS F 173 8.66 10.14 39.05
C LYS F 173 9.25 8.77 39.39
N TYR F 174 9.72 8.62 40.62
CA TYR F 174 10.43 7.41 41.04
C TYR F 174 9.61 6.64 42.07
N ALA F 175 9.92 5.34 42.17
CA ALA F 175 9.25 4.43 43.10
C ALA F 175 10.27 3.41 43.62
N ALA F 176 10.08 2.95 44.86
CA ALA F 176 11.01 1.98 45.43
C ALA F 176 10.30 1.19 46.53
N SER F 177 10.90 0.04 46.89
CA SER F 177 10.38 -0.83 47.95
C SER F 177 11.51 -1.33 48.84
N SER F 178 11.18 -1.61 50.09
CA SER F 178 12.11 -2.27 51.00
C SER F 178 11.38 -3.40 51.72
N TYR F 179 12.11 -4.50 51.97
CA TYR F 179 11.57 -5.70 52.60
C TYR F 179 12.43 -6.11 53.80
N LEU F 180 11.83 -6.16 54.98
CA LEU F 180 12.46 -6.77 56.14
C LEU F 180 11.85 -8.15 56.34
N SER F 181 12.70 -9.17 56.44
CA SER F 181 12.24 -10.54 56.65
C SER F 181 12.47 -10.92 58.10
N LEU F 182 11.43 -11.47 58.73
CA LEU F 182 11.48 -11.86 60.12
C LEU F 182 10.81 -13.22 60.30
N THR F 183 11.24 -13.92 61.34
CA THR F 183 10.43 -15.01 61.87
C THR F 183 9.13 -14.45 62.43
N PRO F 184 7.99 -15.14 62.26
CA PRO F 184 6.77 -14.70 62.94
C PRO F 184 6.96 -14.64 64.46
N GLU F 185 8.08 -15.18 64.95
CA GLU F 185 8.60 -15.07 66.31
C GLU F 185 8.81 -13.61 66.70
N GLN F 186 9.78 -12.99 66.02
CA GLN F 186 10.22 -11.62 66.29
C GLN F 186 9.24 -10.58 65.79
N TRP F 187 8.32 -10.96 64.89
CA TRP F 187 7.24 -10.06 64.51
C TRP F 187 6.35 -9.75 65.70
N LYS F 188 6.16 -10.74 66.59
CA LYS F 188 5.31 -10.58 67.76
C LYS F 188 6.05 -10.13 69.02
N SER F 189 7.38 -10.28 69.09
CA SER F 189 8.14 -9.87 70.27
C SER F 189 8.34 -8.36 70.39
N HIS F 190 7.92 -7.58 69.39
CA HIS F 190 8.03 -6.12 69.40
C HIS F 190 6.66 -5.50 69.17
N ARG F 191 6.47 -4.27 69.67
CA ARG F 191 5.14 -3.68 69.70
C ARG F 191 4.68 -3.18 68.34
N SER F 192 5.63 -2.86 67.45
CA SER F 192 5.39 -2.21 66.17
C SER F 192 6.72 -2.27 65.43
N TYR F 193 6.64 -2.35 64.11
CA TYR F 193 7.83 -2.22 63.29
C TYR F 193 7.64 -1.00 62.40
N SER F 194 8.75 -0.32 62.09
CA SER F 194 8.68 0.93 61.34
C SER F 194 9.77 1.03 60.29
N CYS F 195 9.39 1.61 59.15
CA CYS F 195 10.27 1.79 57.99
C CYS F 195 10.41 3.29 57.75
N GLN F 196 11.65 3.79 57.74
CA GLN F 196 11.92 5.22 57.76
C GLN F 196 12.60 5.62 56.46
N VAL F 197 11.88 6.38 55.63
CA VAL F 197 12.31 6.72 54.28
C VAL F 197 12.76 8.18 54.31
N THR F 198 14.06 8.41 54.21
CA THR F 198 14.65 9.75 54.23
C THR F 198 14.96 10.16 52.81
N HIS F 199 14.43 11.31 52.39
CA HIS F 199 14.58 11.79 51.02
C HIS F 199 14.91 13.27 51.06
N GLU F 200 16.14 13.61 50.65
CA GLU F 200 16.65 14.98 50.66
C GLU F 200 16.52 15.61 52.04
N GLY F 201 17.07 14.90 53.03
CA GLY F 201 17.07 15.43 54.38
C GLY F 201 15.73 15.44 55.09
N SER F 202 14.66 14.96 54.44
CA SER F 202 13.32 14.95 55.02
C SER F 202 12.83 13.50 55.14
N THR F 203 12.37 13.13 56.34
CA THR F 203 12.05 11.73 56.69
C THR F 203 10.55 11.52 56.77
N VAL F 204 10.02 10.62 55.93
CA VAL F 204 8.64 10.15 56.03
C VAL F 204 8.64 8.81 56.75
N GLU F 205 7.58 8.54 57.51
CA GLU F 205 7.50 7.31 58.28
C GLU F 205 6.07 6.78 58.32
N LYS F 206 5.97 5.45 58.39
CA LYS F 206 4.71 4.76 58.62
C LYS F 206 5.01 3.55 59.51
N THR F 207 3.99 3.10 60.23
CA THR F 207 4.18 2.09 61.27
C THR F 207 3.03 1.08 61.24
N VAL F 208 3.37 -0.18 61.55
CA VAL F 208 2.39 -1.23 61.77
C VAL F 208 2.79 -2.00 63.04
N ALA F 209 1.82 -2.74 63.59
CA ALA F 209 1.95 -3.43 64.87
C ALA F 209 1.40 -4.85 64.77
N PRO F 210 1.90 -5.79 65.59
CA PRO F 210 1.39 -7.17 65.55
C PRO F 210 -0.09 -7.31 65.89
N THR F 211 -0.73 -6.27 66.43
CA THR F 211 -2.16 -6.31 66.80
C THR F 211 -3.10 -6.50 65.61
#